data_1ODL
#
_entry.id   1ODL
#
_cell.length_a   132.002
_cell.length_b   132.002
_cell.length_c   170.145
_cell.angle_alpha   90.00
_cell.angle_beta   90.00
_cell.angle_gamma   90.00
#
_symmetry.space_group_name_H-M   'P 43 21 2'
#
loop_
_entity.id
_entity.type
_entity.pdbx_description
1 polymer 'PURINE NUCLEOSIDE PHOSPHORYLASE'
2 non-polymer 'SULFATE ION'
3 non-polymer GLYCEROL
4 non-polymer 'CHLORIDE ION'
5 water water
#
_entity_poly.entity_id   1
_entity_poly.type   'polypeptide(L)'
_entity_poly.pdbx_seq_one_letter_code
;MSPIHVRAHPGDVAERVLLPGDPGRAEWIAKTFLQNPRRYNDHRGLWGYTGLYKGVPVSVQTTGMGTPSAAIVVEELVRL
GARVLVRVGTAGAASSDLAPGELIVAQGAVPLDGTTRQYLEGRPYAPVPDPEVFRALWRRAEALGYPHRVGLVASEDAFY
ATTPEEARAWARYGVLAFEMEASALFLLGRMRGVRTGAILAVSNRIGDPELAPPEVLQEGVRRMVEVALEAVLEV
;
_entity_poly.pdbx_strand_id   A,B,C,D,E,F
#
# COMPACT_ATOMS: atom_id res chain seq x y z
N SER A 2 32.98 10.73 -17.63
CA SER A 2 31.82 10.69 -18.57
C SER A 2 30.72 9.79 -18.02
N PRO A 3 29.45 10.21 -18.15
CA PRO A 3 28.32 9.41 -17.65
C PRO A 3 28.30 8.02 -18.28
N ILE A 4 27.68 7.07 -17.58
CA ILE A 4 27.58 5.70 -18.03
C ILE A 4 26.79 5.49 -19.32
N HIS A 5 25.63 6.13 -19.43
CA HIS A 5 24.78 5.98 -20.61
C HIS A 5 24.91 7.10 -21.64
N VAL A 6 24.96 8.33 -21.18
CA VAL A 6 25.13 9.44 -22.10
C VAL A 6 26.61 9.76 -21.98
N ARG A 7 27.40 9.09 -22.81
CA ARG A 7 28.85 9.23 -22.81
C ARG A 7 29.37 10.52 -23.44
N ALA A 8 29.16 11.62 -22.72
CA ALA A 8 29.59 12.93 -23.19
C ALA A 8 30.25 13.70 -22.04
N HIS A 9 30.68 14.93 -22.33
CA HIS A 9 31.32 15.77 -21.33
C HIS A 9 30.50 17.04 -21.13
N PRO A 10 30.59 17.66 -19.95
CA PRO A 10 29.84 18.89 -19.65
C PRO A 10 29.85 19.89 -20.81
N GLY A 11 31.05 20.17 -21.31
CA GLY A 11 31.20 21.11 -22.40
C GLY A 11 30.48 20.75 -23.69
N ASP A 12 29.98 19.53 -23.80
CA ASP A 12 29.26 19.12 -25.00
C ASP A 12 27.78 19.50 -24.89
N VAL A 13 27.29 19.62 -23.67
CA VAL A 13 25.88 19.90 -23.39
C VAL A 13 25.56 21.32 -22.93
N ALA A 14 24.55 21.92 -23.56
CA ALA A 14 24.13 23.28 -23.23
C ALA A 14 23.31 23.25 -21.94
N GLU A 15 23.00 24.42 -21.40
CA GLU A 15 22.21 24.50 -20.18
C GLU A 15 20.74 24.26 -20.48
N ARG A 16 20.33 24.61 -21.68
CA ARG A 16 18.94 24.44 -22.12
C ARG A 16 18.89 23.19 -22.97
N VAL A 17 18.03 22.24 -22.57
CA VAL A 17 17.91 20.97 -23.26
C VAL A 17 16.46 20.58 -23.54
N LEU A 18 16.20 20.08 -24.75
CA LEU A 18 14.86 19.62 -25.10
C LEU A 18 14.98 18.10 -24.97
N LEU A 19 13.97 17.47 -24.40
CA LEU A 19 13.99 16.04 -24.20
C LEU A 19 12.94 15.22 -24.93
N PRO A 20 13.22 14.85 -26.19
CA PRO A 20 12.24 14.04 -26.93
C PRO A 20 12.48 12.58 -26.55
N GLY A 21 11.44 11.75 -26.60
CA GLY A 21 11.62 10.34 -26.24
C GLY A 21 12.17 9.51 -27.39
N ASP A 22 11.83 9.92 -28.61
CA ASP A 22 12.24 9.24 -29.83
C ASP A 22 13.51 9.85 -30.44
N PRO A 23 14.55 9.03 -30.69
CA PRO A 23 15.80 9.52 -31.27
C PRO A 23 15.57 10.09 -32.67
N GLY A 24 14.56 9.59 -33.36
CA GLY A 24 14.25 10.09 -34.69
C GLY A 24 13.80 11.54 -34.65
N ARG A 25 13.01 11.88 -33.63
CA ARG A 25 12.52 13.24 -33.49
C ARG A 25 13.65 14.16 -33.05
N ALA A 26 14.56 13.62 -32.24
CA ALA A 26 15.70 14.40 -31.76
C ALA A 26 16.52 14.82 -32.99
N GLU A 27 16.80 13.85 -33.86
CA GLU A 27 17.55 14.14 -35.07
C GLU A 27 16.79 15.13 -35.94
N TRP A 28 15.47 14.95 -36.05
CA TRP A 28 14.65 15.84 -36.87
C TRP A 28 14.65 17.26 -36.30
N ILE A 29 14.61 17.37 -34.97
CA ILE A 29 14.61 18.68 -34.32
C ILE A 29 15.93 19.41 -34.57
N ALA A 30 17.04 18.73 -34.37
CA ALA A 30 18.36 19.33 -34.56
C ALA A 30 18.54 19.86 -35.97
N LYS A 31 18.21 19.04 -36.95
CA LYS A 31 18.36 19.43 -38.35
C LYS A 31 17.37 20.47 -38.82
N THR A 32 16.15 20.39 -38.30
CA THR A 32 15.10 21.32 -38.70
C THR A 32 15.18 22.68 -38.00
N PHE A 33 15.42 22.68 -36.70
CA PHE A 33 15.45 23.93 -35.93
C PHE A 33 16.79 24.50 -35.48
N LEU A 34 17.80 23.66 -35.31
CA LEU A 34 19.08 24.15 -34.82
C LEU A 34 20.11 24.56 -35.86
N GLN A 35 20.98 25.48 -35.46
CA GLN A 35 22.06 25.96 -36.31
C GLN A 35 23.31 25.20 -35.93
N ASN A 36 24.03 24.71 -36.94
CA ASN A 36 25.25 23.97 -36.70
C ASN A 36 25.09 22.89 -35.64
N PRO A 37 24.09 22.02 -35.80
CA PRO A 37 23.91 20.97 -34.79
C PRO A 37 24.96 19.87 -34.92
N ARG A 38 25.43 19.38 -33.78
CA ARG A 38 26.43 18.32 -33.76
C ARG A 38 25.99 17.24 -32.77
N ARG A 39 26.10 15.98 -33.18
CA ARG A 39 25.71 14.85 -32.32
C ARG A 39 26.84 14.49 -31.37
N TYR A 40 26.63 14.73 -30.08
CA TYR A 40 27.67 14.43 -29.09
C TYR A 40 27.57 13.02 -28.52
N ASN A 41 26.45 12.35 -28.74
CA ASN A 41 26.27 10.99 -28.25
C ASN A 41 25.34 10.14 -29.09
N ASP A 42 25.70 8.87 -29.21
CA ASP A 42 24.86 7.90 -29.92
C ASP A 42 24.91 6.57 -29.19
N HIS A 43 25.57 6.54 -28.04
CA HIS A 43 25.66 5.34 -27.23
C HIS A 43 24.25 4.93 -26.81
N ARG A 44 23.96 3.63 -26.93
CA ARG A 44 22.66 3.08 -26.57
C ARG A 44 21.50 3.65 -27.40
N GLY A 45 21.83 4.38 -28.45
CA GLY A 45 20.79 4.97 -29.28
C GLY A 45 20.20 6.23 -28.67
N LEU A 46 20.78 6.71 -27.59
CA LEU A 46 20.29 7.91 -26.93
C LEU A 46 20.89 9.13 -27.64
N TRP A 47 20.54 9.30 -28.91
CA TRP A 47 21.06 10.41 -29.71
C TRP A 47 20.87 11.76 -29.05
N GLY A 48 21.98 12.49 -28.90
CA GLY A 48 21.95 13.81 -28.29
C GLY A 48 22.73 14.78 -29.17
N TYR A 49 22.13 15.94 -29.42
CA TYR A 49 22.75 16.97 -30.26
C TYR A 49 22.82 18.32 -29.56
N THR A 50 23.77 19.14 -29.98
CA THR A 50 23.92 20.47 -29.44
C THR A 50 24.12 21.40 -30.63
N GLY A 51 23.38 22.50 -30.63
CA GLY A 51 23.48 23.45 -31.72
C GLY A 51 23.08 24.81 -31.19
N LEU A 52 22.61 25.69 -32.07
CA LEU A 52 22.21 27.02 -31.66
C LEU A 52 20.83 27.38 -32.18
N TYR A 53 20.05 28.05 -31.35
CA TYR A 53 18.72 28.50 -31.73
C TYR A 53 18.74 30.00 -31.47
N LYS A 54 18.68 30.78 -32.55
CA LYS A 54 18.70 32.23 -32.46
C LYS A 54 19.89 32.71 -31.62
N GLY A 55 21.01 32.00 -31.75
CA GLY A 55 22.23 32.35 -31.04
C GLY A 55 22.43 31.77 -29.65
N VAL A 56 21.41 31.12 -29.12
CA VAL A 56 21.51 30.51 -27.80
C VAL A 56 21.72 29.01 -27.92
N PRO A 57 22.73 28.47 -27.23
CA PRO A 57 22.97 27.02 -27.32
C PRO A 57 21.82 26.20 -26.76
N VAL A 58 21.41 25.18 -27.50
CA VAL A 58 20.32 24.31 -27.08
C VAL A 58 20.65 22.88 -27.44
N SER A 59 20.49 21.97 -26.47
CA SER A 59 20.73 20.56 -26.71
C SER A 59 19.40 19.82 -26.85
N VAL A 60 19.39 18.78 -27.68
CA VAL A 60 18.21 17.93 -27.91
C VAL A 60 18.69 16.52 -27.57
N GLN A 61 18.29 16.03 -26.39
CA GLN A 61 18.72 14.71 -25.93
C GLN A 61 17.61 13.66 -25.85
N THR A 62 17.84 12.55 -26.52
CA THR A 62 16.89 11.43 -26.53
C THR A 62 16.79 10.83 -25.12
N THR A 63 15.58 10.60 -24.64
CA THR A 63 15.39 10.02 -23.32
C THR A 63 15.02 8.55 -23.36
N GLY A 64 14.48 8.10 -24.48
CA GLY A 64 14.05 6.73 -24.58
C GLY A 64 12.64 6.72 -23.99
N MET A 65 11.95 5.58 -24.04
CA MET A 65 10.60 5.48 -23.51
C MET A 65 10.55 4.98 -22.06
N GLY A 66 9.71 5.62 -21.23
CA GLY A 66 9.58 5.21 -19.85
C GLY A 66 10.41 6.06 -18.90
N THR A 67 9.88 6.25 -17.69
CA THR A 67 10.55 7.06 -16.67
C THR A 67 11.90 6.49 -16.24
N PRO A 68 12.04 5.15 -16.24
CA PRO A 68 13.33 4.58 -15.83
C PRO A 68 14.44 5.02 -16.78
N SER A 69 14.12 5.03 -18.08
CA SER A 69 15.06 5.44 -19.10
C SER A 69 15.27 6.95 -19.06
N ALA A 70 14.18 7.69 -18.91
CA ALA A 70 14.25 9.15 -18.86
C ALA A 70 14.99 9.63 -17.62
N ALA A 71 14.76 8.95 -16.49
CA ALA A 71 15.41 9.30 -15.23
C ALA A 71 16.92 9.15 -15.33
N ILE A 72 17.35 8.09 -16.00
CA ILE A 72 18.78 7.85 -16.20
C ILE A 72 19.36 9.00 -17.01
N VAL A 73 18.69 9.33 -18.11
CA VAL A 73 19.17 10.39 -18.97
C VAL A 73 19.18 11.75 -18.25
N VAL A 74 18.08 12.08 -17.57
CA VAL A 74 17.98 13.35 -16.85
C VAL A 74 19.07 13.47 -15.76
N GLU A 75 19.29 12.41 -14.99
CA GLU A 75 20.31 12.43 -13.95
C GLU A 75 21.68 12.73 -14.54
N GLU A 76 22.02 12.07 -15.65
CA GLU A 76 23.31 12.26 -16.27
C GLU A 76 23.44 13.64 -16.94
N LEU A 77 22.33 14.20 -17.36
CA LEU A 77 22.35 15.52 -17.98
C LEU A 77 22.62 16.58 -16.92
N VAL A 78 21.98 16.44 -15.75
CA VAL A 78 22.19 17.40 -14.69
C VAL A 78 23.67 17.36 -14.34
N ARG A 79 24.26 16.16 -14.34
CA ARG A 79 25.66 16.01 -14.05
C ARG A 79 26.49 16.68 -15.14
N LEU A 80 25.93 16.72 -16.35
CA LEU A 80 26.62 17.33 -17.49
C LEU A 80 26.45 18.85 -17.58
N GLY A 81 25.63 19.42 -16.70
CA GLY A 81 25.43 20.86 -16.71
C GLY A 81 24.09 21.39 -17.15
N ALA A 82 23.14 20.51 -17.39
CA ALA A 82 21.81 20.95 -17.83
C ALA A 82 21.16 21.72 -16.68
N ARG A 83 20.53 22.85 -17.01
CA ARG A 83 19.88 23.70 -16.02
C ARG A 83 18.38 23.87 -16.30
N VAL A 84 18.02 23.80 -17.58
CA VAL A 84 16.64 23.94 -18.02
C VAL A 84 16.33 22.78 -18.97
N LEU A 85 15.42 21.91 -18.55
CA LEU A 85 15.08 20.74 -19.36
C LEU A 85 13.59 20.66 -19.66
N VAL A 86 13.24 20.70 -20.94
CA VAL A 86 11.85 20.62 -21.35
C VAL A 86 11.56 19.42 -22.24
N ARG A 87 10.64 18.56 -21.78
CA ARG A 87 10.28 17.41 -22.56
C ARG A 87 9.36 17.80 -23.70
N VAL A 88 9.67 17.31 -24.89
CA VAL A 88 8.86 17.54 -26.07
C VAL A 88 8.52 16.14 -26.57
N GLY A 89 7.30 15.69 -26.30
CA GLY A 89 6.93 14.35 -26.73
C GLY A 89 5.49 14.23 -27.19
N THR A 90 4.99 13.00 -27.22
CA THR A 90 3.61 12.74 -27.63
C THR A 90 2.85 12.08 -26.50
N ALA A 91 1.53 12.05 -26.62
CA ALA A 91 0.69 11.44 -25.60
C ALA A 91 -0.63 10.98 -26.20
N GLY A 92 -1.25 10.00 -25.54
CA GLY A 92 -2.53 9.48 -26.00
C GLY A 92 -3.63 10.15 -25.22
N ALA A 93 -4.61 10.73 -25.92
CA ALA A 93 -5.74 11.42 -25.30
C ALA A 93 -6.56 10.52 -24.39
N ALA A 94 -6.89 11.02 -23.20
CA ALA A 94 -7.65 10.27 -22.21
C ALA A 94 -9.17 10.34 -22.42
N SER A 95 -9.61 11.25 -23.29
CA SER A 95 -11.02 11.40 -23.58
C SER A 95 -11.22 11.69 -25.07
N SER A 96 -12.44 11.46 -25.57
CA SER A 96 -12.73 11.68 -26.98
C SER A 96 -12.70 13.13 -27.45
N ASP A 97 -12.59 14.09 -26.53
CA ASP A 97 -12.58 15.51 -26.90
C ASP A 97 -11.23 16.11 -27.33
N LEU A 98 -10.13 15.49 -26.94
CA LEU A 98 -8.80 15.98 -27.32
C LEU A 98 -8.46 15.37 -28.68
N ALA A 99 -8.24 16.23 -29.68
CA ALA A 99 -7.90 15.74 -31.01
C ALA A 99 -6.40 15.68 -31.27
N PRO A 100 -5.95 14.71 -32.07
CA PRO A 100 -4.53 14.56 -32.39
C PRO A 100 -3.97 15.85 -33.00
N GLY A 101 -2.74 16.17 -32.66
CA GLY A 101 -2.13 17.39 -33.16
C GLY A 101 -2.20 18.51 -32.14
N GLU A 102 -3.19 18.45 -31.24
CA GLU A 102 -3.34 19.47 -30.22
C GLU A 102 -2.15 19.46 -29.25
N LEU A 103 -1.79 20.64 -28.75
CA LEU A 103 -0.67 20.77 -27.82
C LEU A 103 -1.16 20.78 -26.37
N ILE A 104 -0.32 20.24 -25.48
CA ILE A 104 -0.66 20.21 -24.06
C ILE A 104 0.54 20.69 -23.25
N VAL A 105 0.35 21.77 -22.52
CA VAL A 105 1.40 22.28 -21.64
C VAL A 105 1.09 21.59 -20.32
N ALA A 106 1.96 20.68 -19.93
CA ALA A 106 1.79 19.90 -18.71
C ALA A 106 1.94 20.71 -17.43
N GLN A 107 0.80 20.97 -16.78
CA GLN A 107 0.78 21.72 -15.53
C GLN A 107 1.21 20.79 -14.40
N GLY A 108 1.01 19.49 -14.61
CA GLY A 108 1.38 18.49 -13.62
C GLY A 108 1.37 17.11 -14.23
N ALA A 109 1.86 16.11 -13.47
CA ALA A 109 1.90 14.75 -13.97
C ALA A 109 1.53 13.73 -12.90
N VAL A 110 0.39 13.06 -13.07
CA VAL A 110 -0.03 12.05 -12.12
C VAL A 110 1.04 10.96 -12.18
N PRO A 111 1.66 10.65 -11.03
CA PRO A 111 2.72 9.63 -10.95
C PRO A 111 2.24 8.18 -10.90
N LEU A 112 1.94 7.61 -12.06
CA LEU A 112 1.49 6.22 -12.10
C LEU A 112 2.68 5.32 -12.44
N ASP A 113 3.89 5.84 -12.26
CA ASP A 113 5.10 5.09 -12.58
C ASP A 113 5.88 4.66 -11.34
N GLY A 114 6.72 3.64 -11.51
CA GLY A 114 7.53 3.14 -10.41
C GLY A 114 8.83 3.90 -10.16
N THR A 115 9.32 4.62 -11.15
CA THR A 115 10.56 5.37 -10.97
C THR A 115 10.38 6.42 -9.87
N THR A 116 9.35 7.24 -9.99
CA THR A 116 9.09 8.26 -8.99
C THR A 116 8.82 7.56 -7.65
N ARG A 117 8.08 6.46 -7.71
CA ARG A 117 7.76 5.70 -6.52
C ARG A 117 9.03 5.26 -5.78
N GLN A 118 10.03 4.77 -6.53
CA GLN A 118 11.28 4.34 -5.91
C GLN A 118 12.01 5.52 -5.28
N TYR A 119 12.15 6.61 -6.01
CA TYR A 119 12.81 7.80 -5.48
C TYR A 119 12.11 8.34 -4.24
N LEU A 120 10.78 8.27 -4.24
CA LEU A 120 9.96 8.79 -3.14
C LEU A 120 9.73 7.77 -2.02
N GLU A 121 10.31 6.59 -2.18
CA GLU A 121 10.17 5.55 -1.19
C GLU A 121 8.69 5.34 -0.90
N GLY A 122 7.90 5.34 -1.97
CA GLY A 122 6.48 5.10 -1.89
C GLY A 122 5.57 6.21 -1.37
N ARG A 123 6.12 7.36 -1.02
CA ARG A 123 5.29 8.44 -0.50
C ARG A 123 4.54 9.22 -1.57
N PRO A 124 3.41 9.84 -1.18
CA PRO A 124 2.62 10.62 -2.12
C PRO A 124 3.44 11.80 -2.62
N TYR A 125 3.03 12.36 -3.75
CA TYR A 125 3.75 13.49 -4.32
C TYR A 125 2.93 14.10 -5.44
N ALA A 126 3.27 15.35 -5.78
CA ALA A 126 2.58 16.06 -6.85
C ALA A 126 3.64 16.54 -7.83
N PRO A 127 3.97 15.73 -8.85
CA PRO A 127 4.98 16.09 -9.85
C PRO A 127 4.57 17.32 -10.66
N VAL A 128 5.31 18.41 -10.49
CA VAL A 128 5.03 19.64 -11.21
C VAL A 128 6.28 20.21 -11.84
N PRO A 129 6.14 20.93 -12.96
CA PRO A 129 7.30 21.51 -13.61
C PRO A 129 7.77 22.73 -12.82
N ASP A 130 8.88 23.31 -13.23
CA ASP A 130 9.35 24.53 -12.58
C ASP A 130 8.31 25.57 -12.98
N PRO A 131 7.83 26.38 -12.03
CA PRO A 131 6.84 27.40 -12.38
C PRO A 131 7.19 28.36 -13.50
N GLU A 132 8.40 28.91 -13.48
CA GLU A 132 8.77 29.85 -14.53
C GLU A 132 8.76 29.20 -15.90
N VAL A 133 9.29 27.97 -16.01
CA VAL A 133 9.30 27.26 -17.29
C VAL A 133 7.86 26.98 -17.75
N PHE A 134 7.03 26.57 -16.81
CA PHE A 134 5.63 26.26 -17.10
C PHE A 134 4.98 27.51 -17.71
N ARG A 135 5.20 28.63 -17.05
CA ARG A 135 4.67 29.92 -17.46
C ARG A 135 5.14 30.32 -18.86
N ALA A 136 6.44 30.19 -19.11
CA ALA A 136 7.02 30.54 -20.41
C ALA A 136 6.41 29.68 -21.53
N LEU A 137 6.29 28.38 -21.28
CA LEU A 137 5.70 27.49 -22.27
C LEU A 137 4.29 27.95 -22.61
N TRP A 138 3.53 28.29 -21.57
CA TRP A 138 2.16 28.75 -21.74
C TRP A 138 2.14 30.06 -22.54
N ARG A 139 2.99 31.01 -22.15
CA ARG A 139 3.06 32.30 -22.82
C ARG A 139 3.44 32.18 -24.30
N ARG A 140 4.52 31.45 -24.57
CA ARG A 140 4.97 31.26 -25.95
C ARG A 140 3.85 30.67 -26.80
N ALA A 141 3.13 29.69 -26.26
CA ALA A 141 2.05 29.08 -27.01
C ALA A 141 1.06 30.17 -27.43
N GLU A 142 0.83 31.13 -26.53
CA GLU A 142 -0.07 32.25 -26.80
C GLU A 142 0.56 33.22 -27.80
N ALA A 143 1.83 33.55 -27.59
CA ALA A 143 2.53 34.46 -28.48
C ALA A 143 2.54 33.91 -29.91
N LEU A 144 2.69 32.60 -30.04
CA LEU A 144 2.73 31.96 -31.36
C LEU A 144 1.34 31.68 -31.89
N GLY A 145 0.33 31.86 -31.04
CA GLY A 145 -1.04 31.62 -31.46
C GLY A 145 -1.34 30.19 -31.87
N TYR A 146 -0.81 29.23 -31.13
CA TYR A 146 -1.03 27.82 -31.42
C TYR A 146 -2.03 27.21 -30.45
N PRO A 147 -3.17 26.69 -30.96
CA PRO A 147 -4.17 26.08 -30.08
C PRO A 147 -3.51 25.10 -29.09
N HIS A 148 -3.86 25.23 -27.82
CA HIS A 148 -3.26 24.38 -26.80
C HIS A 148 -4.13 24.18 -25.58
N ARG A 149 -3.86 23.11 -24.85
CA ARG A 149 -4.55 22.81 -23.62
C ARG A 149 -3.51 22.99 -22.52
N VAL A 150 -3.96 23.23 -21.30
CA VAL A 150 -3.05 23.38 -20.17
C VAL A 150 -3.65 22.58 -19.02
N GLY A 151 -2.90 21.59 -18.53
CA GLY A 151 -3.41 20.79 -17.43
C GLY A 151 -2.57 19.58 -17.12
N LEU A 152 -3.21 18.58 -16.53
CA LEU A 152 -2.52 17.36 -16.13
C LEU A 152 -2.38 16.29 -17.20
N VAL A 153 -1.32 15.51 -17.06
CA VAL A 153 -1.09 14.37 -17.91
C VAL A 153 -0.83 13.30 -16.89
N ALA A 154 -0.83 12.05 -17.33
CA ALA A 154 -0.57 10.95 -16.42
C ALA A 154 0.62 10.20 -17.00
N SER A 155 1.63 9.97 -16.17
CA SER A 155 2.82 9.24 -16.59
C SER A 155 2.66 7.78 -16.16
N GLU A 156 2.56 6.89 -17.13
CA GLU A 156 2.38 5.45 -16.87
C GLU A 156 3.59 4.59 -17.24
N ASP A 157 3.61 3.37 -16.72
CA ASP A 157 4.67 2.41 -16.98
C ASP A 157 4.22 1.33 -17.97
N ALA A 158 3.01 0.82 -17.79
CA ALA A 158 2.51 -0.24 -18.67
C ALA A 158 1.65 0.30 -19.81
N PHE A 159 2.30 0.63 -20.92
CA PHE A 159 1.63 1.18 -22.09
C PHE A 159 0.43 0.33 -22.51
N TYR A 160 0.63 -0.99 -22.59
CA TYR A 160 -0.43 -1.89 -23.01
C TYR A 160 -1.38 -2.41 -21.95
N ALA A 161 -1.31 -1.86 -20.74
CA ALA A 161 -2.20 -2.31 -19.68
C ALA A 161 -3.40 -1.37 -19.57
N THR A 162 -3.17 -0.10 -19.85
CA THR A 162 -4.22 0.90 -19.76
C THR A 162 -5.30 0.73 -20.83
N THR A 163 -6.51 0.45 -20.38
CA THR A 163 -7.63 0.28 -21.30
C THR A 163 -8.31 1.63 -21.50
N PRO A 164 -8.99 1.84 -22.64
CA PRO A 164 -9.67 3.10 -22.92
C PRO A 164 -10.64 3.51 -21.82
N GLU A 165 -11.29 2.54 -21.19
CA GLU A 165 -12.22 2.82 -20.11
C GLU A 165 -11.50 3.43 -18.92
N GLU A 166 -10.35 2.85 -18.57
CA GLU A 166 -9.54 3.33 -17.45
C GLU A 166 -9.04 4.75 -17.73
N ALA A 167 -8.63 5.00 -18.98
CA ALA A 167 -8.14 6.31 -19.37
C ALA A 167 -9.21 7.36 -19.15
N ARG A 168 -10.43 7.03 -19.57
CA ARG A 168 -11.55 7.94 -19.44
C ARG A 168 -11.93 8.17 -17.98
N ALA A 169 -11.79 7.13 -17.17
CA ALA A 169 -12.09 7.28 -15.75
C ALA A 169 -11.14 8.36 -15.18
N TRP A 170 -9.88 8.31 -15.60
CA TRP A 170 -8.88 9.28 -15.15
C TRP A 170 -9.16 10.68 -15.67
N ALA A 171 -9.78 10.78 -16.84
CA ALA A 171 -10.12 12.06 -17.42
C ALA A 171 -11.08 12.82 -16.51
N ARG A 172 -11.93 12.07 -15.80
CA ARG A 172 -12.90 12.67 -14.91
C ARG A 172 -12.19 13.36 -13.75
N TYR A 173 -10.92 12.99 -13.55
CA TYR A 173 -10.12 13.57 -12.48
C TYR A 173 -9.16 14.63 -12.98
N GLY A 174 -9.31 15.03 -14.25
CA GLY A 174 -8.47 16.07 -14.80
C GLY A 174 -7.36 15.65 -15.74
N VAL A 175 -7.16 14.33 -15.91
CA VAL A 175 -6.10 13.85 -16.79
C VAL A 175 -6.47 14.04 -18.25
N LEU A 176 -5.68 14.84 -18.95
CA LEU A 176 -5.94 15.12 -20.35
C LEU A 176 -5.41 14.02 -21.26
N ALA A 177 -4.26 13.45 -20.91
CA ALA A 177 -3.65 12.40 -21.73
C ALA A 177 -2.56 11.65 -20.97
N PHE A 178 -2.18 10.49 -21.51
CA PHE A 178 -1.15 9.64 -20.93
C PHE A 178 0.16 9.68 -21.71
N GLU A 179 1.27 9.63 -20.98
CA GLU A 179 2.59 9.61 -21.57
C GLU A 179 3.49 8.83 -20.61
N MET A 180 4.77 8.72 -20.91
CA MET A 180 5.64 7.90 -20.06
C MET A 180 6.94 8.50 -19.54
N GLU A 181 6.96 9.80 -19.23
CA GLU A 181 8.20 10.40 -18.78
C GLU A 181 8.10 11.59 -17.84
N ALA A 182 7.05 12.38 -18.01
CA ALA A 182 6.88 13.61 -17.24
C ALA A 182 7.06 13.58 -15.73
N SER A 183 6.35 12.68 -15.05
CA SER A 183 6.44 12.61 -13.60
C SER A 183 7.88 12.58 -13.08
N ALA A 184 8.72 11.73 -13.65
CA ALA A 184 10.11 11.61 -13.21
C ALA A 184 10.93 12.86 -13.47
N LEU A 185 10.67 13.50 -14.61
CA LEU A 185 11.38 14.72 -14.98
C LEU A 185 11.09 15.82 -13.97
N PHE A 186 9.82 15.97 -13.61
CA PHE A 186 9.40 17.01 -12.67
C PHE A 186 9.99 16.77 -11.28
N LEU A 187 9.87 15.54 -10.78
CA LEU A 187 10.41 15.18 -9.47
C LEU A 187 11.93 15.46 -9.41
N LEU A 188 12.68 14.96 -10.39
CA LEU A 188 14.11 15.18 -10.41
C LEU A 188 14.44 16.67 -10.51
N GLY A 189 13.54 17.43 -11.11
CA GLY A 189 13.77 18.85 -11.24
C GLY A 189 13.89 19.45 -9.87
N ARG A 190 12.96 19.10 -8.99
CA ARG A 190 12.95 19.61 -7.63
C ARG A 190 14.07 18.97 -6.81
N MET A 191 14.32 17.68 -7.04
CA MET A 191 15.36 16.98 -6.29
C MET A 191 16.78 17.46 -6.60
N ARG A 192 17.03 17.79 -7.87
CA ARG A 192 18.35 18.22 -8.27
C ARG A 192 18.52 19.74 -8.38
N GLY A 193 17.42 20.47 -8.19
CA GLY A 193 17.49 21.91 -8.26
C GLY A 193 17.62 22.51 -9.65
N VAL A 194 16.95 21.91 -10.62
CA VAL A 194 16.99 22.42 -11.99
C VAL A 194 15.57 22.74 -12.45
N ARG A 195 15.45 23.47 -13.55
CA ARG A 195 14.14 23.85 -14.08
C ARG A 195 13.69 22.89 -15.16
N THR A 196 12.45 22.42 -15.05
CA THR A 196 11.92 21.49 -16.02
C THR A 196 10.52 21.87 -16.47
N GLY A 197 10.10 21.26 -17.57
CA GLY A 197 8.79 21.51 -18.11
C GLY A 197 8.51 20.48 -19.17
N ALA A 198 7.27 20.39 -19.61
CA ALA A 198 6.90 19.42 -20.63
C ALA A 198 5.72 19.93 -21.45
N ILE A 199 5.81 19.73 -22.75
CA ILE A 199 4.76 20.11 -23.66
C ILE A 199 4.57 18.88 -24.53
N LEU A 200 3.33 18.56 -24.85
CA LEU A 200 3.07 17.36 -25.63
C LEU A 200 2.16 17.58 -26.84
N ALA A 201 2.27 16.68 -27.81
CA ALA A 201 1.45 16.73 -29.00
C ALA A 201 0.64 15.45 -28.99
N VAL A 202 -0.68 15.57 -29.01
CA VAL A 202 -1.54 14.40 -29.01
C VAL A 202 -1.34 13.63 -30.32
N SER A 203 -0.97 12.35 -30.22
CA SER A 203 -0.75 11.55 -31.40
C SER A 203 -1.87 10.55 -31.64
N ASN A 204 -2.78 10.43 -30.69
CA ASN A 204 -3.89 9.49 -30.80
C ASN A 204 -4.80 9.53 -29.58
N ARG A 205 -6.03 9.07 -29.76
CA ARG A 205 -6.98 9.00 -28.65
C ARG A 205 -6.79 7.57 -28.14
N ILE A 206 -6.28 7.43 -26.92
CA ILE A 206 -6.03 6.11 -26.35
C ILE A 206 -6.98 5.00 -26.79
N GLY A 207 -6.40 3.88 -27.21
CA GLY A 207 -7.16 2.74 -27.67
C GLY A 207 -6.98 2.46 -29.14
N ASP A 208 -6.40 3.43 -29.86
CA ASP A 208 -6.19 3.30 -31.29
C ASP A 208 -5.07 2.33 -31.63
N PRO A 209 -5.28 1.50 -32.66
CA PRO A 209 -4.30 0.50 -33.11
C PRO A 209 -3.07 1.17 -33.70
N GLU A 210 -3.24 2.37 -34.25
CA GLU A 210 -2.13 3.11 -34.85
C GLU A 210 -2.18 4.58 -34.48
N LEU A 211 -1.13 5.31 -34.82
CA LEU A 211 -1.06 6.75 -34.53
C LEU A 211 -1.76 7.52 -35.63
N ALA A 212 -1.94 8.82 -35.42
CA ALA A 212 -2.60 9.69 -36.40
C ALA A 212 -1.76 9.85 -37.67
N PRO A 213 -2.40 10.29 -38.77
CA PRO A 213 -1.70 10.48 -40.05
C PRO A 213 -0.59 11.52 -39.94
N PRO A 214 0.60 11.19 -40.46
CA PRO A 214 1.82 12.02 -40.45
C PRO A 214 1.66 13.54 -40.48
N GLU A 215 1.05 14.08 -41.52
CA GLU A 215 0.90 15.52 -41.63
C GLU A 215 0.20 16.15 -40.43
N VAL A 216 -0.89 15.55 -39.96
CA VAL A 216 -1.61 16.08 -38.82
C VAL A 216 -0.70 16.11 -37.60
N LEU A 217 -0.03 14.99 -37.35
CA LEU A 217 0.85 14.86 -36.21
C LEU A 217 2.16 15.65 -36.34
N GLN A 218 2.67 15.75 -37.55
CA GLN A 218 3.92 16.47 -37.77
C GLN A 218 3.77 17.97 -37.53
N GLU A 219 2.66 18.55 -37.98
CA GLU A 219 2.44 19.97 -37.77
C GLU A 219 2.37 20.26 -36.26
N GLY A 220 1.70 19.37 -35.54
CA GLY A 220 1.58 19.53 -34.11
C GLY A 220 2.95 19.43 -33.46
N VAL A 221 3.71 18.42 -33.86
CA VAL A 221 5.05 18.23 -33.33
C VAL A 221 5.93 19.44 -33.65
N ARG A 222 5.80 19.97 -34.87
CA ARG A 222 6.60 21.14 -35.26
C ARG A 222 6.24 22.33 -34.39
N ARG A 223 4.95 22.47 -34.07
CA ARG A 223 4.47 23.57 -33.25
C ARG A 223 4.93 23.44 -31.80
N MET A 224 4.85 22.22 -31.29
CA MET A 224 5.27 21.92 -29.93
C MET A 224 6.73 22.30 -29.75
N VAL A 225 7.55 21.92 -30.72
CA VAL A 225 8.97 22.20 -30.67
C VAL A 225 9.30 23.69 -30.70
N GLU A 226 8.59 24.42 -31.56
CA GLU A 226 8.81 25.85 -31.67
C GLU A 226 8.45 26.53 -30.35
N VAL A 227 7.35 26.12 -29.74
CA VAL A 227 6.94 26.70 -28.47
C VAL A 227 8.05 26.44 -27.43
N ALA A 228 8.53 25.21 -27.38
CA ALA A 228 9.58 24.81 -26.43
C ALA A 228 10.88 25.59 -26.59
N LEU A 229 11.36 25.73 -27.82
CA LEU A 229 12.60 26.46 -28.09
C LEU A 229 12.49 27.92 -27.68
N GLU A 230 11.36 28.53 -28.01
CA GLU A 230 11.12 29.92 -27.67
C GLU A 230 11.04 30.06 -26.15
N ALA A 231 10.46 29.07 -25.50
CA ALA A 231 10.30 29.09 -24.05
C ALA A 231 11.61 28.95 -23.27
N VAL A 232 12.49 28.06 -23.72
CA VAL A 232 13.75 27.89 -22.99
C VAL A 232 14.64 29.14 -23.07
N LEU A 233 14.42 29.95 -24.10
CA LEU A 233 15.22 31.18 -24.23
C LEU A 233 14.64 32.23 -23.29
N GLU A 234 13.42 31.99 -22.82
CA GLU A 234 12.75 32.91 -21.92
C GLU A 234 13.25 32.76 -20.49
N VAL A 235 13.91 31.64 -20.20
CA VAL A 235 14.41 31.40 -18.85
C VAL A 235 15.92 31.19 -18.81
N SER B 2 0.79 -2.86 -38.66
CA SER B 2 2.13 -2.95 -38.00
C SER B 2 2.11 -2.35 -36.60
N PRO B 3 2.90 -2.94 -35.68
CA PRO B 3 2.96 -2.43 -34.30
C PRO B 3 3.36 -0.96 -34.28
N ILE B 4 2.97 -0.26 -33.23
CA ILE B 4 3.27 1.15 -33.07
C ILE B 4 4.76 1.47 -32.99
N HIS B 5 5.48 0.73 -32.14
CA HIS B 5 6.90 0.99 -31.92
C HIS B 5 7.86 0.13 -32.74
N VAL B 6 7.74 -1.18 -32.65
CA VAL B 6 8.59 -2.04 -33.46
C VAL B 6 7.81 -2.19 -34.76
N ARG B 7 8.13 -1.33 -35.72
CA ARG B 7 7.45 -1.32 -37.02
C ARG B 7 7.91 -2.39 -38.00
N ALA B 8 7.58 -3.63 -37.69
CA ALA B 8 7.93 -4.76 -38.53
C ALA B 8 6.67 -5.51 -38.93
N HIS B 9 6.84 -6.64 -39.60
CA HIS B 9 5.72 -7.46 -40.04
C HIS B 9 5.96 -8.89 -39.59
N PRO B 10 4.90 -9.60 -39.17
CA PRO B 10 4.99 -10.99 -38.70
C PRO B 10 6.05 -11.84 -39.38
N GLY B 11 6.22 -11.70 -40.69
CA GLY B 11 7.22 -12.47 -41.41
C GLY B 11 8.66 -12.06 -41.13
N ASP B 12 8.84 -10.91 -40.48
CA ASP B 12 10.17 -10.40 -40.16
C ASP B 12 10.78 -11.03 -38.91
N VAL B 13 9.94 -11.32 -37.93
CA VAL B 13 10.42 -11.88 -36.67
C VAL B 13 10.37 -13.40 -36.56
N ALA B 14 11.47 -13.98 -36.07
CA ALA B 14 11.53 -15.43 -35.88
C ALA B 14 10.89 -15.80 -34.54
N GLU B 15 10.61 -17.08 -34.36
CA GLU B 15 10.01 -17.54 -33.12
C GLU B 15 10.98 -17.39 -31.97
N ARG B 16 12.28 -17.45 -32.29
CA ARG B 16 13.32 -17.33 -31.29
C ARG B 16 13.95 -15.93 -31.37
N VAL B 17 13.98 -15.24 -30.23
CA VAL B 17 14.49 -13.88 -30.16
C VAL B 17 15.42 -13.63 -28.98
N LEU B 18 16.53 -12.94 -29.21
CA LEU B 18 17.42 -12.56 -28.12
C LEU B 18 17.04 -11.10 -27.85
N LEU B 19 16.99 -10.69 -26.57
CA LEU B 19 16.61 -9.33 -26.22
C LEU B 19 17.64 -8.49 -25.48
N PRO B 20 18.56 -7.86 -26.22
CA PRO B 20 19.58 -7.02 -25.56
C PRO B 20 18.91 -5.66 -25.32
N GLY B 21 19.33 -4.95 -24.28
CA GLY B 21 18.71 -3.66 -24.03
C GLY B 21 19.33 -2.55 -24.86
N ASP B 22 20.60 -2.72 -25.19
CA ASP B 22 21.40 -1.77 -25.96
C ASP B 22 21.41 -2.07 -27.48
N PRO B 23 20.93 -1.12 -28.31
CA PRO B 23 20.89 -1.32 -29.77
C PRO B 23 22.26 -1.61 -30.39
N GLY B 24 23.32 -1.13 -29.75
CA GLY B 24 24.66 -1.38 -30.25
C GLY B 24 25.03 -2.84 -30.08
N ARG B 25 24.55 -3.46 -29.00
CA ARG B 25 24.84 -4.87 -28.77
C ARG B 25 23.99 -5.73 -29.71
N ALA B 26 22.78 -5.28 -30.00
CA ALA B 26 21.90 -5.99 -30.91
C ALA B 26 22.58 -6.11 -32.26
N GLU B 27 23.14 -4.99 -32.74
CA GLU B 27 23.82 -5.01 -34.03
C GLU B 27 25.05 -5.90 -33.99
N TRP B 28 25.84 -5.78 -32.93
CA TRP B 28 27.05 -6.60 -32.78
C TRP B 28 26.67 -8.07 -32.83
N ILE B 29 25.62 -8.45 -32.13
CA ILE B 29 25.17 -9.84 -32.11
C ILE B 29 24.79 -10.33 -33.51
N ALA B 30 23.99 -9.53 -34.21
CA ALA B 30 23.53 -9.90 -35.54
C ALA B 30 24.70 -10.16 -36.49
N LYS B 31 25.67 -9.27 -36.51
CA LYS B 31 26.81 -9.40 -37.39
C LYS B 31 27.84 -10.43 -36.93
N THR B 32 28.00 -10.59 -35.63
CA THR B 32 28.97 -11.55 -35.11
C THR B 32 28.49 -13.00 -35.11
N PHE B 33 27.21 -13.24 -34.84
CA PHE B 33 26.71 -14.61 -34.78
C PHE B 33 25.73 -15.09 -35.85
N LEU B 34 25.05 -14.18 -36.53
CA LEU B 34 24.06 -14.61 -37.52
C LEU B 34 24.49 -14.63 -38.98
N GLN B 35 23.84 -15.50 -39.73
CA GLN B 35 24.08 -15.63 -41.16
C GLN B 35 22.97 -14.83 -41.81
N ASN B 36 23.30 -14.08 -42.87
CA ASN B 36 22.31 -13.29 -43.59
C ASN B 36 21.45 -12.42 -42.67
N PRO B 37 22.07 -11.59 -41.82
CA PRO B 37 21.29 -10.74 -40.92
C PRO B 37 20.69 -9.58 -41.71
N ARG B 38 19.43 -9.25 -41.42
CA ARG B 38 18.78 -8.13 -42.10
C ARG B 38 18.03 -7.34 -41.02
N ARG B 39 18.23 -6.03 -40.98
CA ARG B 39 17.53 -5.21 -39.99
C ARG B 39 16.09 -5.00 -40.44
N TYR B 40 15.13 -5.42 -39.62
CA TYR B 40 13.72 -5.27 -39.95
C TYR B 40 13.10 -4.04 -39.32
N ASN B 41 13.81 -3.40 -38.40
CA ASN B 41 13.28 -2.20 -37.74
C ASN B 41 14.35 -1.32 -37.12
N ASP B 42 14.19 -0.02 -37.27
CA ASP B 42 15.12 0.91 -36.64
C ASP B 42 14.32 2.10 -36.07
N HIS B 43 13.00 2.05 -36.20
CA HIS B 43 12.14 3.10 -35.67
C HIS B 43 12.38 3.24 -34.17
N ARG B 44 12.43 4.48 -33.69
CA ARG B 44 12.68 4.77 -32.27
C ARG B 44 13.97 4.15 -31.78
N GLY B 45 14.90 3.91 -32.71
CA GLY B 45 16.17 3.33 -32.35
C GLY B 45 16.08 1.92 -31.75
N LEU B 46 14.96 1.26 -31.98
CA LEU B 46 14.77 -0.09 -31.45
C LEU B 46 15.22 -1.11 -32.50
N TRP B 47 16.50 -1.05 -32.83
CA TRP B 47 17.10 -1.93 -33.83
C TRP B 47 16.74 -3.40 -33.63
N GLY B 48 16.16 -3.98 -34.67
CA GLY B 48 15.76 -5.38 -34.64
C GLY B 48 16.30 -6.08 -35.86
N TYR B 49 16.90 -7.24 -35.65
CA TYR B 49 17.49 -8.00 -36.75
C TYR B 49 17.03 -9.46 -36.74
N THR B 50 17.06 -10.07 -37.92
CA THR B 50 16.69 -11.46 -38.04
C THR B 50 17.69 -12.15 -38.96
N GLY B 51 18.16 -13.31 -38.52
CA GLY B 51 19.12 -14.07 -39.30
C GLY B 51 19.05 -15.55 -38.96
N LEU B 52 20.07 -16.29 -39.35
CA LEU B 52 20.11 -17.72 -39.09
C LEU B 52 21.30 -18.05 -38.19
N TYR B 53 21.05 -18.93 -37.22
CA TYR B 53 22.09 -19.38 -36.31
C TYR B 53 22.09 -20.88 -36.39
N LYS B 54 23.15 -21.43 -36.97
CA LYS B 54 23.29 -22.87 -37.13
C LYS B 54 22.06 -23.46 -37.83
N GLY B 55 21.59 -22.74 -38.85
CA GLY B 55 20.44 -23.17 -39.63
C GLY B 55 19.07 -22.84 -39.08
N VAL B 56 19.03 -22.24 -37.90
CA VAL B 56 17.76 -21.88 -37.27
C VAL B 56 17.51 -20.37 -37.24
N PRO B 57 16.30 -19.94 -37.62
CA PRO B 57 15.98 -18.51 -37.62
C PRO B 57 16.03 -17.90 -36.21
N VAL B 58 16.75 -16.80 -36.06
CA VAL B 58 16.87 -16.12 -34.78
C VAL B 58 16.82 -14.60 -34.98
N SER B 59 16.02 -13.93 -34.16
CA SER B 59 15.91 -12.48 -34.23
C SER B 59 16.62 -11.88 -33.01
N VAL B 60 17.07 -10.64 -33.14
CA VAL B 60 17.74 -9.92 -32.06
C VAL B 60 17.04 -8.58 -31.98
N GLN B 61 16.29 -8.34 -30.91
CA GLN B 61 15.53 -7.10 -30.76
C GLN B 61 15.89 -6.23 -29.56
N THR B 62 16.25 -4.98 -29.86
CA THR B 62 16.59 -4.00 -28.84
C THR B 62 15.34 -3.71 -28.00
N THR B 63 15.48 -3.66 -26.68
CA THR B 63 14.34 -3.41 -25.81
C THR B 63 14.35 -2.00 -25.20
N GLY B 64 15.51 -1.36 -25.23
CA GLY B 64 15.64 -0.05 -24.61
C GLY B 64 15.89 -0.35 -23.14
N MET B 65 16.00 0.68 -22.31
CA MET B 65 16.25 0.49 -20.88
C MET B 65 14.98 0.67 -20.07
N GLY B 66 14.76 -0.23 -19.12
CA GLY B 66 13.59 -0.14 -18.26
C GLY B 66 12.45 -1.06 -18.65
N THR B 67 11.65 -1.48 -17.67
CA THR B 67 10.53 -2.36 -17.94
C THR B 67 9.43 -1.74 -18.81
N PRO B 68 9.22 -0.42 -18.71
CA PRO B 68 8.16 0.15 -19.55
C PRO B 68 8.52 -0.02 -21.02
N SER B 69 9.77 0.29 -21.34
CA SER B 69 10.27 0.18 -22.70
C SER B 69 10.29 -1.28 -23.14
N ALA B 70 10.80 -2.16 -22.27
CA ALA B 70 10.87 -3.58 -22.61
C ALA B 70 9.49 -4.24 -22.74
N ALA B 71 8.51 -3.78 -21.97
CA ALA B 71 7.18 -4.37 -22.05
C ALA B 71 6.55 -4.05 -23.39
N ILE B 72 6.77 -2.82 -23.86
CA ILE B 72 6.24 -2.39 -25.13
C ILE B 72 6.78 -3.28 -26.26
N VAL B 73 8.10 -3.53 -26.22
CA VAL B 73 8.76 -4.36 -27.23
C VAL B 73 8.32 -5.81 -27.16
N VAL B 74 8.26 -6.35 -25.95
CA VAL B 74 7.85 -7.73 -25.75
C VAL B 74 6.42 -7.95 -26.24
N GLU B 75 5.51 -7.06 -25.84
CA GLU B 75 4.11 -7.16 -26.24
C GLU B 75 3.97 -7.15 -27.77
N GLU B 76 4.72 -6.27 -28.44
CA GLU B 76 4.64 -6.19 -29.89
C GLU B 76 5.36 -7.38 -30.53
N LEU B 77 6.40 -7.87 -29.88
CA LEU B 77 7.14 -9.03 -30.40
C LEU B 77 6.24 -10.26 -30.44
N VAL B 78 5.47 -10.46 -29.37
CA VAL B 78 4.55 -11.59 -29.30
C VAL B 78 3.54 -11.46 -30.44
N ARG B 79 3.06 -10.25 -30.67
CA ARG B 79 2.11 -10.02 -31.75
C ARG B 79 2.75 -10.38 -33.09
N LEU B 80 4.02 -10.05 -33.25
CA LEU B 80 4.75 -10.34 -34.48
C LEU B 80 5.14 -11.82 -34.60
N GLY B 81 4.78 -12.62 -33.61
CA GLY B 81 5.09 -14.05 -33.68
C GLY B 81 6.21 -14.62 -32.82
N ALA B 82 6.82 -13.81 -31.95
CA ALA B 82 7.88 -14.34 -31.09
C ALA B 82 7.28 -15.37 -30.13
N ARG B 83 8.00 -16.46 -29.87
CA ARG B 83 7.52 -17.53 -29.00
C ARG B 83 8.52 -17.87 -27.90
N VAL B 84 9.80 -17.64 -28.17
CA VAL B 84 10.86 -17.88 -27.20
C VAL B 84 11.68 -16.60 -27.18
N LEU B 85 11.67 -15.91 -26.04
CA LEU B 85 12.40 -14.66 -25.92
C LEU B 85 13.36 -14.67 -24.75
N VAL B 86 14.65 -14.48 -25.04
CA VAL B 86 15.67 -14.49 -23.99
C VAL B 86 16.43 -13.17 -23.89
N ARG B 87 16.33 -12.53 -22.74
CA ARG B 87 17.03 -11.28 -22.51
C ARG B 87 18.51 -11.55 -22.27
N VAL B 88 19.35 -10.74 -22.92
CA VAL B 88 20.79 -10.83 -22.76
C VAL B 88 21.24 -9.43 -22.35
N GLY B 89 21.35 -9.22 -21.04
CA GLY B 89 21.73 -7.91 -20.58
C GLY B 89 22.88 -7.83 -19.60
N THR B 90 23.00 -6.68 -18.96
CA THR B 90 24.03 -6.42 -17.98
C THR B 90 23.37 -6.12 -16.65
N ALA B 91 24.12 -6.28 -15.56
CA ALA B 91 23.59 -6.04 -14.24
C ALA B 91 24.65 -5.53 -13.28
N GLY B 92 24.20 -4.86 -12.23
CA GLY B 92 25.10 -4.32 -11.22
C GLY B 92 25.13 -5.26 -10.03
N ALA B 93 26.31 -5.75 -9.69
CA ALA B 93 26.48 -6.66 -8.57
C ALA B 93 26.02 -6.07 -7.24
N ALA B 94 25.26 -6.85 -6.47
CA ALA B 94 24.75 -6.41 -5.18
C ALA B 94 25.70 -6.82 -4.06
N SER B 95 26.84 -7.38 -4.42
CA SER B 95 27.85 -7.82 -3.46
C SER B 95 29.21 -7.98 -4.13
N SER B 96 30.27 -7.89 -3.32
CA SER B 96 31.62 -8.05 -3.84
C SER B 96 31.86 -9.50 -4.24
N ASP B 97 30.92 -10.37 -3.88
CA ASP B 97 30.99 -11.77 -4.20
C ASP B 97 31.06 -11.97 -5.72
N LEU B 98 30.28 -11.18 -6.45
CA LEU B 98 30.24 -11.25 -7.90
C LEU B 98 31.30 -10.36 -8.51
N ALA B 99 31.96 -10.87 -9.55
CA ALA B 99 32.99 -10.11 -10.24
C ALA B 99 32.49 -9.73 -11.62
N PRO B 100 32.93 -8.57 -12.14
CA PRO B 100 32.50 -8.13 -13.46
C PRO B 100 32.85 -9.18 -14.51
N GLY B 101 31.93 -9.44 -15.43
CA GLY B 101 32.16 -10.43 -16.47
C GLY B 101 31.45 -11.74 -16.17
N GLU B 102 31.18 -12.00 -14.90
CA GLU B 102 30.51 -13.23 -14.52
C GLU B 102 29.06 -13.22 -15.02
N LEU B 103 28.53 -14.41 -15.29
CA LEU B 103 27.16 -14.52 -15.79
C LEU B 103 26.18 -14.89 -14.70
N ILE B 104 24.92 -14.50 -14.91
CA ILE B 104 23.87 -14.83 -13.98
C ILE B 104 22.69 -15.34 -14.78
N VAL B 105 22.24 -16.55 -14.49
CA VAL B 105 21.06 -17.12 -15.15
C VAL B 105 19.95 -16.76 -14.16
N ALA B 106 19.13 -15.78 -14.53
CA ALA B 106 18.05 -15.33 -13.66
C ALA B 106 17.00 -16.39 -13.35
N GLN B 107 16.99 -16.85 -12.11
CA GLN B 107 16.04 -17.85 -11.65
C GLN B 107 14.69 -17.19 -11.41
N GLY B 108 14.75 -15.92 -11.01
CA GLY B 108 13.54 -15.15 -10.76
C GLY B 108 13.96 -13.69 -10.72
N ALA B 109 13.00 -12.78 -10.69
CA ALA B 109 13.34 -11.37 -10.64
C ALA B 109 12.45 -10.63 -9.66
N VAL B 110 13.05 -10.06 -8.62
CA VAL B 110 12.30 -9.30 -7.64
C VAL B 110 11.73 -8.10 -8.38
N PRO B 111 10.38 -7.93 -8.34
CA PRO B 111 9.69 -6.83 -9.01
C PRO B 111 9.68 -5.50 -8.26
N LEU B 112 10.76 -4.73 -8.41
CA LEU B 112 10.84 -3.43 -7.76
C LEU B 112 10.47 -2.34 -8.77
N ASP B 113 9.85 -2.75 -9.88
CA ASP B 113 9.44 -1.84 -10.95
C ASP B 113 7.93 -1.61 -10.99
N GLY B 114 7.51 -0.52 -11.65
CA GLY B 114 6.10 -0.18 -11.73
C GLY B 114 5.35 -0.78 -12.92
N THR B 115 6.07 -1.36 -13.87
CA THR B 115 5.40 -1.95 -15.02
C THR B 115 4.68 -3.23 -14.60
N THR B 116 5.39 -4.13 -13.93
CA THR B 116 4.76 -5.38 -13.48
C THR B 116 3.64 -4.99 -12.52
N ARG B 117 3.89 -3.96 -11.71
CA ARG B 117 2.91 -3.50 -10.74
C ARG B 117 1.60 -3.08 -11.40
N GLN B 118 1.70 -2.31 -12.48
CA GLN B 118 0.52 -1.84 -13.19
C GLN B 118 -0.24 -3.02 -13.80
N TYR B 119 0.48 -3.93 -14.45
CA TYR B 119 -0.13 -5.11 -15.05
C TYR B 119 -0.84 -5.96 -13.98
N LEU B 120 -0.23 -6.03 -12.80
CA LEU B 120 -0.74 -6.82 -11.69
C LEU B 120 -1.74 -6.10 -10.81
N GLU B 121 -1.98 -4.82 -11.09
CA GLU B 121 -2.90 -4.02 -10.30
C GLU B 121 -2.46 -3.97 -8.84
N GLY B 122 -1.15 -3.97 -8.62
CA GLY B 122 -0.59 -3.90 -7.28
C GLY B 122 -0.52 -5.19 -6.48
N ARG B 123 -0.98 -6.29 -7.06
CA ARG B 123 -0.93 -7.56 -6.34
C ARG B 123 0.45 -8.19 -6.30
N PRO B 124 0.72 -9.03 -5.28
CA PRO B 124 2.03 -9.70 -5.15
C PRO B 124 2.29 -10.62 -6.35
N TYR B 125 3.55 -10.98 -6.56
CA TYR B 125 3.89 -11.86 -7.67
C TYR B 125 5.34 -12.32 -7.58
N ALA B 126 5.62 -13.44 -8.24
CA ALA B 126 6.97 -14.00 -8.25
C ALA B 126 7.37 -14.17 -9.70
N PRO B 127 7.94 -13.12 -10.32
CA PRO B 127 8.38 -13.16 -11.72
C PRO B 127 9.43 -14.23 -11.93
N VAL B 128 9.11 -15.23 -12.75
CA VAL B 128 10.05 -16.31 -13.05
C VAL B 128 10.04 -16.59 -14.55
N PRO B 129 11.16 -17.08 -15.10
CA PRO B 129 11.24 -17.39 -16.52
C PRO B 129 10.52 -18.69 -16.84
N ASP B 130 10.42 -19.01 -18.12
CA ASP B 130 9.79 -20.27 -18.51
C ASP B 130 10.74 -21.35 -17.95
N PRO B 131 10.20 -22.37 -17.25
CA PRO B 131 11.08 -23.40 -16.70
C PRO B 131 12.01 -24.09 -17.70
N GLU B 132 11.50 -24.39 -18.90
CA GLU B 132 12.32 -25.04 -19.91
C GLU B 132 13.48 -24.14 -20.34
N VAL B 133 13.16 -22.89 -20.69
CA VAL B 133 14.18 -21.94 -21.11
C VAL B 133 15.24 -21.77 -20.02
N PHE B 134 14.77 -21.59 -18.78
CA PHE B 134 15.65 -21.42 -17.63
C PHE B 134 16.64 -22.59 -17.56
N ARG B 135 16.10 -23.80 -17.58
CA ARG B 135 16.90 -25.01 -17.52
C ARG B 135 17.95 -25.07 -18.62
N ALA B 136 17.55 -24.73 -19.85
CA ALA B 136 18.46 -24.75 -20.99
C ALA B 136 19.57 -23.72 -20.87
N LEU B 137 19.26 -22.55 -20.31
CA LEU B 137 20.27 -21.51 -20.13
C LEU B 137 21.30 -21.99 -19.09
N TRP B 138 20.81 -22.65 -18.05
CA TRP B 138 21.68 -23.16 -17.00
C TRP B 138 22.58 -24.26 -17.60
N ARG B 139 21.97 -25.21 -18.29
CA ARG B 139 22.70 -26.30 -18.94
C ARG B 139 23.84 -25.82 -19.83
N ARG B 140 23.52 -24.90 -20.74
CA ARG B 140 24.52 -24.36 -21.65
C ARG B 140 25.65 -23.63 -20.92
N ALA B 141 25.31 -22.85 -19.91
CA ALA B 141 26.32 -22.12 -19.14
C ALA B 141 27.29 -23.14 -18.53
N GLU B 142 26.75 -24.23 -17.99
CA GLU B 142 27.57 -25.27 -17.38
C GLU B 142 28.45 -25.91 -18.44
N ALA B 143 27.82 -26.41 -19.48
CA ALA B 143 28.52 -27.08 -20.57
C ALA B 143 29.70 -26.25 -21.06
N LEU B 144 29.46 -24.99 -21.36
CA LEU B 144 30.51 -24.11 -21.86
C LEU B 144 31.59 -23.78 -20.83
N GLY B 145 31.28 -23.98 -19.55
CA GLY B 145 32.25 -23.71 -18.50
C GLY B 145 32.53 -22.26 -18.16
N TYR B 146 31.64 -21.35 -18.52
CA TYR B 146 31.85 -19.94 -18.21
C TYR B 146 31.38 -19.63 -16.77
N PRO B 147 32.21 -18.93 -15.99
CA PRO B 147 31.86 -18.59 -14.61
C PRO B 147 30.47 -17.96 -14.53
N HIS B 148 29.59 -18.56 -13.72
CA HIS B 148 28.22 -18.08 -13.60
C HIS B 148 27.60 -18.38 -12.25
N ARG B 149 26.45 -17.75 -12.00
CA ARG B 149 25.68 -17.94 -10.79
C ARG B 149 24.25 -18.17 -11.25
N VAL B 150 23.45 -18.86 -10.44
CA VAL B 150 22.06 -19.10 -10.80
C VAL B 150 21.23 -18.65 -9.60
N GLY B 151 20.39 -17.63 -9.82
CA GLY B 151 19.57 -17.13 -8.74
C GLY B 151 18.78 -15.87 -9.06
N LEU B 152 18.43 -15.15 -8.00
CA LEU B 152 17.64 -13.93 -8.11
C LEU B 152 18.34 -12.66 -8.53
N VAL B 153 17.65 -11.87 -9.34
CA VAL B 153 18.13 -10.57 -9.74
C VAL B 153 17.00 -9.68 -9.24
N ALA B 154 17.17 -8.37 -9.29
CA ALA B 154 16.13 -7.44 -8.88
C ALA B 154 15.93 -6.46 -10.04
N SER B 155 14.70 -6.34 -10.52
CA SER B 155 14.40 -5.41 -11.60
C SER B 155 13.93 -4.10 -10.98
N GLU B 156 14.70 -3.04 -11.16
CA GLU B 156 14.38 -1.74 -10.58
C GLU B 156 14.06 -0.68 -11.65
N ASP B 157 13.47 0.43 -11.22
CA ASP B 157 13.11 1.54 -12.10
C ASP B 157 14.08 2.72 -11.98
N ALA B 158 14.47 3.04 -10.75
CA ALA B 158 15.38 4.16 -10.49
C ALA B 158 16.83 3.72 -10.31
N PHE B 159 17.54 3.67 -11.42
CA PHE B 159 18.94 3.28 -11.49
C PHE B 159 19.82 4.03 -10.50
N TYR B 160 19.65 5.35 -10.43
CA TYR B 160 20.46 6.17 -9.54
C TYR B 160 19.91 6.36 -8.13
N ALA B 161 18.92 5.57 -7.76
CA ALA B 161 18.34 5.67 -6.42
C ALA B 161 18.94 4.64 -5.46
N THR B 162 19.28 3.48 -6.00
CA THR B 162 19.81 2.39 -5.17
C THR B 162 21.21 2.61 -4.61
N THR B 163 21.31 2.65 -3.29
CA THR B 163 22.58 2.85 -2.61
C THR B 163 23.28 1.52 -2.36
N PRO B 164 24.60 1.56 -2.08
CA PRO B 164 25.35 0.34 -1.81
C PRO B 164 24.80 -0.35 -0.57
N GLU B 165 24.28 0.46 0.36
CA GLU B 165 23.73 -0.09 1.59
C GLU B 165 22.44 -0.85 1.29
N GLU B 166 21.63 -0.32 0.38
CA GLU B 166 20.38 -0.98 0.03
C GLU B 166 20.71 -2.24 -0.76
N ALA B 167 21.76 -2.19 -1.56
CA ALA B 167 22.16 -3.34 -2.35
C ALA B 167 22.60 -4.48 -1.42
N ARG B 168 23.41 -4.14 -0.41
CA ARG B 168 23.88 -5.15 0.53
C ARG B 168 22.69 -5.80 1.25
N ALA B 169 21.74 -4.98 1.64
CA ALA B 169 20.54 -5.46 2.33
C ALA B 169 19.81 -6.50 1.47
N TRP B 170 19.60 -6.17 0.20
CA TRP B 170 18.92 -7.08 -0.72
C TRP B 170 19.67 -8.38 -0.93
N ALA B 171 21.00 -8.29 -1.01
CA ALA B 171 21.83 -9.48 -1.21
C ALA B 171 21.57 -10.47 -0.07
N ARG B 172 21.23 -9.95 1.10
CA ARG B 172 20.96 -10.81 2.25
C ARG B 172 19.67 -11.61 2.03
N TYR B 173 18.86 -11.17 1.06
CA TYR B 173 17.62 -11.87 0.74
C TYR B 173 17.75 -12.71 -0.53
N GLY B 174 18.98 -12.87 -1.01
CA GLY B 174 19.21 -13.67 -2.20
C GLY B 174 19.40 -12.93 -3.52
N VAL B 175 19.29 -11.61 -3.50
CA VAL B 175 19.47 -10.85 -4.74
C VAL B 175 20.96 -10.80 -5.07
N LEU B 176 21.31 -11.25 -6.27
CA LEU B 176 22.69 -11.27 -6.71
C LEU B 176 23.10 -9.98 -7.41
N ALA B 177 22.13 -9.35 -8.07
CA ALA B 177 22.42 -8.12 -8.80
C ALA B 177 21.14 -7.42 -9.21
N PHE B 178 21.28 -6.18 -9.65
CA PHE B 178 20.16 -5.37 -10.12
C PHE B 178 20.25 -5.16 -11.62
N GLU B 179 19.08 -5.07 -12.25
CA GLU B 179 19.00 -4.82 -13.69
C GLU B 179 17.65 -4.13 -13.88
N MET B 180 17.23 -3.91 -15.12
CA MET B 180 15.99 -3.15 -15.31
C MET B 180 14.99 -3.67 -16.34
N GLU B 181 14.87 -4.99 -16.49
CA GLU B 181 13.93 -5.50 -17.49
C GLU B 181 13.31 -6.87 -17.23
N ALA B 182 14.05 -7.74 -16.56
CA ALA B 182 13.61 -9.11 -16.30
C ALA B 182 12.19 -9.34 -15.79
N SER B 183 11.82 -8.67 -14.69
CA SER B 183 10.50 -8.86 -14.09
C SER B 183 9.32 -8.76 -15.06
N ALA B 184 9.31 -7.75 -15.92
CA ALA B 184 8.22 -7.57 -16.88
C ALA B 184 8.24 -8.63 -17.99
N LEU B 185 9.43 -9.06 -18.39
CA LEU B 185 9.57 -10.08 -19.43
C LEU B 185 8.96 -11.37 -18.92
N PHE B 186 9.35 -11.74 -17.69
CA PHE B 186 8.86 -12.95 -17.04
C PHE B 186 7.35 -12.91 -16.88
N LEU B 187 6.83 -11.78 -16.40
CA LEU B 187 5.40 -11.63 -16.21
C LEU B 187 4.67 -11.80 -17.54
N LEU B 188 5.11 -11.07 -18.56
CA LEU B 188 4.47 -11.16 -19.87
C LEU B 188 4.57 -12.56 -20.47
N GLY B 189 5.65 -13.28 -20.13
CA GLY B 189 5.81 -14.62 -20.64
C GLY B 189 4.61 -15.46 -20.24
N ARG B 190 4.27 -15.41 -18.95
CA ARG B 190 3.12 -16.16 -18.44
C ARG B 190 1.79 -15.60 -18.96
N MET B 191 1.61 -14.28 -18.88
CA MET B 191 0.38 -13.65 -19.36
C MET B 191 0.08 -13.91 -20.83
N ARG B 192 1.11 -13.86 -21.66
CA ARG B 192 0.93 -14.05 -23.09
C ARG B 192 1.16 -15.48 -23.55
N GLY B 193 1.53 -16.35 -22.62
CA GLY B 193 1.77 -17.75 -22.96
C GLY B 193 2.97 -18.03 -23.86
N VAL B 194 4.08 -17.35 -23.61
CA VAL B 194 5.28 -17.58 -24.40
C VAL B 194 6.41 -17.91 -23.45
N ARG B 195 7.49 -18.49 -23.96
CA ARG B 195 8.62 -18.87 -23.13
C ARG B 195 9.65 -17.76 -23.06
N THR B 196 10.05 -17.40 -21.84
CA THR B 196 11.02 -16.34 -21.64
C THR B 196 12.14 -16.78 -20.72
N GLY B 197 13.24 -16.07 -20.79
CA GLY B 197 14.39 -16.37 -19.96
C GLY B 197 15.28 -15.15 -19.92
N ALA B 198 16.25 -15.16 -19.02
CA ALA B 198 17.15 -14.02 -18.93
C ALA B 198 18.50 -14.43 -18.38
N ILE B 199 19.55 -13.96 -19.04
CA ILE B 199 20.91 -14.21 -18.61
C ILE B 199 21.59 -12.85 -18.62
N LEU B 200 22.40 -12.59 -17.58
CA LEU B 200 23.07 -11.30 -17.46
C LEU B 200 24.55 -11.41 -17.22
N ALA B 201 25.28 -10.38 -17.65
CA ALA B 201 26.73 -10.33 -17.42
C ALA B 201 26.96 -9.17 -16.46
N VAL B 202 27.63 -9.44 -15.34
CA VAL B 202 27.91 -8.41 -14.36
C VAL B 202 28.85 -7.37 -14.96
N SER B 203 28.38 -6.13 -15.06
CA SER B 203 29.19 -5.07 -15.62
C SER B 203 29.77 -4.13 -14.58
N ASN B 204 29.38 -4.30 -13.31
CA ASN B 204 29.88 -3.43 -12.25
C ASN B 204 29.23 -3.76 -10.92
N ARG B 205 29.59 -3.02 -9.88
CA ARG B 205 29.03 -3.20 -8.55
C ARG B 205 28.29 -1.93 -8.15
N ILE B 206 27.10 -2.08 -7.58
CA ILE B 206 26.31 -0.92 -7.16
C ILE B 206 27.19 0.08 -6.44
N GLY B 207 27.07 1.35 -6.83
CA GLY B 207 27.88 2.39 -6.21
C GLY B 207 29.03 2.84 -7.11
N ASP B 208 29.53 1.93 -7.93
CA ASP B 208 30.63 2.25 -8.84
C ASP B 208 30.23 3.36 -9.83
N PRO B 209 31.11 4.35 -10.01
CA PRO B 209 30.87 5.47 -10.93
C PRO B 209 30.97 5.08 -12.40
N GLU B 210 31.64 3.97 -12.68
CA GLU B 210 31.82 3.50 -14.05
C GLU B 210 31.73 1.99 -14.17
N LEU B 211 31.63 1.50 -15.41
CA LEU B 211 31.55 0.07 -15.67
C LEU B 211 32.94 -0.54 -15.77
N ALA B 212 33.02 -1.84 -15.55
CA ALA B 212 34.30 -2.56 -15.62
C ALA B 212 35.01 -2.29 -16.95
N PRO B 213 36.28 -2.68 -17.06
CA PRO B 213 37.05 -2.45 -18.28
C PRO B 213 36.32 -3.04 -19.49
N PRO B 214 36.25 -2.27 -20.59
CA PRO B 214 35.56 -2.75 -21.79
C PRO B 214 36.00 -4.15 -22.22
N GLU B 215 37.26 -4.48 -21.96
CA GLU B 215 37.77 -5.80 -22.31
C GLU B 215 36.94 -6.82 -21.55
N VAL B 216 36.92 -6.65 -20.24
CA VAL B 216 36.17 -7.52 -19.32
C VAL B 216 34.72 -7.66 -19.75
N LEU B 217 34.06 -6.51 -19.89
CA LEU B 217 32.66 -6.45 -20.27
C LEU B 217 32.35 -7.21 -21.57
N GLN B 218 33.10 -6.93 -22.62
CA GLN B 218 32.87 -7.58 -23.90
C GLN B 218 33.02 -9.09 -23.87
N GLU B 219 33.99 -9.61 -23.12
CA GLU B 219 34.15 -11.06 -23.04
C GLU B 219 32.94 -11.67 -22.35
N GLY B 220 32.41 -10.94 -21.36
CA GLY B 220 31.25 -11.42 -20.63
C GLY B 220 30.02 -11.45 -21.52
N VAL B 221 29.89 -10.43 -22.35
CA VAL B 221 28.77 -10.31 -23.29
C VAL B 221 28.82 -11.44 -24.31
N ARG B 222 30.01 -11.69 -24.86
CA ARG B 222 30.18 -12.74 -25.85
C ARG B 222 29.75 -14.09 -25.28
N ARG B 223 30.18 -14.38 -24.05
CA ARG B 223 29.84 -15.64 -23.41
C ARG B 223 28.34 -15.75 -23.22
N MET B 224 27.76 -14.68 -22.70
CA MET B 224 26.33 -14.63 -22.44
C MET B 224 25.50 -14.90 -23.69
N VAL B 225 25.87 -14.26 -24.80
CA VAL B 225 25.14 -14.42 -26.05
C VAL B 225 25.25 -15.83 -26.63
N GLU B 226 26.43 -16.42 -26.48
CA GLU B 226 26.67 -17.77 -26.97
C GLU B 226 25.80 -18.74 -26.20
N VAL B 227 25.68 -18.51 -24.90
CA VAL B 227 24.85 -19.36 -24.05
C VAL B 227 23.39 -19.26 -24.46
N ALA B 228 22.91 -18.03 -24.64
CA ALA B 228 21.52 -17.80 -25.01
C ALA B 228 21.17 -18.35 -26.40
N LEU B 229 22.06 -18.15 -27.36
CA LEU B 229 21.84 -18.63 -28.73
C LEU B 229 21.69 -20.15 -28.74
N GLU B 230 22.57 -20.83 -28.01
CA GLU B 230 22.55 -22.29 -27.93
C GLU B 230 21.30 -22.75 -27.18
N ALA B 231 20.90 -21.98 -26.19
CA ALA B 231 19.74 -22.31 -25.37
C ALA B 231 18.43 -22.19 -26.13
N VAL B 232 18.26 -21.11 -26.90
CA VAL B 232 17.01 -20.94 -27.63
C VAL B 232 16.80 -22.02 -28.68
N LEU B 233 17.89 -22.64 -29.13
CA LEU B 233 17.78 -23.70 -30.12
C LEU B 233 17.41 -25.03 -29.46
N GLU B 234 17.48 -25.05 -28.13
CA GLU B 234 17.17 -26.26 -27.36
C GLU B 234 15.67 -26.34 -27.07
N VAL B 235 14.99 -25.21 -27.15
CA VAL B 235 13.55 -25.16 -26.89
C VAL B 235 12.79 -24.89 -28.18
N SER C 2 16.68 -25.52 24.12
CA SER C 2 15.83 -26.14 23.07
C SER C 2 14.82 -25.13 22.51
N PRO C 3 14.53 -25.22 21.19
CA PRO C 3 13.57 -24.30 20.57
C PRO C 3 12.24 -24.27 21.33
N ILE C 4 11.46 -23.22 21.12
CA ILE C 4 10.18 -23.06 21.80
C ILE C 4 9.08 -24.01 21.32
N HIS C 5 8.93 -24.15 20.00
CA HIS C 5 7.87 -25.00 19.47
C HIS C 5 8.33 -26.42 19.13
N VAL C 6 9.37 -26.54 18.32
CA VAL C 6 9.89 -27.86 17.98
C VAL C 6 10.93 -28.12 19.06
N ARG C 7 10.49 -28.81 20.12
CA ARG C 7 11.36 -29.10 21.25
C ARG C 7 12.27 -30.31 21.10
N ALA C 8 13.28 -30.16 20.25
CA ALA C 8 14.25 -31.22 20.02
C ALA C 8 15.63 -30.71 20.44
N HIS C 9 16.64 -31.55 20.27
CA HIS C 9 18.01 -31.18 20.63
C HIS C 9 18.97 -31.54 19.51
N PRO C 10 20.20 -30.99 19.56
CA PRO C 10 21.22 -31.27 18.54
C PRO C 10 21.37 -32.77 18.37
N GLY C 11 21.29 -33.23 17.13
CA GLY C 11 21.43 -34.66 16.88
C GLY C 11 20.14 -35.32 16.46
N ASP C 12 19.00 -34.72 16.83
CA ASP C 12 17.69 -35.28 16.48
C ASP C 12 17.31 -35.04 15.03
N VAL C 13 17.64 -33.85 14.53
CA VAL C 13 17.32 -33.45 13.16
C VAL C 13 18.47 -33.66 12.19
N ALA C 14 18.19 -34.36 11.09
CA ALA C 14 19.18 -34.63 10.05
C ALA C 14 19.40 -33.39 9.19
N GLU C 15 20.41 -33.42 8.32
CA GLU C 15 20.68 -32.28 7.45
C GLU C 15 19.55 -32.13 6.44
N ARG C 16 19.06 -33.27 5.96
CA ARG C 16 17.98 -33.32 4.97
C ARG C 16 16.63 -33.50 5.67
N VAL C 17 15.68 -32.65 5.34
CA VAL C 17 14.35 -32.70 5.96
C VAL C 17 13.20 -32.53 4.98
N LEU C 18 12.15 -33.33 5.14
CA LEU C 18 10.96 -33.19 4.31
C LEU C 18 9.99 -32.40 5.19
N LEU C 19 9.15 -31.58 4.58
CA LEU C 19 8.24 -30.75 5.35
C LEU C 19 6.78 -30.87 4.98
N PRO C 20 6.10 -31.91 5.48
CA PRO C 20 4.68 -32.05 5.15
C PRO C 20 3.94 -31.13 6.13
N GLY C 21 2.79 -30.60 5.72
CA GLY C 21 2.05 -29.74 6.62
C GLY C 21 1.22 -30.55 7.60
N ASP C 22 0.74 -31.69 7.11
CA ASP C 22 -0.09 -32.62 7.88
C ASP C 22 0.75 -33.58 8.72
N PRO C 23 0.59 -33.57 10.05
CA PRO C 23 1.34 -34.47 10.94
C PRO C 23 1.04 -35.94 10.66
N GLY C 24 -0.15 -36.21 10.14
CA GLY C 24 -0.52 -37.58 9.82
C GLY C 24 0.41 -38.07 8.72
N ARG C 25 0.62 -37.24 7.71
CA ARG C 25 1.47 -37.59 6.59
C ARG C 25 2.92 -37.79 7.04
N ALA C 26 3.37 -36.98 8.00
CA ALA C 26 4.72 -37.11 8.48
C ALA C 26 4.93 -38.52 9.02
N GLU C 27 4.02 -38.95 9.89
CA GLU C 27 4.08 -40.27 10.49
C GLU C 27 4.11 -41.36 9.41
N TRP C 28 3.23 -41.22 8.43
CA TRP C 28 3.14 -42.19 7.35
C TRP C 28 4.40 -42.23 6.49
N ILE C 29 5.09 -41.10 6.38
CA ILE C 29 6.31 -41.02 5.59
C ILE C 29 7.45 -41.70 6.35
N ALA C 30 7.53 -41.44 7.65
CA ALA C 30 8.58 -42.02 8.47
C ALA C 30 8.44 -43.54 8.56
N LYS C 31 7.22 -44.02 8.73
CA LYS C 31 6.97 -45.44 8.86
C LYS C 31 7.00 -46.18 7.52
N THR C 32 6.80 -45.45 6.43
CA THR C 32 6.78 -46.09 5.12
C THR C 32 8.09 -46.07 4.35
N PHE C 33 8.87 -45.00 4.49
CA PHE C 33 10.13 -44.91 3.77
C PHE C 33 11.39 -44.99 4.63
N LEU C 34 11.28 -44.68 5.91
CA LEU C 34 12.46 -44.67 6.77
C LEU C 34 12.74 -45.93 7.58
N GLN C 35 14.02 -46.25 7.72
CA GLN C 35 14.44 -47.42 8.49
C GLN C 35 14.76 -46.96 9.90
N ASN C 36 14.16 -47.63 10.88
CA ASN C 36 14.36 -47.31 12.29
C ASN C 36 14.00 -45.85 12.59
N PRO C 37 12.81 -45.41 12.14
CA PRO C 37 12.38 -44.03 12.39
C PRO C 37 12.18 -43.76 13.87
N ARG C 38 12.53 -42.54 14.29
CA ARG C 38 12.41 -42.14 15.67
C ARG C 38 11.74 -40.77 15.72
N ARG C 39 10.79 -40.58 16.63
CA ARG C 39 10.11 -39.27 16.74
C ARG C 39 10.79 -38.44 17.80
N TYR C 40 11.35 -37.31 17.38
CA TYR C 40 12.04 -36.43 18.31
C TYR C 40 11.16 -35.32 18.88
N ASN C 41 10.00 -35.09 18.27
CA ASN C 41 9.11 -34.07 18.77
C ASN C 41 7.63 -34.34 18.54
N ASP C 42 6.82 -33.94 19.52
CA ASP C 42 5.37 -34.09 19.43
C ASP C 42 4.70 -32.84 20.00
N HIS C 43 5.50 -31.98 20.62
CA HIS C 43 4.99 -30.73 21.20
C HIS C 43 4.18 -29.97 20.15
N ARG C 44 3.02 -29.46 20.58
CA ARG C 44 2.10 -28.72 19.71
C ARG C 44 1.68 -29.49 18.46
N GLY C 45 1.70 -30.81 18.53
CA GLY C 45 1.31 -31.62 17.38
C GLY C 45 2.25 -31.56 16.19
N LEU C 46 3.37 -30.86 16.33
CA LEU C 46 4.34 -30.74 15.26
C LEU C 46 5.24 -31.99 15.25
N TRP C 47 4.63 -33.13 14.93
CA TRP C 47 5.34 -34.41 14.89
C TRP C 47 6.58 -34.36 14.02
N GLY C 48 7.71 -34.74 14.60
CA GLY C 48 8.96 -34.76 13.87
C GLY C 48 9.68 -36.09 14.05
N TYR C 49 10.02 -36.74 12.93
CA TYR C 49 10.71 -38.02 12.96
C TYR C 49 12.05 -37.95 12.22
N THR C 50 12.92 -38.91 12.51
CA THR C 50 14.22 -39.01 11.86
C THR C 50 14.58 -40.48 11.71
N GLY C 51 14.99 -40.85 10.50
CA GLY C 51 15.36 -42.23 10.25
C GLY C 51 16.32 -42.30 9.07
N LEU C 52 16.49 -43.49 8.52
CA LEU C 52 17.39 -43.64 7.40
C LEU C 52 16.69 -44.01 6.12
N TYR C 53 17.15 -43.40 5.03
CA TYR C 53 16.62 -43.68 3.70
C TYR C 53 17.83 -44.02 2.87
N LYS C 54 17.95 -45.28 2.47
CA LYS C 54 19.08 -45.73 1.69
C LYS C 54 20.37 -45.32 2.37
N GLY C 55 20.43 -45.57 3.67
CA GLY C 55 21.62 -45.26 4.45
C GLY C 55 21.85 -43.81 4.82
N VAL C 56 21.07 -42.89 4.26
CA VAL C 56 21.25 -41.48 4.60
C VAL C 56 20.22 -41.00 5.62
N PRO C 57 20.66 -40.19 6.59
CA PRO C 57 19.75 -39.68 7.61
C PRO C 57 18.78 -38.68 7.00
N VAL C 58 17.49 -38.85 7.30
CA VAL C 58 16.47 -37.96 6.78
C VAL C 58 15.43 -37.70 7.87
N SER C 59 15.03 -36.44 8.00
CA SER C 59 14.02 -36.07 8.97
C SER C 59 12.72 -35.73 8.26
N VAL C 60 11.61 -35.91 8.99
CA VAL C 60 10.29 -35.59 8.46
C VAL C 60 9.64 -34.76 9.54
N GLN C 61 9.54 -33.46 9.28
CA GLN C 61 8.98 -32.53 10.25
C GLN C 61 7.69 -31.86 9.84
N THR C 62 6.69 -31.95 10.70
CA THR C 62 5.39 -31.34 10.47
C THR C 62 5.51 -29.82 10.60
N THR C 63 4.91 -29.08 9.68
CA THR C 63 4.96 -27.62 9.70
C THR C 63 3.67 -26.99 10.21
N GLY C 64 2.56 -27.70 10.03
CA GLY C 64 1.28 -27.15 10.42
C GLY C 64 0.76 -26.46 9.16
N MET C 65 -0.36 -25.76 9.25
CA MET C 65 -0.93 -25.07 8.08
C MET C 65 -0.64 -23.57 8.14
N GLY C 66 -0.32 -22.99 6.99
CA GLY C 66 -0.04 -21.57 6.91
C GLY C 66 1.42 -21.21 7.11
N THR C 67 1.84 -20.09 6.53
CA THR C 67 3.22 -19.64 6.65
C THR C 67 3.66 -19.25 8.07
N PRO C 68 2.75 -18.70 8.89
CA PRO C 68 3.19 -18.35 10.25
C PRO C 68 3.68 -19.59 11.01
N SER C 69 2.91 -20.67 10.88
CA SER C 69 3.25 -21.93 11.52
C SER C 69 4.50 -22.47 10.84
N ALA C 70 4.47 -22.57 9.52
CA ALA C 70 5.62 -23.08 8.76
C ALA C 70 6.90 -22.31 9.07
N ALA C 71 6.80 -20.99 9.21
CA ALA C 71 7.97 -20.16 9.49
C ALA C 71 8.60 -20.51 10.83
N ILE C 72 7.77 -20.66 11.85
CA ILE C 72 8.26 -21.01 13.17
C ILE C 72 9.05 -22.33 13.09
N VAL C 73 8.44 -23.34 12.47
CA VAL C 73 9.08 -24.65 12.33
C VAL C 73 10.39 -24.61 11.55
N VAL C 74 10.44 -23.83 10.48
CA VAL C 74 11.65 -23.74 9.68
C VAL C 74 12.77 -23.01 10.40
N GLU C 75 12.43 -21.90 11.05
CA GLU C 75 13.43 -21.14 11.79
C GLU C 75 14.08 -22.05 12.82
N GLU C 76 13.26 -22.79 13.54
CA GLU C 76 13.76 -23.69 14.57
C GLU C 76 14.52 -24.88 13.99
N LEU C 77 14.04 -25.44 12.88
CA LEU C 77 14.72 -26.56 12.23
C LEU C 77 16.14 -26.14 11.81
N VAL C 78 16.26 -24.94 11.25
CA VAL C 78 17.56 -24.44 10.82
C VAL C 78 18.49 -24.36 12.05
N ARG C 79 17.98 -23.79 13.14
CA ARG C 79 18.77 -23.67 14.36
C ARG C 79 19.22 -25.05 14.87
N LEU C 80 18.41 -26.07 14.59
CA LEU C 80 18.70 -27.43 15.01
C LEU C 80 19.64 -28.18 14.08
N GLY C 81 19.89 -27.63 12.89
CA GLY C 81 20.79 -28.29 11.96
C GLY C 81 20.29 -28.58 10.56
N ALA C 82 19.02 -28.29 10.28
CA ALA C 82 18.46 -28.52 8.95
C ALA C 82 19.20 -27.68 7.90
N ARG C 83 19.51 -28.28 6.75
CA ARG C 83 20.23 -27.56 5.70
C ARG C 83 19.60 -27.70 4.31
N VAL C 84 18.80 -28.74 4.15
CA VAL C 84 18.11 -28.99 2.89
C VAL C 84 16.67 -29.34 3.27
N LEU C 85 15.76 -28.40 3.09
CA LEU C 85 14.36 -28.61 3.46
C LEU C 85 13.41 -28.59 2.25
N VAL C 86 12.71 -29.70 2.05
CA VAL C 86 11.78 -29.82 0.94
C VAL C 86 10.35 -30.03 1.42
N ARG C 87 9.48 -29.09 1.08
CA ARG C 87 8.08 -29.21 1.46
C ARG C 87 7.42 -30.27 0.60
N VAL C 88 6.66 -31.15 1.24
CA VAL C 88 5.92 -32.17 0.51
C VAL C 88 4.49 -32.00 0.98
N GLY C 89 3.68 -31.35 0.16
CA GLY C 89 2.30 -31.12 0.53
C GLY C 89 1.33 -31.23 -0.63
N THR C 90 0.13 -30.70 -0.41
CA THR C 90 -0.93 -30.71 -1.41
C THR C 90 -1.27 -29.27 -1.77
N ALA C 91 -2.08 -29.11 -2.82
CA ALA C 91 -2.48 -27.78 -3.28
C ALA C 91 -3.76 -27.87 -4.11
N GLY C 92 -4.43 -26.73 -4.28
CA GLY C 92 -5.65 -26.69 -5.05
C GLY C 92 -5.43 -26.13 -6.44
N ALA C 93 -5.73 -26.95 -7.45
CA ALA C 93 -5.56 -26.53 -8.84
C ALA C 93 -6.37 -25.27 -9.10
N ALA C 94 -5.73 -24.28 -9.71
CA ALA C 94 -6.38 -23.02 -10.02
C ALA C 94 -7.00 -23.07 -11.40
N SER C 95 -6.64 -24.07 -12.17
CA SER C 95 -7.15 -24.23 -13.52
C SER C 95 -7.97 -25.51 -13.67
N SER C 96 -8.21 -25.93 -14.90
CA SER C 96 -8.97 -27.14 -15.18
C SER C 96 -8.09 -28.19 -15.84
N ASP C 97 -6.93 -27.76 -16.34
CA ASP C 97 -6.00 -28.67 -16.99
C ASP C 97 -5.30 -29.57 -15.97
N LEU C 98 -5.15 -29.06 -14.75
CA LEU C 98 -4.51 -29.83 -13.68
C LEU C 98 -5.47 -30.85 -13.09
N ALA C 99 -5.03 -32.10 -13.03
CA ALA C 99 -5.85 -33.18 -12.49
C ALA C 99 -5.38 -33.58 -11.10
N PRO C 100 -6.33 -33.87 -10.20
CA PRO C 100 -5.97 -34.27 -8.84
C PRO C 100 -4.99 -35.44 -8.87
N GLY C 101 -4.03 -35.44 -7.95
CA GLY C 101 -3.05 -36.48 -7.91
C GLY C 101 -1.77 -36.09 -8.63
N GLU C 102 -1.87 -35.22 -9.62
CA GLU C 102 -0.69 -34.80 -10.37
C GLU C 102 0.32 -34.05 -9.51
N LEU C 103 1.60 -34.14 -9.89
CA LEU C 103 2.65 -33.48 -9.14
C LEU C 103 3.05 -32.12 -9.71
N ILE C 104 3.48 -31.24 -8.82
CA ILE C 104 3.93 -29.91 -9.21
C ILE C 104 5.26 -29.61 -8.52
N VAL C 105 6.27 -29.29 -9.31
CA VAL C 105 7.57 -28.92 -8.75
C VAL C 105 7.51 -27.40 -8.76
N ALA C 106 7.49 -26.80 -7.57
CA ALA C 106 7.38 -25.35 -7.43
C ALA C 106 8.63 -24.59 -7.89
N GLN C 107 8.47 -23.82 -8.96
CA GLN C 107 9.57 -23.02 -9.49
C GLN C 107 9.65 -21.71 -8.72
N GLY C 108 8.53 -21.35 -8.08
CA GLY C 108 8.48 -20.11 -7.31
C GLY C 108 7.13 -20.03 -6.65
N ALA C 109 6.95 -19.09 -5.73
CA ALA C 109 5.66 -18.97 -5.04
C ALA C 109 5.22 -17.53 -4.89
N VAL C 110 4.08 -17.20 -5.48
CA VAL C 110 3.51 -15.86 -5.38
C VAL C 110 3.24 -15.65 -3.89
N PRO C 111 3.89 -14.65 -3.27
CA PRO C 111 3.68 -14.40 -1.83
C PRO C 111 2.40 -13.64 -1.49
N LEU C 112 1.32 -14.38 -1.26
CA LEU C 112 0.05 -13.75 -0.91
C LEU C 112 -0.19 -13.84 0.60
N ASP C 113 0.85 -14.15 1.35
CA ASP C 113 0.76 -14.28 2.80
C ASP C 113 1.36 -13.09 3.53
N GLY C 114 1.00 -12.92 4.80
CA GLY C 114 1.53 -11.82 5.57
C GLY C 114 2.84 -12.16 6.25
N THR C 115 3.18 -13.44 6.33
CA THR C 115 4.43 -13.84 6.98
C THR C 115 5.63 -13.35 6.18
N THR C 116 5.64 -13.61 4.87
CA THR C 116 6.73 -13.14 4.04
C THR C 116 6.73 -11.61 4.04
N ARG C 117 5.54 -11.01 4.02
CA ARG C 117 5.42 -9.56 4.04
C ARG C 117 6.02 -8.95 5.31
N GLN C 118 5.84 -9.62 6.44
CA GLN C 118 6.38 -9.11 7.69
C GLN C 118 7.91 -9.16 7.70
N TYR C 119 8.48 -10.25 7.22
CA TYR C 119 9.93 -10.39 7.14
C TYR C 119 10.50 -9.38 6.15
N LEU C 120 9.79 -9.15 5.05
CA LEU C 120 10.23 -8.22 4.01
C LEU C 120 9.87 -6.76 4.27
N GLU C 121 9.14 -6.52 5.35
CA GLU C 121 8.72 -5.17 5.69
C GLU C 121 7.85 -4.58 4.56
N GLY C 122 7.06 -5.42 3.92
CA GLY C 122 6.18 -4.96 2.86
C GLY C 122 6.79 -4.78 1.48
N ARG C 123 8.06 -5.11 1.31
CA ARG C 123 8.71 -4.94 0.01
C ARG C 123 8.45 -6.09 -0.96
N PRO C 124 8.52 -5.83 -2.28
CA PRO C 124 8.29 -6.85 -3.29
C PRO C 124 9.33 -7.96 -3.20
N TYR C 125 8.97 -9.16 -3.65
CA TYR C 125 9.91 -10.28 -3.63
C TYR C 125 9.47 -11.39 -4.55
N ALA C 126 10.41 -12.24 -4.92
CA ALA C 126 10.13 -13.38 -5.78
C ALA C 126 10.61 -14.64 -5.07
N PRO C 127 9.76 -15.23 -4.23
CA PRO C 127 10.15 -16.45 -3.50
C PRO C 127 10.44 -17.58 -4.49
N VAL C 128 11.67 -18.08 -4.45
CA VAL C 128 12.10 -19.17 -5.32
C VAL C 128 12.87 -20.18 -4.47
N PRO C 129 12.84 -21.46 -4.85
CA PRO C 129 13.57 -22.48 -4.08
C PRO C 129 15.06 -22.40 -4.41
N ASP C 130 15.85 -23.23 -3.73
CA ASP C 130 17.28 -23.27 -4.01
C ASP C 130 17.32 -23.85 -5.42
N PRO C 131 18.10 -23.24 -6.33
CA PRO C 131 18.16 -23.78 -7.69
C PRO C 131 18.56 -25.26 -7.81
N GLU C 132 19.54 -25.71 -7.03
CA GLU C 132 19.97 -27.10 -7.12
C GLU C 132 18.88 -28.06 -6.62
N VAL C 133 18.19 -27.68 -5.57
CA VAL C 133 17.12 -28.52 -5.03
C VAL C 133 16.00 -28.61 -6.04
N PHE C 134 15.62 -27.45 -6.58
CA PHE C 134 14.57 -27.37 -7.58
C PHE C 134 14.89 -28.27 -8.75
N ARG C 135 16.14 -28.17 -9.21
CA ARG C 135 16.63 -28.95 -10.34
C ARG C 135 16.60 -30.44 -10.04
N ALA C 136 17.07 -30.81 -8.85
CA ALA C 136 17.10 -32.21 -8.44
C ALA C 136 15.69 -32.81 -8.39
N LEU C 137 14.72 -32.03 -7.92
CA LEU C 137 13.33 -32.51 -7.83
C LEU C 137 12.80 -32.75 -9.25
N TRP C 138 13.08 -31.80 -10.13
CA TRP C 138 12.65 -31.89 -11.50
C TRP C 138 13.26 -33.15 -12.14
N ARG C 139 14.58 -33.27 -12.02
CA ARG C 139 15.30 -34.41 -12.58
C ARG C 139 14.75 -35.74 -12.08
N ARG C 140 14.59 -35.84 -10.77
CA ARG C 140 14.08 -37.06 -10.15
C ARG C 140 12.67 -37.41 -10.62
N ALA C 141 11.82 -36.40 -10.77
CA ALA C 141 10.46 -36.66 -11.24
C ALA C 141 10.55 -37.34 -12.59
N GLU C 142 11.50 -36.88 -13.41
CA GLU C 142 11.73 -37.44 -14.73
C GLU C 142 12.29 -38.87 -14.67
N ALA C 143 13.35 -39.05 -13.88
CA ALA C 143 13.98 -40.36 -13.74
C ALA C 143 13.01 -41.45 -13.28
N LEU C 144 12.01 -41.06 -12.50
CA LEU C 144 11.04 -42.03 -12.01
C LEU C 144 9.86 -42.13 -12.98
N GLY C 145 9.83 -41.23 -13.94
CA GLY C 145 8.78 -41.24 -14.94
C GLY C 145 7.40 -40.91 -14.40
N TYR C 146 7.35 -40.01 -13.41
CA TYR C 146 6.07 -39.62 -12.83
C TYR C 146 5.58 -38.34 -13.50
N PRO C 147 4.34 -38.37 -14.02
CA PRO C 147 3.78 -37.18 -14.68
C PRO C 147 3.84 -35.98 -13.74
N HIS C 148 4.31 -34.85 -14.28
CA HIS C 148 4.43 -33.66 -13.45
C HIS C 148 4.37 -32.34 -14.21
N ARG C 149 4.21 -31.26 -13.46
CA ARG C 149 4.15 -29.92 -14.00
C ARG C 149 5.21 -29.11 -13.25
N VAL C 150 5.80 -28.14 -13.92
CA VAL C 150 6.82 -27.30 -13.30
C VAL C 150 6.37 -25.86 -13.42
N GLY C 151 6.30 -25.14 -12.30
CA GLY C 151 5.87 -23.76 -12.37
C GLY C 151 5.47 -23.11 -11.06
N LEU C 152 4.75 -22.00 -11.17
CA LEU C 152 4.30 -21.23 -10.03
C LEU C 152 3.10 -21.77 -9.25
N VAL C 153 3.15 -21.59 -7.94
CA VAL C 153 2.04 -21.92 -7.07
C VAL C 153 1.87 -20.62 -6.31
N ALA C 154 0.75 -20.47 -5.62
CA ALA C 154 0.50 -19.26 -4.85
C ALA C 154 0.31 -19.65 -3.39
N SER C 155 1.04 -18.98 -2.50
CA SER C 155 0.96 -19.25 -1.08
C SER C 155 0.01 -18.21 -0.48
N GLU C 156 -1.11 -18.67 0.05
CA GLU C 156 -2.12 -17.78 0.60
C GLU C 156 -2.39 -17.99 2.10
N ASP C 157 -3.06 -17.01 2.70
CA ASP C 157 -3.41 -17.03 4.12
C ASP C 157 -4.86 -17.41 4.38
N ALA C 158 -5.78 -16.83 3.62
CA ALA C 158 -7.21 -17.09 3.81
C ALA C 158 -7.73 -18.18 2.91
N PHE C 159 -7.60 -19.42 3.39
CA PHE C 159 -8.05 -20.58 2.63
C PHE C 159 -9.45 -20.41 2.05
N TYR C 160 -10.41 -20.00 2.87
CA TYR C 160 -11.79 -19.84 2.41
C TYR C 160 -12.18 -18.52 1.77
N ALA C 161 -11.19 -17.66 1.50
CA ALA C 161 -11.48 -16.37 0.87
C ALA C 161 -11.40 -16.45 -0.63
N THR C 162 -10.48 -17.25 -1.14
CA THR C 162 -10.27 -17.39 -2.58
C THR C 162 -11.47 -17.99 -3.30
N THR C 163 -11.89 -17.34 -4.38
CA THR C 163 -13.02 -17.82 -5.15
C THR C 163 -12.54 -18.41 -6.47
N PRO C 164 -13.33 -19.33 -7.06
CA PRO C 164 -12.93 -19.95 -8.33
C PRO C 164 -12.60 -18.88 -9.36
N GLU C 165 -13.36 -17.79 -9.33
CA GLU C 165 -13.15 -16.69 -10.25
C GLU C 165 -11.78 -16.05 -10.02
N GLU C 166 -11.37 -15.92 -8.77
CA GLU C 166 -10.07 -15.34 -8.47
C GLU C 166 -8.98 -16.34 -8.83
N ALA C 167 -9.25 -17.62 -8.62
CA ALA C 167 -8.30 -18.66 -8.94
C ALA C 167 -8.03 -18.67 -10.44
N ARG C 168 -9.08 -18.56 -11.24
CA ARG C 168 -8.93 -18.56 -12.69
C ARG C 168 -8.11 -17.37 -13.14
N ALA C 169 -8.37 -16.21 -12.54
CA ALA C 169 -7.65 -15.00 -12.88
C ALA C 169 -6.15 -15.21 -12.64
N TRP C 170 -5.82 -15.76 -11.47
CA TRP C 170 -4.43 -16.01 -11.13
C TRP C 170 -3.78 -16.98 -12.11
N ALA C 171 -4.53 -18.00 -12.52
CA ALA C 171 -4.02 -18.99 -13.45
C ALA C 171 -3.58 -18.31 -14.74
N ARG C 172 -4.25 -17.23 -15.11
CA ARG C 172 -3.90 -16.51 -16.32
C ARG C 172 -2.59 -15.76 -16.15
N TYR C 173 -2.04 -15.82 -14.95
CA TYR C 173 -0.78 -15.16 -14.63
C TYR C 173 0.30 -16.18 -14.34
N GLY C 174 -0.01 -17.45 -14.60
CA GLY C 174 0.96 -18.51 -14.40
C GLY C 174 0.80 -19.36 -13.15
N VAL C 175 -0.12 -18.99 -12.27
CA VAL C 175 -0.33 -19.76 -11.04
C VAL C 175 -0.99 -21.10 -11.35
N LEU C 176 -0.28 -22.18 -11.06
CA LEU C 176 -0.79 -23.52 -11.32
C LEU C 176 -1.73 -23.97 -10.23
N ALA C 177 -1.45 -23.58 -8.99
CA ALA C 177 -2.30 -24.01 -7.88
C ALA C 177 -2.05 -23.18 -6.62
N PHE C 178 -2.91 -23.37 -5.62
CA PHE C 178 -2.79 -22.66 -4.36
C PHE C 178 -2.39 -23.58 -3.22
N GLU C 179 -1.53 -23.08 -2.35
CA GLU C 179 -1.08 -23.82 -1.20
C GLU C 179 -0.79 -22.77 -0.13
N MET C 180 -0.38 -23.18 1.06
CA MET C 180 -0.18 -22.21 2.13
C MET C 180 1.17 -22.24 2.87
N GLU C 181 2.24 -22.64 2.20
CA GLU C 181 3.54 -22.71 2.90
C GLU C 181 4.80 -22.34 2.11
N ALA C 182 4.81 -22.61 0.81
CA ALA C 182 6.00 -22.36 -0.01
C ALA C 182 6.72 -21.01 0.11
N SER C 183 5.99 -19.91 -0.07
CA SER C 183 6.59 -18.56 -0.03
C SER C 183 7.53 -18.32 1.14
N ALA C 184 7.04 -18.55 2.37
CA ALA C 184 7.86 -18.33 3.56
C ALA C 184 9.06 -19.28 3.61
N LEU C 185 8.87 -20.51 3.14
CA LEU C 185 9.97 -21.48 3.12
C LEU C 185 11.10 -20.98 2.21
N PHE C 186 10.74 -20.56 1.01
CA PHE C 186 11.69 -20.06 0.02
C PHE C 186 12.41 -18.83 0.52
N LEU C 187 11.65 -17.91 1.09
CA LEU C 187 12.23 -16.68 1.63
C LEU C 187 13.24 -17.00 2.72
N LEU C 188 12.83 -17.82 3.69
CA LEU C 188 13.73 -18.19 4.77
C LEU C 188 14.95 -18.93 4.25
N GLY C 189 14.77 -19.69 3.18
CA GLY C 189 15.88 -20.41 2.60
C GLY C 189 17.01 -19.45 2.26
N ARG C 190 16.67 -18.36 1.60
CA ARG C 190 17.66 -17.35 1.22
C ARG C 190 18.13 -16.54 2.43
N MET C 191 17.21 -16.18 3.31
CA MET C 191 17.55 -15.41 4.50
C MET C 191 18.50 -16.15 5.44
N ARG C 192 18.28 -17.44 5.62
CA ARG C 192 19.12 -18.22 6.54
C ARG C 192 20.21 -19.01 5.85
N GLY C 193 20.32 -18.88 4.54
CA GLY C 193 21.37 -19.59 3.82
C GLY C 193 21.28 -21.10 3.77
N VAL C 194 20.09 -21.64 3.57
CA VAL C 194 19.92 -23.09 3.45
C VAL C 194 19.23 -23.37 2.12
N ARG C 195 19.20 -24.63 1.71
CA ARG C 195 18.57 -24.98 0.45
C ARG C 195 17.15 -25.48 0.66
N THR C 196 16.19 -24.87 -0.03
CA THR C 196 14.80 -25.27 0.11
C THR C 196 14.18 -25.64 -1.22
N GLY C 197 13.06 -26.35 -1.14
CA GLY C 197 12.34 -26.76 -2.31
C GLY C 197 10.92 -27.14 -1.94
N ALA C 198 10.09 -27.38 -2.94
CA ALA C 198 8.72 -27.75 -2.67
C ALA C 198 8.12 -28.52 -3.82
N ILE C 199 7.43 -29.59 -3.50
CA ILE C 199 6.77 -30.39 -4.50
C ILE C 199 5.37 -30.58 -3.96
N LEU C 200 4.37 -30.42 -4.80
CA LEU C 200 2.98 -30.54 -4.37
C LEU C 200 2.23 -31.62 -5.13
N ALA C 201 1.14 -32.08 -4.52
CA ALA C 201 0.27 -33.08 -5.13
C ALA C 201 -1.10 -32.46 -5.17
N VAL C 202 -1.61 -32.17 -6.36
CA VAL C 202 -2.93 -31.57 -6.47
C VAL C 202 -3.92 -32.50 -5.77
N SER C 203 -4.67 -31.96 -4.82
CA SER C 203 -5.63 -32.75 -4.07
C SER C 203 -7.05 -32.34 -4.39
N ASN C 204 -7.19 -31.31 -5.22
CA ASN C 204 -8.50 -30.81 -5.59
C ASN C 204 -8.36 -29.58 -6.47
N ARG C 205 -9.51 -29.03 -6.87
CA ARG C 205 -9.58 -27.83 -7.68
C ARG C 205 -10.27 -26.82 -6.79
N ILE C 206 -9.82 -25.57 -6.83
CA ILE C 206 -10.43 -24.55 -6.00
C ILE C 206 -11.93 -24.45 -6.23
N GLY C 207 -12.69 -24.63 -5.15
CA GLY C 207 -14.13 -24.56 -5.22
C GLY C 207 -14.80 -25.85 -4.75
N ASP C 208 -14.05 -26.95 -4.80
CA ASP C 208 -14.57 -28.25 -4.39
C ASP C 208 -14.77 -28.38 -2.89
N PRO C 209 -15.93 -28.93 -2.47
CA PRO C 209 -16.30 -29.14 -1.07
C PRO C 209 -15.44 -30.20 -0.37
N GLU C 210 -14.83 -31.08 -1.15
CA GLU C 210 -13.98 -32.14 -0.60
C GLU C 210 -12.72 -32.37 -1.44
N LEU C 211 -11.82 -33.17 -0.90
CA LEU C 211 -10.58 -33.50 -1.58
C LEU C 211 -10.87 -34.59 -2.60
N ALA C 212 -9.82 -35.17 -3.16
CA ALA C 212 -9.97 -36.22 -4.17
C ALA C 212 -9.97 -37.60 -3.51
N PRO C 213 -10.42 -38.64 -4.26
CA PRO C 213 -10.46 -40.03 -3.77
C PRO C 213 -9.14 -40.44 -3.15
N PRO C 214 -9.19 -41.02 -1.94
CA PRO C 214 -8.00 -41.48 -1.22
C PRO C 214 -6.90 -42.09 -2.08
N GLU C 215 -7.27 -43.00 -2.97
CA GLU C 215 -6.28 -43.65 -3.82
C GLU C 215 -5.60 -42.75 -4.84
N VAL C 216 -6.41 -42.08 -5.66
CA VAL C 216 -5.88 -41.18 -6.68
C VAL C 216 -4.93 -40.18 -6.03
N LEU C 217 -5.34 -39.68 -4.87
CA LEU C 217 -4.56 -38.71 -4.12
C LEU C 217 -3.38 -39.36 -3.42
N GLN C 218 -3.56 -40.59 -2.94
CA GLN C 218 -2.50 -41.28 -2.24
C GLN C 218 -1.34 -41.64 -3.16
N GLU C 219 -1.64 -42.04 -4.39
CA GLU C 219 -0.59 -42.38 -5.34
C GLU C 219 0.23 -41.12 -5.62
N GLY C 220 -0.45 -39.99 -5.68
CA GLY C 220 0.25 -38.73 -5.92
C GLY C 220 1.18 -38.42 -4.77
N VAL C 221 0.69 -38.61 -3.55
CA VAL C 221 1.47 -38.36 -2.35
C VAL C 221 2.65 -39.31 -2.25
N ARG C 222 2.43 -40.56 -2.66
CA ARG C 222 3.50 -41.56 -2.61
C ARG C 222 4.60 -41.20 -3.62
N ARG C 223 4.19 -40.78 -4.80
CA ARG C 223 5.15 -40.40 -5.84
C ARG C 223 5.91 -39.14 -5.45
N MET C 224 5.19 -38.20 -4.84
CA MET C 224 5.77 -36.93 -4.41
C MET C 224 6.84 -37.14 -3.35
N VAL C 225 6.53 -37.93 -2.33
CA VAL C 225 7.47 -38.21 -1.24
C VAL C 225 8.70 -38.94 -1.77
N GLU C 226 8.48 -39.86 -2.70
CA GLU C 226 9.55 -40.64 -3.27
C GLU C 226 10.50 -39.76 -4.07
N VAL C 227 9.94 -38.82 -4.83
CA VAL C 227 10.75 -37.89 -5.63
C VAL C 227 11.56 -36.98 -4.72
N ALA C 228 10.95 -36.55 -3.63
CA ALA C 228 11.60 -35.66 -2.67
C ALA C 228 12.75 -36.35 -1.95
N LEU C 229 12.57 -37.62 -1.61
CA LEU C 229 13.61 -38.37 -0.92
C LEU C 229 14.80 -38.52 -1.86
N GLU C 230 14.53 -38.94 -3.09
CA GLU C 230 15.58 -39.11 -4.08
C GLU C 230 16.31 -37.79 -4.30
N ALA C 231 15.56 -36.71 -4.39
CA ALA C 231 16.14 -35.39 -4.62
C ALA C 231 17.03 -34.90 -3.47
N VAL C 232 16.60 -35.08 -2.23
CA VAL C 232 17.42 -34.60 -1.11
C VAL C 232 18.74 -35.36 -0.99
N LEU C 233 18.77 -36.60 -1.45
CA LEU C 233 20.00 -37.38 -1.40
C LEU C 233 20.93 -36.94 -2.53
N GLU C 234 20.37 -36.27 -3.53
CA GLU C 234 21.13 -35.78 -4.67
C GLU C 234 21.89 -34.49 -4.37
N VAL C 235 21.48 -33.75 -3.35
CA VAL C 235 22.17 -32.51 -3.00
C VAL C 235 23.02 -32.75 -1.76
N SER D 2 -18.90 -32.94 5.52
CA SER D 2 -17.82 -32.94 6.55
C SER D 2 -16.71 -31.97 6.21
N PRO D 3 -16.34 -31.09 7.16
CA PRO D 3 -15.26 -30.10 6.95
C PRO D 3 -13.98 -30.76 6.48
N ILE D 4 -13.25 -30.08 5.60
CA ILE D 4 -12.01 -30.60 5.05
C ILE D 4 -10.92 -30.85 6.09
N HIS D 5 -10.66 -29.86 6.93
CA HIS D 5 -9.61 -29.99 7.94
C HIS D 5 -10.10 -30.51 9.29
N VAL D 6 -11.16 -29.92 9.82
CA VAL D 6 -11.72 -30.39 11.08
C VAL D 6 -12.79 -31.39 10.68
N ARG D 7 -12.38 -32.64 10.56
CA ARG D 7 -13.26 -33.72 10.16
C ARG D 7 -14.24 -34.12 11.26
N ALA D 8 -15.43 -33.54 11.19
CA ALA D 8 -16.47 -33.79 12.16
C ALA D 8 -17.79 -33.49 11.46
N HIS D 9 -18.90 -33.64 12.19
CA HIS D 9 -20.21 -33.37 11.61
C HIS D 9 -21.05 -32.59 12.62
N PRO D 10 -22.08 -31.89 12.13
CA PRO D 10 -22.89 -31.15 13.09
C PRO D 10 -23.49 -32.18 14.03
N GLY D 11 -23.18 -32.03 15.31
CA GLY D 11 -23.66 -32.96 16.31
C GLY D 11 -22.51 -33.23 17.25
N ASP D 12 -21.30 -33.23 16.69
CA ASP D 12 -20.09 -33.45 17.47
C ASP D 12 -19.71 -32.15 18.18
N VAL D 13 -20.04 -31.03 17.55
CA VAL D 13 -19.68 -29.73 18.08
C VAL D 13 -20.80 -28.98 18.81
N ALA D 14 -20.51 -28.55 20.04
CA ALA D 14 -21.48 -27.79 20.81
C ALA D 14 -21.55 -26.38 20.24
N GLU D 15 -22.42 -25.55 20.81
CA GLU D 15 -22.56 -24.17 20.37
C GLU D 15 -21.50 -23.30 21.01
N ARG D 16 -21.05 -23.72 22.19
CA ARG D 16 -20.03 -23.00 22.93
C ARG D 16 -18.71 -23.73 22.73
N VAL D 17 -17.69 -22.99 22.30
CA VAL D 17 -16.40 -23.58 22.03
C VAL D 17 -15.21 -22.76 22.52
N LEU D 18 -14.26 -23.40 23.18
CA LEU D 18 -13.05 -22.73 23.63
C LEU D 18 -12.07 -23.04 22.50
N LEU D 19 -11.10 -22.15 22.27
CA LEU D 19 -10.16 -22.35 21.18
C LEU D 19 -8.69 -22.16 21.54
N PRO D 20 -8.02 -23.23 21.98
CA PRO D 20 -6.61 -23.15 22.33
C PRO D 20 -5.81 -23.37 21.04
N GLY D 21 -4.62 -22.80 20.96
CA GLY D 21 -3.82 -22.98 19.77
C GLY D 21 -3.10 -24.32 19.80
N ASP D 22 -2.63 -24.68 20.99
CA ASP D 22 -1.91 -25.92 21.25
C ASP D 22 -2.85 -27.11 21.46
N PRO D 23 -2.70 -28.18 20.65
CA PRO D 23 -3.57 -29.35 20.80
C PRO D 23 -3.39 -30.00 22.17
N GLY D 24 -2.19 -29.88 22.72
CA GLY D 24 -1.91 -30.46 24.02
C GLY D 24 -2.74 -29.79 25.11
N ARG D 25 -2.99 -28.50 24.96
CA ARG D 25 -3.78 -27.78 25.96
C ARG D 25 -5.25 -28.14 25.77
N ALA D 26 -5.63 -28.40 24.53
CA ALA D 26 -7.01 -28.76 24.22
C ALA D 26 -7.38 -30.04 24.93
N GLU D 27 -6.43 -30.97 25.02
CA GLU D 27 -6.67 -32.25 25.68
C GLU D 27 -6.75 -32.07 27.19
N TRP D 28 -5.78 -31.35 27.75
CA TRP D 28 -5.74 -31.09 29.17
C TRP D 28 -7.06 -30.50 29.63
N ILE D 29 -7.52 -29.47 28.91
CA ILE D 29 -8.78 -28.80 29.23
C ILE D 29 -9.99 -29.72 29.15
N ALA D 30 -10.07 -30.49 28.07
CA ALA D 30 -11.19 -31.39 27.87
C ALA D 30 -11.27 -32.43 28.98
N LYS D 31 -10.13 -32.77 29.57
CA LYS D 31 -10.09 -33.76 30.63
C LYS D 31 -10.20 -33.16 32.02
N THR D 32 -9.61 -31.98 32.20
CA THR D 32 -9.60 -31.30 33.49
C THR D 32 -10.87 -30.55 33.89
N PHE D 33 -11.68 -30.13 32.93
CA PHE D 33 -12.88 -29.38 33.26
C PHE D 33 -14.19 -29.97 32.74
N LEU D 34 -14.09 -30.88 31.78
CA LEU D 34 -15.29 -31.48 31.21
C LEU D 34 -15.60 -32.88 31.74
N GLN D 35 -16.86 -33.29 31.59
CA GLN D 35 -17.29 -34.61 32.04
C GLN D 35 -17.73 -35.37 30.80
N ASN D 36 -17.26 -36.62 30.68
CA ASN D 36 -17.58 -37.44 29.51
C ASN D 36 -17.08 -36.78 28.23
N PRO D 37 -15.80 -36.36 28.21
CA PRO D 37 -15.22 -35.70 27.04
C PRO D 37 -14.97 -36.72 25.94
N ARG D 38 -15.49 -36.42 24.75
CA ARG D 38 -15.32 -37.29 23.59
C ARG D 38 -14.59 -36.53 22.50
N ARG D 39 -13.49 -37.11 22.01
CA ARG D 39 -12.71 -36.49 20.96
C ARG D 39 -13.36 -36.79 19.62
N TYR D 40 -13.81 -35.75 18.93
CA TYR D 40 -14.48 -35.92 17.64
C TYR D 40 -13.57 -35.69 16.42
N ASN D 41 -12.33 -35.29 16.67
CA ASN D 41 -11.41 -35.05 15.57
C ASN D 41 -9.94 -35.01 15.99
N ASP D 42 -9.08 -35.59 15.15
CA ASP D 42 -7.65 -35.59 15.40
C ASP D 42 -6.88 -35.36 14.10
N HIS D 43 -7.62 -35.24 13.00
CA HIS D 43 -6.99 -35.01 11.71
C HIS D 43 -6.08 -33.79 11.78
N ARG D 44 -4.92 -33.87 11.11
CA ARG D 44 -3.96 -32.79 11.09
C ARG D 44 -3.59 -32.30 12.49
N GLY D 45 -3.78 -33.15 13.48
CA GLY D 45 -3.44 -32.79 14.84
C GLY D 45 -4.34 -31.72 15.43
N LEU D 46 -5.48 -31.46 14.80
CA LEU D 46 -6.41 -30.46 15.29
C LEU D 46 -7.38 -31.12 16.28
N TRP D 47 -6.80 -31.64 17.36
CA TRP D 47 -7.57 -32.33 18.38
C TRP D 47 -8.80 -31.55 18.87
N GLY D 48 -9.97 -32.11 18.61
CA GLY D 48 -11.21 -31.47 19.03
C GLY D 48 -12.05 -32.35 19.94
N TYR D 49 -12.49 -31.78 21.07
CA TYR D 49 -13.30 -32.52 22.04
C TYR D 49 -14.66 -31.86 22.29
N THR D 50 -15.55 -32.61 22.93
CA THR D 50 -16.87 -32.12 23.27
C THR D 50 -17.34 -32.82 24.54
N GLY D 51 -17.69 -32.03 25.55
CA GLY D 51 -18.13 -32.61 26.80
C GLY D 51 -19.17 -31.72 27.47
N LEU D 52 -19.26 -31.83 28.78
CA LEU D 52 -20.21 -31.04 29.55
C LEU D 52 -19.53 -30.31 30.70
N TYR D 53 -19.82 -29.01 30.80
CA TYR D 53 -19.28 -28.19 31.87
C TYR D 53 -20.51 -27.73 32.63
N LYS D 54 -20.63 -28.14 33.89
CA LYS D 54 -21.78 -27.77 34.70
C LYS D 54 -23.08 -28.07 33.96
N GLY D 55 -23.16 -29.26 33.38
CA GLY D 55 -24.37 -29.66 32.67
C GLY D 55 -24.54 -29.08 31.29
N VAL D 56 -23.60 -28.23 30.87
CA VAL D 56 -23.70 -27.61 29.55
C VAL D 56 -22.65 -28.14 28.58
N PRO D 57 -23.06 -28.45 27.34
CA PRO D 57 -22.12 -28.97 26.34
C PRO D 57 -21.10 -27.91 25.89
N VAL D 58 -19.83 -28.26 25.97
CA VAL D 58 -18.75 -27.35 25.56
C VAL D 58 -17.68 -28.07 24.75
N SER D 59 -17.36 -27.51 23.59
CA SER D 59 -16.33 -28.08 22.73
C SER D 59 -15.02 -27.32 22.92
N VAL D 60 -13.91 -28.04 22.84
CA VAL D 60 -12.57 -27.47 22.98
C VAL D 60 -11.85 -27.87 21.70
N GLN D 61 -11.67 -26.91 20.80
CA GLN D 61 -11.05 -27.18 19.51
C GLN D 61 -9.69 -26.53 19.27
N THR D 62 -8.72 -27.36 18.89
CA THR D 62 -7.37 -26.90 18.58
C THR D 62 -7.39 -26.11 17.26
N THR D 63 -6.77 -24.94 17.24
CA THR D 63 -6.75 -24.11 16.03
C THR D 63 -5.45 -24.22 15.28
N GLY D 64 -4.37 -24.44 16.03
CA GLY D 64 -3.05 -24.51 15.45
C GLY D 64 -2.45 -23.13 15.65
N MET D 65 -1.26 -22.86 15.11
CA MET D 65 -0.65 -21.55 15.28
C MET D 65 -0.80 -20.70 14.03
N GLY D 66 -1.11 -19.42 14.25
CA GLY D 66 -1.27 -18.50 13.14
C GLY D 66 -2.72 -18.33 12.71
N THR D 67 -3.06 -17.13 12.23
CA THR D 67 -4.42 -16.86 11.80
C THR D 67 -4.84 -17.73 10.60
N PRO D 68 -3.88 -18.13 9.74
CA PRO D 68 -4.26 -18.96 8.59
C PRO D 68 -4.88 -20.29 9.05
N SER D 69 -4.24 -20.89 10.03
CA SER D 69 -4.72 -22.15 10.59
C SER D 69 -6.00 -21.89 11.37
N ALA D 70 -5.95 -20.90 12.25
CA ALA D 70 -7.12 -20.53 13.05
C ALA D 70 -8.33 -20.18 12.19
N ALA D 71 -8.11 -19.44 11.11
CA ALA D 71 -9.22 -19.04 10.23
C ALA D 71 -9.91 -20.25 9.61
N ILE D 72 -9.12 -21.28 9.30
CA ILE D 72 -9.67 -22.49 8.70
C ILE D 72 -10.51 -23.22 9.73
N VAL D 73 -10.00 -23.34 10.95
CA VAL D 73 -10.71 -24.01 12.03
C VAL D 73 -11.98 -23.25 12.42
N VAL D 74 -11.90 -21.93 12.50
CA VAL D 74 -13.07 -21.13 12.86
C VAL D 74 -14.14 -21.20 11.77
N GLU D 75 -13.74 -21.08 10.51
CA GLU D 75 -14.69 -21.14 9.41
C GLU D 75 -15.44 -22.47 9.40
N GLU D 76 -14.73 -23.57 9.69
CA GLU D 76 -15.36 -24.89 9.71
C GLU D 76 -16.25 -25.10 10.93
N LEU D 77 -15.81 -24.63 12.10
CA LEU D 77 -16.60 -24.77 13.32
C LEU D 77 -17.95 -24.08 13.14
N VAL D 78 -17.94 -22.91 12.51
CA VAL D 78 -19.17 -22.17 12.27
C VAL D 78 -20.08 -23.00 11.38
N ARG D 79 -19.47 -23.76 10.46
CA ARG D 79 -20.22 -24.63 9.57
C ARG D 79 -20.78 -25.81 10.35
N LEU D 80 -20.10 -26.17 11.43
CA LEU D 80 -20.55 -27.28 12.27
C LEU D 80 -21.58 -26.79 13.29
N GLY D 81 -21.80 -25.48 13.33
CA GLY D 81 -22.78 -24.93 14.25
C GLY D 81 -22.27 -24.20 15.47
N ALA D 82 -20.99 -23.84 15.49
CA ALA D 82 -20.44 -23.11 16.64
C ALA D 82 -21.09 -21.73 16.66
N ARG D 83 -21.52 -21.28 17.83
CA ARG D 83 -22.17 -19.98 17.99
C ARG D 83 -21.35 -19.03 18.87
N VAL D 84 -20.67 -19.60 19.87
CA VAL D 84 -19.84 -18.82 20.78
C VAL D 84 -18.45 -19.41 20.86
N LEU D 85 -17.48 -18.74 20.27
CA LEU D 85 -16.10 -19.22 20.27
C LEU D 85 -15.16 -18.27 21.01
N VAL D 86 -14.56 -18.76 22.09
CA VAL D 86 -13.63 -17.96 22.87
C VAL D 86 -12.24 -18.58 22.85
N ARG D 87 -11.28 -17.81 22.34
CA ARG D 87 -9.91 -18.28 22.27
C ARG D 87 -9.26 -18.21 23.64
N VAL D 88 -8.55 -19.28 24.00
CA VAL D 88 -7.84 -19.36 25.27
C VAL D 88 -6.38 -19.64 24.89
N GLY D 89 -5.60 -18.58 24.75
CA GLY D 89 -4.22 -18.76 24.37
C GLY D 89 -3.20 -18.03 25.20
N THR D 90 -1.97 -18.04 24.73
CA THR D 90 -0.88 -17.38 25.42
C THR D 90 -0.42 -16.20 24.57
N ALA D 91 0.34 -15.30 25.17
CA ALA D 91 0.82 -14.15 24.43
C ALA D 91 2.16 -13.69 24.96
N GLY D 92 2.87 -12.90 24.16
CA GLY D 92 4.16 -12.38 24.55
C GLY D 92 4.01 -10.92 24.92
N ALA D 93 4.35 -10.59 26.15
CA ALA D 93 4.25 -9.21 26.65
C ALA D 93 5.05 -8.25 25.79
N ALA D 94 4.44 -7.13 25.42
CA ALA D 94 5.12 -6.12 24.63
C ALA D 94 5.62 -5.06 25.60
N SER D 95 5.11 -5.12 26.83
CA SER D 95 5.47 -4.17 27.88
C SER D 95 6.37 -4.85 28.91
N SER D 96 6.81 -4.08 29.90
CA SER D 96 7.66 -4.61 30.96
C SER D 96 6.83 -4.78 32.23
N ASP D 97 5.69 -4.09 32.27
CA ASP D 97 4.81 -4.16 33.43
C ASP D 97 3.93 -5.39 33.38
N LEU D 98 4.02 -6.15 32.30
CA LEU D 98 3.24 -7.37 32.16
C LEU D 98 4.08 -8.57 32.57
N ALA D 99 3.70 -9.19 33.68
CA ALA D 99 4.41 -10.35 34.19
C ALA D 99 3.77 -11.64 33.69
N PRO D 100 4.59 -12.69 33.46
CA PRO D 100 4.07 -13.97 32.99
C PRO D 100 3.00 -14.50 33.94
N GLY D 101 1.93 -15.04 33.39
CA GLY D 101 0.85 -15.56 34.21
C GLY D 101 -0.32 -14.60 34.26
N GLU D 102 -0.05 -13.32 34.07
CA GLU D 102 -1.11 -12.33 34.09
C GLU D 102 -2.04 -12.56 32.92
N LEU D 103 -3.33 -12.39 33.15
CA LEU D 103 -4.32 -12.60 32.10
C LEU D 103 -4.61 -11.32 31.33
N ILE D 104 -5.11 -11.49 30.12
CA ILE D 104 -5.45 -10.35 29.28
C ILE D 104 -6.76 -10.61 28.54
N VAL D 105 -7.77 -9.81 28.85
CA VAL D 105 -9.05 -9.93 28.16
C VAL D 105 -8.90 -9.00 26.97
N ALA D 106 -8.81 -9.57 25.77
CA ALA D 106 -8.63 -8.80 24.55
C ALA D 106 -9.83 -7.94 24.16
N GLN D 107 -9.65 -6.62 24.24
CA GLN D 107 -10.68 -5.66 23.87
C GLN D 107 -10.68 -5.51 22.35
N GLY D 108 -9.54 -5.80 21.73
CA GLY D 108 -9.41 -5.71 20.29
C GLY D 108 -8.10 -6.32 19.88
N ALA D 109 -7.89 -6.51 18.58
CA ALA D 109 -6.64 -7.10 18.09
C ALA D 109 -6.08 -6.36 16.88
N VAL D 110 -4.90 -5.76 17.03
CA VAL D 110 -4.29 -5.07 15.91
C VAL D 110 -4.00 -6.12 14.84
N PRO D 111 -4.56 -5.93 13.63
CA PRO D 111 -4.34 -6.90 12.55
C PRO D 111 -3.02 -6.74 11.79
N LEU D 112 -1.98 -7.41 12.25
CA LEU D 112 -0.69 -7.35 11.56
C LEU D 112 -0.53 -8.62 10.72
N ASP D 113 -1.59 -9.41 10.61
CA ASP D 113 -1.56 -10.68 9.87
C ASP D 113 -2.09 -10.54 8.45
N GLY D 114 -1.71 -11.49 7.59
CA GLY D 114 -2.15 -11.46 6.21
C GLY D 114 -3.51 -12.10 5.97
N THR D 115 -3.99 -12.86 6.94
CA THR D 115 -5.28 -13.52 6.80
C THR D 115 -6.41 -12.49 6.80
N THR D 116 -6.47 -11.64 7.83
CA THR D 116 -7.50 -10.62 7.89
C THR D 116 -7.34 -9.71 6.68
N ARG D 117 -6.10 -9.43 6.32
CA ARG D 117 -5.80 -8.58 5.19
C ARG D 117 -6.42 -9.15 3.91
N GLN D 118 -6.31 -10.46 3.73
CA GLN D 118 -6.86 -11.10 2.55
C GLN D 118 -8.40 -11.04 2.53
N TYR D 119 -9.01 -11.38 3.66
CA TYR D 119 -10.47 -11.33 3.76
C TYR D 119 -10.97 -9.89 3.56
N LEU D 120 -10.21 -8.92 4.03
CA LEU D 120 -10.59 -7.51 3.91
C LEU D 120 -10.15 -6.87 2.61
N GLU D 121 -9.39 -7.61 1.81
CA GLU D 121 -8.89 -7.09 0.55
C GLU D 121 -8.04 -5.84 0.78
N GLY D 122 -7.17 -5.91 1.78
CA GLY D 122 -6.28 -4.80 2.08
C GLY D 122 -6.88 -3.56 2.72
N ARG D 123 -8.15 -3.61 3.10
CA ARG D 123 -8.79 -2.44 3.71
C ARG D 123 -8.58 -2.38 5.21
N PRO D 124 -8.61 -1.16 5.78
CA PRO D 124 -8.42 -0.99 7.22
C PRO D 124 -9.57 -1.64 7.99
N TYR D 125 -9.30 -2.03 9.23
CA TYR D 125 -10.32 -2.66 10.06
C TYR D 125 -9.90 -2.57 11.51
N ALA D 126 -10.85 -2.80 12.41
CA ALA D 126 -10.59 -2.76 13.83
C ALA D 126 -11.20 -4.01 14.46
N PRO D 127 -10.44 -5.12 14.46
CA PRO D 127 -10.85 -6.42 15.00
C PRO D 127 -11.25 -6.32 16.46
N VAL D 128 -12.50 -6.67 16.76
CA VAL D 128 -13.00 -6.62 18.13
C VAL D 128 -13.88 -7.84 18.41
N PRO D 129 -13.91 -8.31 19.67
CA PRO D 129 -14.74 -9.46 20.00
C PRO D 129 -16.21 -9.09 20.01
N ASP D 130 -17.05 -10.08 20.27
CA ASP D 130 -18.47 -9.81 20.37
C ASP D 130 -18.60 -8.99 21.66
N PRO D 131 -19.37 -7.89 21.63
CA PRO D 131 -19.49 -7.11 22.87
C PRO D 131 -19.92 -7.88 24.12
N GLU D 132 -20.95 -8.71 24.00
CA GLU D 132 -21.40 -9.48 25.16
C GLU D 132 -20.32 -10.41 25.72
N VAL D 133 -19.70 -11.20 24.86
CA VAL D 133 -18.66 -12.13 25.27
C VAL D 133 -17.55 -11.38 26.01
N PHE D 134 -17.13 -10.26 25.43
CA PHE D 134 -16.09 -9.42 26.01
C PHE D 134 -16.42 -9.06 27.46
N ARG D 135 -17.61 -8.52 27.66
CA ARG D 135 -18.08 -8.14 29.00
C ARG D 135 -18.13 -9.34 29.96
N ALA D 136 -18.53 -10.48 29.42
CA ALA D 136 -18.62 -11.71 30.21
C ALA D 136 -17.25 -12.10 30.75
N LEU D 137 -16.25 -12.17 29.86
CA LEU D 137 -14.91 -12.53 30.26
C LEU D 137 -14.36 -11.53 31.27
N TRP D 138 -14.55 -10.25 30.98
CA TRP D 138 -14.08 -9.19 31.87
C TRP D 138 -14.75 -9.33 33.23
N ARG D 139 -16.08 -9.47 33.24
CA ARG D 139 -16.82 -9.62 34.49
C ARG D 139 -16.38 -10.85 35.28
N ARG D 140 -16.25 -11.99 34.61
CA ARG D 140 -15.82 -13.20 35.29
C ARG D 140 -14.42 -13.05 35.88
N ALA D 141 -13.52 -12.45 35.11
CA ALA D 141 -12.16 -12.24 35.59
C ALA D 141 -12.19 -11.45 36.90
N GLU D 142 -13.01 -10.41 36.95
CA GLU D 142 -13.12 -9.58 38.14
C GLU D 142 -13.71 -10.37 39.30
N ALA D 143 -14.77 -11.12 39.03
CA ALA D 143 -15.44 -11.92 40.05
C ALA D 143 -14.47 -12.92 40.68
N LEU D 144 -13.73 -13.63 39.83
CA LEU D 144 -12.78 -14.63 40.31
C LEU D 144 -11.53 -14.00 40.92
N GLY D 145 -11.46 -12.67 40.89
CA GLY D 145 -10.33 -11.98 41.46
C GLY D 145 -8.98 -12.36 40.87
N TYR D 146 -8.97 -12.78 39.62
CA TYR D 146 -7.73 -13.15 38.96
C TYR D 146 -7.08 -11.91 38.35
N PRO D 147 -5.79 -11.66 38.68
CA PRO D 147 -5.06 -10.50 38.14
C PRO D 147 -5.13 -10.48 36.62
N HIS D 148 -5.59 -9.35 36.07
CA HIS D 148 -5.74 -9.25 34.63
C HIS D 148 -5.67 -7.83 34.07
N ARG D 149 -5.68 -7.74 32.75
CA ARG D 149 -5.66 -6.47 32.05
C ARG D 149 -6.71 -6.54 30.96
N VAL D 150 -7.23 -5.39 30.57
CA VAL D 150 -8.23 -5.31 29.51
C VAL D 150 -7.68 -4.31 28.51
N GLY D 151 -7.45 -4.77 27.29
CA GLY D 151 -6.91 -3.88 26.28
C GLY D 151 -6.60 -4.56 24.96
N LEU D 152 -5.69 -3.96 24.21
CA LEU D 152 -5.30 -4.47 22.90
C LEU D 152 -4.15 -5.46 22.90
N VAL D 153 -4.19 -6.35 21.93
CA VAL D 153 -3.14 -7.32 21.69
C VAL D 153 -2.89 -7.12 20.20
N ALA D 154 -1.83 -7.72 19.69
CA ALA D 154 -1.53 -7.60 18.27
C ALA D 154 -1.37 -9.00 17.71
N SER D 155 -2.07 -9.28 16.61
CA SER D 155 -1.99 -10.59 15.97
C SER D 155 -0.95 -10.51 14.87
N GLU D 156 0.17 -11.21 15.08
CA GLU D 156 1.27 -11.21 14.11
C GLU D 156 1.40 -12.51 13.33
N ASP D 157 2.17 -12.44 12.25
CA ASP D 157 2.42 -13.58 11.38
C ASP D 157 3.84 -14.10 11.61
N ALA D 158 4.81 -13.19 11.62
CA ALA D 158 6.22 -13.58 11.78
C ALA D 158 6.68 -13.58 13.23
N PHE D 159 6.50 -14.71 13.89
CA PHE D 159 6.90 -14.87 15.28
C PHE D 159 8.35 -14.39 15.50
N TYR D 160 9.26 -14.87 14.67
CA TYR D 160 10.67 -14.50 14.81
C TYR D 160 11.13 -13.23 14.13
N ALA D 161 10.20 -12.39 13.70
CA ALA D 161 10.59 -11.15 13.05
C ALA D 161 10.45 -9.97 14.01
N THR D 162 9.56 -10.11 14.99
CA THR D 162 9.31 -9.06 15.96
C THR D 162 10.46 -8.88 16.96
N THR D 163 10.98 -7.66 17.02
CA THR D 163 12.07 -7.34 17.93
C THR D 163 11.54 -6.65 19.19
N PRO D 164 12.32 -6.66 20.28
CA PRO D 164 11.89 -6.02 21.52
C PRO D 164 11.64 -4.53 21.27
N GLU D 165 12.46 -3.96 20.39
CA GLU D 165 12.34 -2.55 20.05
C GLU D 165 11.00 -2.24 19.40
N GLU D 166 10.59 -3.06 18.44
CA GLU D 166 9.33 -2.86 17.76
C GLU D 166 8.18 -3.08 18.74
N ALA D 167 8.32 -4.09 19.59
CA ALA D 167 7.30 -4.41 20.58
C ALA D 167 7.11 -3.26 21.57
N ARG D 168 8.19 -2.60 21.94
CA ARG D 168 8.08 -1.47 22.87
C ARG D 168 7.37 -0.33 22.18
N ALA D 169 7.65 -0.14 20.89
CA ALA D 169 7.02 0.92 20.12
C ALA D 169 5.50 0.72 20.08
N TRP D 170 5.08 -0.50 19.80
CA TRP D 170 3.66 -0.83 19.74
C TRP D 170 2.97 -0.65 21.08
N ALA D 171 3.70 -0.95 22.16
CA ALA D 171 3.19 -0.83 23.51
C ALA D 171 2.75 0.60 23.80
N ARG D 172 3.45 1.57 23.20
CA ARG D 172 3.13 2.97 23.41
C ARG D 172 1.83 3.36 22.70
N TYR D 173 1.30 2.46 21.88
CA TYR D 173 0.07 2.72 21.15
C TYR D 173 -1.07 1.88 21.75
N GLY D 174 -0.82 1.32 22.92
CA GLY D 174 -1.83 0.52 23.59
C GLY D 174 -1.71 -0.98 23.47
N VAL D 175 -0.77 -1.49 22.68
CA VAL D 175 -0.63 -2.93 22.55
C VAL D 175 -0.03 -3.53 23.80
N LEU D 176 -0.79 -4.43 24.44
CA LEU D 176 -0.35 -5.07 25.67
C LEU D 176 0.55 -6.27 25.40
N ALA D 177 0.18 -7.07 24.39
CA ALA D 177 0.97 -8.25 24.06
C ALA D 177 0.75 -8.71 22.63
N PHE D 178 1.64 -9.58 22.17
CA PHE D 178 1.56 -10.13 20.82
C PHE D 178 1.14 -11.59 20.86
N GLU D 179 0.23 -11.95 19.98
CA GLU D 179 -0.25 -13.32 19.86
C GLU D 179 -0.43 -13.58 18.37
N MET D 180 -0.98 -14.72 17.98
CA MET D 180 -1.09 -15.01 16.55
C MET D 180 -2.42 -15.59 16.06
N GLU D 181 -3.56 -15.14 16.60
CA GLU D 181 -4.84 -15.69 16.16
C GLU D 181 -6.09 -14.83 16.33
N ALA D 182 -6.11 -14.00 17.39
CA ALA D 182 -7.26 -13.17 17.71
C ALA D 182 -7.91 -12.34 16.59
N SER D 183 -7.09 -11.61 15.82
CA SER D 183 -7.64 -10.76 14.76
C SER D 183 -8.58 -11.48 13.79
N ALA D 184 -8.14 -12.59 13.24
CA ALA D 184 -8.95 -13.36 12.29
C ALA D 184 -10.24 -13.86 12.94
N LEU D 185 -10.13 -14.32 14.18
CA LEU D 185 -11.28 -14.83 14.93
C LEU D 185 -12.32 -13.72 15.05
N PHE D 186 -11.90 -12.55 15.52
CA PHE D 186 -12.81 -11.41 15.68
C PHE D 186 -13.45 -11.02 14.34
N LEU D 187 -12.64 -10.93 13.30
CA LEU D 187 -13.16 -10.57 11.98
C LEU D 187 -14.21 -11.57 11.52
N LEU D 188 -13.86 -12.86 11.57
CA LEU D 188 -14.81 -13.89 11.16
C LEU D 188 -16.06 -13.87 12.02
N GLY D 189 -15.93 -13.49 13.29
CA GLY D 189 -17.09 -13.43 14.16
C GLY D 189 -18.15 -12.52 13.59
N ARG D 190 -17.72 -11.35 13.11
CA ARG D 190 -18.61 -10.38 12.51
C ARG D 190 -19.09 -10.83 11.13
N MET D 191 -18.15 -11.34 10.33
CA MET D 191 -18.48 -11.81 8.98
C MET D 191 -19.48 -12.97 8.98
N ARG D 192 -19.28 -13.94 9.87
CA ARG D 192 -20.17 -15.10 9.91
C ARG D 192 -21.32 -15.00 10.91
N GLY D 193 -21.43 -13.85 11.57
CA GLY D 193 -22.51 -13.63 12.53
C GLY D 193 -22.49 -14.47 13.79
N VAL D 194 -21.31 -14.73 14.34
CA VAL D 194 -21.19 -15.51 15.56
C VAL D 194 -20.53 -14.66 16.64
N ARG D 195 -20.60 -15.13 17.89
CA ARG D 195 -20.00 -14.41 19.01
C ARG D 195 -18.62 -14.96 19.29
N THR D 196 -17.64 -14.07 19.37
CA THR D 196 -16.27 -14.49 19.64
C THR D 196 -15.65 -13.63 20.72
N GLY D 197 -14.57 -14.14 21.29
CA GLY D 197 -13.86 -13.43 22.34
C GLY D 197 -12.50 -14.08 22.51
N ALA D 198 -11.64 -13.44 23.30
CA ALA D 198 -10.32 -14.00 23.52
C ALA D 198 -9.72 -13.52 24.84
N ILE D 199 -9.15 -14.47 25.56
CA ILE D 199 -8.48 -14.17 26.83
C ILE D 199 -7.12 -14.82 26.69
N LEU D 200 -6.09 -14.15 27.20
CA LEU D 200 -4.75 -14.67 27.06
C LEU D 200 -3.96 -14.67 28.37
N ALA D 201 -3.03 -15.62 28.46
CA ALA D 201 -2.16 -15.75 29.62
C ALA D 201 -0.76 -15.43 29.13
N VAL D 202 -0.12 -14.43 29.73
CA VAL D 202 1.23 -14.06 29.31
C VAL D 202 2.23 -15.14 29.65
N SER D 203 2.89 -15.66 28.63
CA SER D 203 3.87 -16.73 28.81
C SER D 203 5.32 -16.25 28.74
N ASN D 204 5.51 -14.99 28.35
CA ASN D 204 6.85 -14.45 28.23
C ASN D 204 6.83 -12.99 27.80
N ARG D 205 8.01 -12.46 27.51
CA ARG D 205 8.18 -11.10 27.04
C ARG D 205 8.99 -11.17 25.76
N ILE D 206 8.58 -10.40 24.76
CA ILE D 206 9.29 -10.41 23.48
C ILE D 206 10.78 -10.18 23.66
N GLY D 207 11.56 -11.17 23.23
CA GLY D 207 13.01 -11.08 23.34
C GLY D 207 13.53 -12.28 24.12
N ASP D 208 12.68 -12.84 24.98
CA ASP D 208 13.04 -13.99 25.79
C ASP D 208 13.22 -15.24 24.95
N PRO D 209 14.35 -15.94 25.11
CA PRO D 209 14.64 -17.16 24.35
C PRO D 209 13.76 -18.32 24.83
N GLU D 210 13.32 -18.25 26.08
CA GLU D 210 12.47 -19.28 26.66
C GLU D 210 11.22 -18.68 27.32
N LEU D 211 10.24 -19.53 27.60
CA LEU D 211 9.00 -19.10 28.22
C LEU D 211 9.17 -19.00 29.73
N ALA D 212 8.09 -18.62 30.43
CA ALA D 212 8.13 -18.49 31.87
C ALA D 212 8.05 -19.88 32.53
N PRO D 213 8.44 -19.98 33.81
CA PRO D 213 8.40 -21.25 34.54
C PRO D 213 7.06 -21.96 34.36
N PRO D 214 7.09 -23.23 33.93
CA PRO D 214 5.86 -24.01 33.73
C PRO D 214 4.87 -23.88 34.88
N GLU D 215 5.40 -23.73 36.09
CA GLU D 215 4.57 -23.59 37.27
C GLU D 215 3.70 -22.35 37.18
N VAL D 216 4.35 -21.19 37.09
CA VAL D 216 3.65 -19.91 37.00
C VAL D 216 2.76 -19.86 35.77
N LEU D 217 3.29 -20.35 34.66
CA LEU D 217 2.55 -20.35 33.40
C LEU D 217 1.31 -21.23 33.45
N GLN D 218 1.43 -22.42 34.05
CA GLN D 218 0.31 -23.35 34.14
C GLN D 218 -0.87 -22.78 34.92
N GLU D 219 -0.59 -22.03 35.98
CA GLU D 219 -1.65 -21.44 36.79
C GLU D 219 -2.44 -20.45 35.93
N GLY D 220 -1.71 -19.65 35.15
CA GLY D 220 -2.35 -18.67 34.30
C GLY D 220 -3.32 -19.34 33.36
N VAL D 221 -2.90 -20.46 32.75
CA VAL D 221 -3.76 -21.19 31.84
C VAL D 221 -5.00 -21.68 32.57
N ARG D 222 -4.81 -22.16 33.79
CA ARG D 222 -5.90 -22.68 34.61
C ARG D 222 -6.95 -21.57 34.81
N ARG D 223 -6.52 -20.43 35.33
CA ARG D 223 -7.40 -19.30 35.58
C ARG D 223 -8.09 -18.86 34.29
N MET D 224 -7.31 -18.76 33.23
CA MET D 224 -7.80 -18.36 31.92
C MET D 224 -8.95 -19.25 31.47
N VAL D 225 -8.74 -20.56 31.52
CA VAL D 225 -9.76 -21.50 31.09
C VAL D 225 -11.01 -21.40 31.96
N GLU D 226 -10.81 -21.21 33.25
CA GLU D 226 -11.93 -21.10 34.18
C GLU D 226 -12.79 -19.91 33.77
N VAL D 227 -12.15 -18.77 33.56
CA VAL D 227 -12.85 -17.56 33.15
C VAL D 227 -13.64 -17.81 31.87
N ALA D 228 -12.96 -18.33 30.85
CA ALA D 228 -13.55 -18.61 29.56
C ALA D 228 -14.75 -19.55 29.64
N LEU D 229 -14.60 -20.66 30.36
CA LEU D 229 -15.69 -21.62 30.51
C LEU D 229 -16.90 -20.97 31.16
N GLU D 230 -16.67 -20.25 32.26
CA GLU D 230 -17.74 -19.55 32.95
C GLU D 230 -18.45 -18.64 31.96
N ALA D 231 -17.66 -17.80 31.29
CA ALA D 231 -18.16 -16.84 30.32
C ALA D 231 -18.98 -17.40 29.16
N VAL D 232 -18.50 -18.47 28.52
CA VAL D 232 -19.24 -19.03 27.40
C VAL D 232 -20.64 -19.51 27.78
N LEU D 233 -20.84 -19.87 29.04
CA LEU D 233 -22.14 -20.32 29.49
C LEU D 233 -23.12 -19.16 29.63
N GLU D 234 -22.62 -18.01 30.07
CA GLU D 234 -23.45 -16.82 30.27
C GLU D 234 -23.95 -16.17 28.99
N VAL D 235 -23.57 -16.70 27.84
CA VAL D 235 -24.01 -16.14 26.57
C VAL D 235 -24.58 -17.22 25.65
N SER E 2 -0.79 28.81 26.26
CA SER E 2 -2.11 28.72 25.59
C SER E 2 -1.94 28.06 24.22
N PRO E 3 -2.67 26.96 23.96
CA PRO E 3 -2.60 26.24 22.68
C PRO E 3 -2.89 27.13 21.48
N ILE E 4 -2.46 26.69 20.31
CA ILE E 4 -2.65 27.46 19.08
C ILE E 4 -4.09 27.60 18.61
N HIS E 5 -4.85 26.51 18.66
CA HIS E 5 -6.23 26.54 18.17
C HIS E 5 -7.28 26.75 19.26
N VAL E 6 -7.22 25.95 20.32
CA VAL E 6 -8.15 26.10 21.43
C VAL E 6 -7.43 27.02 22.41
N ARG E 7 -7.60 28.33 22.22
CA ARG E 7 -6.92 29.31 23.07
C ARG E 7 -7.51 29.39 24.48
N ALA E 8 -7.12 28.44 25.31
CA ALA E 8 -7.58 28.38 26.68
C ALA E 8 -6.42 28.20 27.65
N HIS E 9 -6.73 28.39 28.93
CA HIS E 9 -5.78 28.26 30.01
C HIS E 9 -6.09 26.93 30.71
N PRO E 10 -5.09 26.28 31.31
CA PRO E 10 -5.29 24.99 32.00
C PRO E 10 -6.47 25.00 32.96
N GLY E 11 -6.66 26.12 33.67
CA GLY E 11 -7.75 26.22 34.62
C GLY E 11 -9.12 26.34 33.98
N ASP E 12 -9.17 26.47 32.67
CA ASP E 12 -10.45 26.60 31.96
C ASP E 12 -11.12 25.26 31.68
N VAL E 13 -10.30 24.24 31.43
CA VAL E 13 -10.81 22.90 31.10
C VAL E 13 -10.79 21.92 32.27
N ALA E 14 -11.90 21.21 32.45
CA ALA E 14 -12.04 20.22 33.52
C ALA E 14 -11.45 18.88 33.10
N GLU E 15 -11.35 17.95 34.05
CA GLU E 15 -10.80 16.63 33.74
C GLU E 15 -11.73 15.82 32.85
N ARG E 16 -13.03 16.08 32.96
CA ARG E 16 -14.03 15.37 32.17
C ARG E 16 -14.54 16.29 31.06
N VAL E 17 -14.50 15.78 29.83
CA VAL E 17 -14.89 16.57 28.66
C VAL E 17 -15.79 15.79 27.68
N LEU E 18 -16.83 16.46 27.18
CA LEU E 18 -17.71 15.85 26.19
C LEU E 18 -17.28 16.53 24.89
N LEU E 19 -17.14 15.73 23.82
CA LEU E 19 -16.69 16.29 22.55
C LEU E 19 -17.67 16.27 21.40
N PRO E 20 -18.54 17.29 21.32
CA PRO E 20 -19.49 17.29 20.20
C PRO E 20 -18.73 17.87 18.99
N GLY E 21 -19.12 17.49 17.78
CA GLY E 21 -18.43 18.02 16.62
C GLY E 21 -18.99 19.37 16.23
N ASP E 22 -20.29 19.53 16.43
CA ASP E 22 -21.00 20.76 16.09
C ASP E 22 -21.00 21.78 17.24
N PRO E 23 -20.51 23.01 16.98
CA PRO E 23 -20.47 24.06 18.00
C PRO E 23 -21.84 24.44 18.55
N GLY E 24 -22.86 24.38 17.69
CA GLY E 24 -24.19 24.70 18.13
C GLY E 24 -24.65 23.68 19.17
N ARG E 25 -24.20 22.44 19.02
CA ARG E 25 -24.58 21.41 19.98
C ARG E 25 -23.82 21.59 21.28
N ALA E 26 -22.58 22.08 21.20
CA ALA E 26 -21.78 22.31 22.39
C ALA E 26 -22.47 23.34 23.29
N GLU E 27 -22.99 24.39 22.66
CA GLU E 27 -23.69 25.46 23.38
C GLU E 27 -25.01 24.95 23.99
N TRP E 28 -25.78 24.20 23.21
CA TRP E 28 -27.05 23.66 23.68
C TRP E 28 -26.80 22.79 24.90
N ILE E 29 -25.78 21.95 24.81
CA ILE E 29 -25.42 21.06 25.90
C ILE E 29 -25.07 21.85 27.16
N ALA E 30 -24.21 22.84 27.00
CA ALA E 30 -23.77 23.66 28.12
C ALA E 30 -24.94 24.38 28.81
N LYS E 31 -25.88 24.84 28.00
CA LYS E 31 -27.02 25.56 28.54
C LYS E 31 -28.12 24.65 29.07
N THR E 32 -28.24 23.48 28.48
CA THR E 32 -29.27 22.54 28.89
C THR E 32 -28.91 21.64 30.07
N PHE E 33 -27.64 21.29 30.21
CA PHE E 33 -27.25 20.39 31.30
C PHE E 33 -26.30 20.94 32.34
N LEU E 34 -25.61 22.03 32.02
CA LEU E 34 -24.63 22.57 32.96
C LEU E 34 -25.04 23.76 33.84
N GLN E 35 -24.60 23.69 35.09
CA GLN E 35 -24.86 24.75 36.05
C GLN E 35 -23.76 25.78 35.92
N ASN E 36 -24.13 27.04 35.73
CA ASN E 36 -23.15 28.12 35.61
C ASN E 36 -22.17 27.88 34.46
N PRO E 37 -22.68 27.54 33.27
CA PRO E 37 -21.80 27.30 32.13
C PRO E 37 -21.05 28.55 31.70
N ARG E 38 -19.78 28.38 31.32
CA ARG E 38 -18.96 29.50 30.89
C ARG E 38 -18.16 29.11 29.67
N ARG E 39 -18.18 29.96 28.64
CA ARG E 39 -17.42 29.67 27.44
C ARG E 39 -15.99 30.15 27.63
N TYR E 40 -15.03 29.25 27.48
CA TYR E 40 -13.64 29.62 27.67
C TYR E 40 -12.91 29.83 26.35
N ASN E 41 -13.58 29.53 25.24
CA ASN E 41 -12.96 29.71 23.92
C ASN E 41 -13.96 29.73 22.78
N ASP E 42 -13.70 30.57 21.79
CA ASP E 42 -14.54 30.64 20.61
C ASP E 42 -13.63 30.85 19.39
N HIS E 43 -12.32 30.83 19.63
CA HIS E 43 -11.36 31.00 18.54
C HIS E 43 -11.54 29.88 17.51
N ARG E 44 -11.55 30.26 16.23
CA ARG E 44 -11.74 29.33 15.11
C ARG E 44 -13.07 28.59 15.19
N GLY E 45 -14.01 29.13 15.96
CA GLY E 45 -15.32 28.52 16.08
C GLY E 45 -15.34 27.27 16.93
N LEU E 46 -14.21 26.95 17.55
CA LEU E 46 -14.13 25.77 18.40
C LEU E 46 -14.67 26.09 19.80
N TRP E 47 -15.95 26.47 19.86
CA TRP E 47 -16.61 26.82 21.12
C TRP E 47 -16.43 25.80 22.25
N GLY E 48 -15.87 26.26 23.37
CA GLY E 48 -15.65 25.39 24.50
C GLY E 48 -16.25 25.95 25.78
N TYR E 49 -16.98 25.11 26.52
CA TYR E 49 -17.62 25.53 27.75
C TYR E 49 -17.22 24.66 28.92
N THR E 50 -17.35 25.22 30.11
CA THR E 50 -17.08 24.51 31.35
C THR E 50 -18.14 24.89 32.35
N GLY E 51 -18.70 23.89 33.02
CA GLY E 51 -19.73 24.15 34.00
C GLY E 51 -19.78 23.00 34.97
N LEU E 52 -20.83 22.91 35.76
CA LEU E 52 -20.97 21.84 36.72
C LEU E 52 -22.13 20.92 36.38
N TYR E 53 -21.87 19.62 36.47
CA TYR E 53 -22.91 18.65 36.24
C TYR E 53 -22.99 17.90 37.56
N LYS E 54 -24.11 18.09 38.26
CA LYS E 54 -24.30 17.46 39.56
C LYS E 54 -23.08 17.70 40.45
N GLY E 55 -22.69 18.96 40.55
CA GLY E 55 -21.57 19.34 41.39
C GLY E 55 -20.19 18.93 40.92
N VAL E 56 -20.10 18.41 39.70
CA VAL E 56 -18.81 17.99 39.15
C VAL E 56 -18.47 18.82 37.90
N PRO E 57 -17.27 19.39 37.86
CA PRO E 57 -16.86 20.19 36.70
C PRO E 57 -16.86 19.34 35.44
N VAL E 58 -17.45 19.88 34.37
CA VAL E 58 -17.49 19.17 33.10
C VAL E 58 -17.34 20.18 31.97
N SER E 59 -16.41 19.91 31.07
CA SER E 59 -16.21 20.80 29.92
C SER E 59 -16.90 20.21 28.69
N VAL E 60 -17.21 21.07 27.73
CA VAL E 60 -17.85 20.68 26.47
C VAL E 60 -17.06 21.36 25.38
N GLN E 61 -16.25 20.60 24.66
CA GLN E 61 -15.42 21.17 23.62
C GLN E 61 -15.79 20.77 22.19
N THR E 62 -15.94 21.77 21.34
CA THR E 62 -16.25 21.56 19.93
C THR E 62 -15.00 21.01 19.25
N THR E 63 -15.16 19.98 18.42
CA THR E 63 -14.03 19.39 17.73
C THR E 63 -13.97 19.75 16.25
N GLY E 64 -15.11 20.16 15.68
CA GLY E 64 -15.13 20.45 14.26
C GLY E 64 -15.35 19.11 13.57
N MET E 65 -15.44 19.11 12.24
CA MET E 65 -15.66 17.86 11.51
C MET E 65 -14.37 17.26 10.95
N GLY E 66 -14.21 15.95 11.11
CA GLY E 66 -13.03 15.27 10.61
C GLY E 66 -11.96 14.98 11.63
N THR E 67 -11.24 13.86 11.45
CA THR E 67 -10.18 13.50 12.38
C THR E 67 -9.07 14.54 12.45
N PRO E 68 -8.80 15.26 11.35
CA PRO E 68 -7.74 16.29 11.42
C PRO E 68 -8.09 17.38 12.43
N SER E 69 -9.32 17.87 12.35
CA SER E 69 -9.80 18.91 13.25
C SER E 69 -9.91 18.38 14.68
N ALA E 70 -10.50 17.20 14.84
CA ALA E 70 -10.67 16.59 16.15
C ALA E 70 -9.34 16.24 16.83
N ALA E 71 -8.34 15.87 16.03
CA ALA E 71 -7.04 15.50 16.56
C ALA E 71 -6.37 16.72 17.18
N ILE E 72 -6.48 17.85 16.48
CA ILE E 72 -5.90 19.10 16.98
C ILE E 72 -6.54 19.49 18.31
N VAL E 73 -7.87 19.36 18.38
CA VAL E 73 -8.60 19.70 19.59
C VAL E 73 -8.25 18.76 20.75
N VAL E 74 -8.25 17.46 20.48
CA VAL E 74 -7.91 16.48 21.51
C VAL E 74 -6.48 16.66 22.00
N GLU E 75 -5.54 16.86 21.07
CA GLU E 75 -4.14 17.05 21.44
C GLU E 75 -4.02 18.25 22.36
N GLU E 76 -4.72 19.33 22.02
CA GLU E 76 -4.65 20.52 22.86
C GLU E 76 -5.39 20.35 24.18
N LEU E 77 -6.53 19.67 24.18
CA LEU E 77 -7.27 19.44 25.41
C LEU E 77 -6.42 18.61 26.37
N VAL E 78 -5.68 17.64 25.83
CA VAL E 78 -4.85 16.80 26.68
C VAL E 78 -3.74 17.65 27.32
N ARG E 79 -3.13 18.51 26.51
CA ARG E 79 -2.05 19.36 27.00
C ARG E 79 -2.58 20.31 28.08
N LEU E 80 -3.89 20.54 28.09
CA LEU E 80 -4.50 21.41 29.08
C LEU E 80 -5.04 20.66 30.30
N GLY E 81 -4.78 19.36 30.39
CA GLY E 81 -5.25 18.59 31.54
C GLY E 81 -6.47 17.68 31.38
N ALA E 82 -7.06 17.60 30.20
CA ALA E 82 -8.23 16.74 30.01
C ALA E 82 -7.85 15.29 30.29
N ARG E 83 -8.68 14.59 31.05
CA ARG E 83 -8.38 13.20 31.43
C ARG E 83 -9.38 12.19 30.89
N VAL E 84 -10.64 12.60 30.78
CA VAL E 84 -11.68 11.74 30.27
C VAL E 84 -12.40 12.50 29.18
N LEU E 85 -12.29 12.00 27.95
CA LEU E 85 -12.92 12.66 26.81
C LEU E 85 -13.89 11.73 26.10
N VAL E 86 -15.15 12.15 26.06
CA VAL E 86 -16.19 11.35 25.41
C VAL E 86 -16.84 12.13 24.28
N ARG E 87 -16.73 11.59 23.07
CA ARG E 87 -17.33 12.22 21.91
C ARG E 87 -18.83 11.97 21.91
N VAL E 88 -19.59 13.00 21.58
CA VAL E 88 -21.04 12.87 21.51
C VAL E 88 -21.41 13.47 20.15
N GLY E 89 -21.48 12.60 19.15
CA GLY E 89 -21.79 13.08 17.82
C GLY E 89 -22.89 12.30 17.13
N THR E 90 -23.01 12.50 15.82
CA THR E 90 -24.02 11.83 15.04
C THR E 90 -23.31 10.91 14.05
N ALA E 91 -24.06 10.03 13.40
CA ALA E 91 -23.48 9.11 12.44
C ALA E 91 -24.48 8.65 11.37
N GLY E 92 -23.96 8.18 10.25
CA GLY E 92 -24.82 7.70 9.18
C GLY E 92 -24.95 6.19 9.27
N ALA E 93 -26.17 5.71 9.45
CA ALA E 93 -26.42 4.28 9.55
C ALA E 93 -25.90 3.57 8.29
N ALA E 94 -25.21 2.45 8.48
CA ALA E 94 -24.66 1.70 7.36
C ALA E 94 -25.61 0.61 6.89
N SER E 95 -26.54 0.23 7.76
CA SER E 95 -27.50 -0.81 7.42
C SER E 95 -28.93 -0.32 7.55
N SER E 96 -29.89 -1.23 7.35
CA SER E 96 -31.30 -0.88 7.42
C SER E 96 -31.90 -1.12 8.81
N ASP E 97 -31.24 -1.93 9.63
CA ASP E 97 -31.76 -2.22 10.96
C ASP E 97 -31.52 -1.11 11.98
N LEU E 98 -30.99 0.02 11.53
CA LEU E 98 -30.74 1.15 12.42
C LEU E 98 -31.71 2.28 12.16
N ALA E 99 -32.51 2.63 13.16
CA ALA E 99 -33.49 3.69 13.04
C ALA E 99 -32.84 5.05 13.37
N PRO E 100 -33.45 6.15 12.89
CA PRO E 100 -32.89 7.48 13.17
C PRO E 100 -33.06 7.77 14.66
N GLY E 101 -32.05 8.37 15.28
CA GLY E 101 -32.14 8.66 16.70
C GLY E 101 -31.67 7.52 17.57
N GLU E 102 -31.37 6.38 16.96
CA GLU E 102 -30.90 5.24 17.71
C GLU E 102 -29.48 5.54 18.22
N LEU E 103 -29.16 5.05 19.40
CA LEU E 103 -27.85 5.29 19.98
C LEU E 103 -26.85 4.18 19.70
N ILE E 104 -25.60 4.57 19.53
CA ILE E 104 -24.54 3.62 19.30
C ILE E 104 -23.40 3.87 20.26
N VAL E 105 -23.05 2.85 21.03
CA VAL E 105 -21.93 2.95 21.96
C VAL E 105 -20.80 2.29 21.18
N ALA E 106 -19.84 3.11 20.75
CA ALA E 106 -18.72 2.64 19.95
C ALA E 106 -17.71 1.76 20.67
N GLN E 107 -17.67 0.49 20.26
CA GLN E 107 -16.75 -0.49 20.81
C GLN E 107 -15.39 -0.33 20.15
N GLY E 108 -15.41 0.20 18.92
CA GLY E 108 -14.18 0.40 18.18
C GLY E 108 -14.49 1.20 16.93
N ALA E 109 -13.46 1.70 16.27
CA ALA E 109 -13.67 2.49 15.05
C ALA E 109 -12.74 2.11 13.92
N VAL E 110 -13.32 1.63 12.82
CA VAL E 110 -12.54 1.25 11.65
C VAL E 110 -11.86 2.54 11.18
N PRO E 111 -10.52 2.55 11.11
CA PRO E 111 -9.74 3.71 10.68
C PRO E 111 -9.60 3.92 9.17
N LEU E 112 -10.62 4.52 8.57
CA LEU E 112 -10.60 4.80 7.14
C LEU E 112 -10.13 6.24 6.93
N ASP E 113 -9.45 6.80 7.93
CA ASP E 113 -8.99 8.20 7.87
C ASP E 113 -7.48 8.37 7.77
N GLY E 114 -7.05 9.51 7.25
CA GLY E 114 -5.64 9.77 7.09
C GLY E 114 -4.93 10.30 8.32
N THR E 115 -5.69 10.79 9.29
CA THR E 115 -5.08 11.31 10.52
C THR E 115 -4.46 10.17 11.32
N THR E 116 -5.22 9.12 11.56
CA THR E 116 -4.71 7.98 12.31
C THR E 116 -3.60 7.36 11.49
N ARG E 117 -3.79 7.32 10.18
CA ARG E 117 -2.81 6.74 9.28
C ARG E 117 -1.46 7.45 9.41
N GLN E 118 -1.48 8.78 9.52
CA GLN E 118 -0.24 9.52 9.64
C GLN E 118 0.43 9.25 10.98
N TYR E 119 -0.33 9.34 12.07
CA TYR E 119 0.22 9.08 13.40
C TYR E 119 0.83 7.68 13.49
N LEU E 120 0.24 6.74 12.77
CA LEU E 120 0.69 5.35 12.77
C LEU E 120 1.67 5.00 11.66
N GLU E 121 2.06 6.01 10.88
CA GLU E 121 2.99 5.79 9.78
C GLU E 121 2.50 4.66 8.85
N GLY E 122 1.18 4.60 8.66
CA GLY E 122 0.59 3.61 7.79
C GLY E 122 0.41 2.20 8.32
N ARG E 123 0.80 1.95 9.57
CA ARG E 123 0.65 0.62 10.15
C ARG E 123 -0.78 0.31 10.55
N PRO E 124 -1.14 -0.99 10.57
CA PRO E 124 -2.49 -1.43 10.94
C PRO E 124 -2.74 -1.07 12.41
N TYR E 125 -4.01 -1.00 12.79
CA TYR E 125 -4.34 -0.67 14.17
C TYR E 125 -5.83 -0.94 14.40
N ALA E 126 -6.21 -1.08 15.66
CA ALA E 126 -7.59 -1.32 16.03
C ALA E 126 -7.99 -0.25 17.04
N PRO E 127 -8.47 0.91 16.56
CA PRO E 127 -8.88 2.00 17.45
C PRO E 127 -10.02 1.59 18.38
N VAL E 128 -9.76 1.64 19.68
CA VAL E 128 -10.78 1.28 20.66
C VAL E 128 -10.81 2.30 21.80
N PRO E 129 -11.97 2.45 22.45
CA PRO E 129 -12.08 3.40 23.55
C PRO E 129 -11.37 2.87 24.80
N ASP E 130 -11.36 3.68 25.85
CA ASP E 130 -10.77 3.25 27.09
C ASP E 130 -11.75 2.20 27.60
N PRO E 131 -11.25 1.08 28.13
CA PRO E 131 -12.14 0.02 28.63
C PRO E 131 -13.17 0.50 29.66
N GLU E 132 -12.72 1.21 30.69
CA GLU E 132 -13.65 1.69 31.71
C GLU E 132 -14.67 2.65 31.16
N VAL E 133 -14.24 3.58 30.30
CA VAL E 133 -15.18 4.53 29.71
C VAL E 133 -16.23 3.77 28.89
N PHE E 134 -15.78 2.86 28.04
CA PHE E 134 -16.66 2.06 27.19
C PHE E 134 -17.71 1.36 28.06
N ARG E 135 -17.24 0.76 29.14
CA ARG E 135 -18.06 0.04 30.11
C ARG E 135 -19.12 0.96 30.71
N ALA E 136 -18.68 2.11 31.19
CA ALA E 136 -19.56 3.10 31.80
C ALA E 136 -20.67 3.53 30.84
N LEU E 137 -20.29 3.94 29.63
CA LEU E 137 -21.27 4.38 28.64
C LEU E 137 -22.32 3.29 28.41
N TRP E 138 -21.86 2.06 28.31
CA TRP E 138 -22.73 0.92 28.10
C TRP E 138 -23.69 0.81 29.28
N ARG E 139 -23.13 0.70 30.49
CA ARG E 139 -23.92 0.58 31.72
C ARG E 139 -24.93 1.70 31.89
N ARG E 140 -24.52 2.94 31.64
CA ARG E 140 -25.43 4.07 31.79
C ARG E 140 -26.59 3.98 30.81
N ALA E 141 -26.30 3.72 29.55
CA ALA E 141 -27.36 3.60 28.55
C ALA E 141 -28.40 2.58 29.03
N GLU E 142 -27.93 1.51 29.65
CA GLU E 142 -28.81 0.47 30.18
C GLU E 142 -29.62 1.05 31.35
N ALA E 143 -28.93 1.72 32.26
CA ALA E 143 -29.58 2.32 33.42
C ALA E 143 -30.73 3.21 32.98
N LEU E 144 -30.41 4.27 32.25
CA LEU E 144 -31.41 5.20 31.76
C LEU E 144 -32.45 4.50 30.89
N GLY E 145 -32.18 3.25 30.54
CA GLY E 145 -33.12 2.50 29.72
C GLY E 145 -33.35 3.02 28.33
N TYR E 146 -32.32 3.61 27.73
CA TYR E 146 -32.43 4.14 26.37
C TYR E 146 -32.07 3.04 25.36
N PRO E 147 -32.87 2.89 24.29
CA PRO E 147 -32.55 1.85 23.30
C PRO E 147 -31.20 2.14 22.63
N HIS E 148 -30.31 1.15 22.67
CA HIS E 148 -28.98 1.33 22.09
C HIS E 148 -28.43 0.12 21.37
N ARG E 149 -27.29 0.34 20.72
CA ARG E 149 -26.56 -0.69 20.00
C ARG E 149 -25.10 -0.54 20.42
N VAL E 150 -24.38 -1.66 20.50
CA VAL E 150 -22.98 -1.61 20.89
C VAL E 150 -22.16 -2.29 19.80
N GLY E 151 -21.23 -1.57 19.21
CA GLY E 151 -20.44 -2.17 18.15
C GLY E 151 -19.54 -1.21 17.41
N LEU E 152 -19.13 -1.62 16.22
CA LEU E 152 -18.22 -0.85 15.38
C LEU E 152 -18.86 0.27 14.58
N VAL E 153 -18.09 1.35 14.43
CA VAL E 153 -18.48 2.48 13.59
C VAL E 153 -17.22 2.60 12.72
N ALA E 154 -17.29 3.37 11.65
CA ALA E 154 -16.13 3.56 10.78
C ALA E 154 -15.91 5.06 10.66
N SER E 155 -14.69 5.51 10.92
CA SER E 155 -14.36 6.93 10.83
C SER E 155 -13.80 7.15 9.44
N GLU E 156 -14.42 8.06 8.71
CA GLU E 156 -14.02 8.38 7.33
C GLU E 156 -13.62 9.84 7.15
N ASP E 157 -12.99 10.12 6.03
CA ASP E 157 -12.54 11.46 5.68
C ASP E 157 -13.42 12.11 4.62
N ALA E 158 -13.90 11.31 3.67
CA ALA E 158 -14.73 11.84 2.60
C ALA E 158 -16.22 11.53 2.79
N PHE E 159 -16.90 12.45 3.46
CA PHE E 159 -18.34 12.36 3.74
C PHE E 159 -19.14 12.03 2.49
N TYR E 160 -18.85 12.74 1.40
CA TYR E 160 -19.57 12.55 0.15
C TYR E 160 -19.03 11.48 -0.82
N ALA E 161 -18.06 10.69 -0.39
CA ALA E 161 -17.52 9.67 -1.27
C ALA E 161 -18.23 8.32 -1.06
N THR E 162 -18.61 8.03 0.18
CA THR E 162 -19.25 6.77 0.50
C THR E 162 -20.62 6.56 -0.16
N THR E 163 -20.78 5.41 -0.81
CA THR E 163 -22.03 5.10 -1.49
C THR E 163 -22.83 4.09 -0.68
N PRO E 164 -24.13 3.97 -0.96
CA PRO E 164 -24.97 3.01 -0.23
C PRO E 164 -24.41 1.60 -0.39
N GLU E 165 -23.90 1.30 -1.58
CA GLU E 165 -23.33 -0.01 -1.88
C GLU E 165 -22.15 -0.33 -0.96
N GLU E 166 -21.21 0.60 -0.85
CA GLU E 166 -20.03 0.40 -0.01
C GLU E 166 -20.44 0.31 1.45
N ALA E 167 -21.43 1.11 1.84
CA ALA E 167 -21.93 1.11 3.20
C ALA E 167 -22.46 -0.28 3.56
N ARG E 168 -23.26 -0.85 2.65
CA ARG E 168 -23.82 -2.17 2.89
C ARG E 168 -22.71 -3.20 2.97
N ALA E 169 -21.68 -3.02 2.14
CA ALA E 169 -20.54 -3.93 2.13
C ALA E 169 -19.85 -3.89 3.50
N TRP E 170 -19.68 -2.69 4.04
CA TRP E 170 -19.02 -2.55 5.34
C TRP E 170 -19.87 -3.12 6.47
N ALA E 171 -21.19 -3.06 6.33
CA ALA E 171 -22.10 -3.58 7.35
C ALA E 171 -21.91 -5.09 7.51
N ARG E 172 -21.56 -5.76 6.43
CA ARG E 172 -21.34 -7.19 6.45
C ARG E 172 -20.12 -7.53 7.30
N TYR E 173 -19.33 -6.50 7.60
CA TYR E 173 -18.13 -6.65 8.43
C TYR E 173 -18.33 -6.13 9.84
N GLY E 174 -19.58 -5.89 10.21
CA GLY E 174 -19.89 -5.42 11.55
C GLY E 174 -19.98 -3.92 11.74
N VAL E 175 -19.73 -3.15 10.68
CA VAL E 175 -19.80 -1.70 10.78
C VAL E 175 -21.25 -1.24 10.90
N LEU E 176 -21.61 -0.69 12.06
CA LEU E 176 -22.96 -0.21 12.29
C LEU E 176 -23.24 1.10 11.58
N ALA E 177 -22.34 2.07 11.72
CA ALA E 177 -22.54 3.37 11.11
C ALA E 177 -21.24 4.09 10.78
N PHE E 178 -21.36 5.17 10.01
CA PHE E 178 -20.19 5.96 9.64
C PHE E 178 -20.16 7.31 10.36
N GLU E 179 -18.97 7.73 10.76
CA GLU E 179 -18.80 9.02 11.43
C GLU E 179 -17.42 9.56 11.05
N MET E 180 -16.99 10.67 11.64
CA MET E 180 -15.71 11.24 11.22
C MET E 180 -14.74 11.70 12.31
N GLU E 181 -14.78 11.08 13.47
CA GLU E 181 -13.91 11.51 14.56
C GLU E 181 -13.33 10.44 15.50
N ALA E 182 -14.14 9.43 15.82
CA ALA E 182 -13.78 8.37 16.75
C ALA E 182 -12.38 7.76 16.66
N SER E 183 -12.01 7.23 15.49
CA SER E 183 -10.72 6.58 15.34
C SER E 183 -9.54 7.39 15.89
N ALA E 184 -9.46 8.67 15.53
CA ALA E 184 -8.35 9.50 16.00
C ALA E 184 -8.43 9.74 17.52
N LEU E 185 -9.64 9.86 18.04
CA LEU E 185 -9.85 10.07 19.46
C LEU E 185 -9.32 8.87 20.23
N PHE E 186 -9.70 7.67 19.77
CA PHE E 186 -9.28 6.42 20.40
C PHE E 186 -7.77 6.21 20.34
N LEU E 187 -7.17 6.52 19.19
CA LEU E 187 -5.72 6.36 19.02
C LEU E 187 -4.96 7.28 19.98
N LEU E 188 -5.34 8.55 20.00
CA LEU E 188 -4.70 9.53 20.86
C LEU E 188 -4.95 9.19 22.32
N GLY E 189 -6.08 8.55 22.59
CA GLY E 189 -6.40 8.17 23.95
C GLY E 189 -5.32 7.26 24.48
N ARG E 190 -4.92 6.28 23.67
CA ARG E 190 -3.89 5.32 24.07
C ARG E 190 -2.51 6.00 24.03
N MET E 191 -2.28 6.79 22.99
CA MET E 191 -1.01 7.49 22.83
C MET E 191 -0.72 8.51 23.93
N ARG E 192 -1.75 9.26 24.31
CA ARG E 192 -1.56 10.30 25.32
C ARG E 192 -1.89 9.89 26.74
N GLY E 193 -2.29 8.64 26.91
CA GLY E 193 -2.62 8.12 28.23
C GLY E 193 -3.89 8.65 28.86
N VAL E 194 -4.90 8.95 28.06
CA VAL E 194 -6.16 9.43 28.61
C VAL E 194 -7.28 8.48 28.27
N ARG E 195 -8.39 8.60 29.02
CA ARG E 195 -9.56 7.76 28.83
C ARG E 195 -10.53 8.41 27.85
N THR E 196 -10.81 7.69 26.77
CA THR E 196 -11.71 8.19 25.74
C THR E 196 -12.88 7.24 25.46
N GLY E 197 -13.93 7.81 24.89
CA GLY E 197 -15.09 7.03 24.55
C GLY E 197 -15.92 7.75 23.50
N ALA E 198 -16.86 7.05 22.89
CA ALA E 198 -17.70 7.69 21.90
C ALA E 198 -19.06 7.04 21.87
N ILE E 199 -20.08 7.88 21.85
CA ILE E 199 -21.46 7.43 21.78
C ILE E 199 -22.04 8.28 20.66
N LEU E 200 -22.87 7.67 19.83
CA LEU E 200 -23.42 8.38 18.69
C LEU E 200 -24.92 8.24 18.55
N ALA E 201 -25.52 9.18 17.83
CA ALA E 201 -26.94 9.17 17.58
C ALA E 201 -27.09 9.16 16.07
N VAL E 202 -27.77 8.14 15.54
CA VAL E 202 -27.97 8.01 14.10
C VAL E 202 -28.82 9.16 13.59
N SER E 203 -28.27 9.97 12.68
CA SER E 203 -28.99 11.10 12.15
C SER E 203 -29.51 10.83 10.74
N ASN E 204 -29.06 9.74 10.13
CA ASN E 204 -29.49 9.41 8.78
C ASN E 204 -28.94 8.07 8.32
N ARG E 205 -29.27 7.71 7.09
CA ARG E 205 -28.81 6.47 6.48
C ARG E 205 -27.95 6.89 5.30
N ILE E 206 -26.83 6.21 5.10
CA ILE E 206 -25.93 6.52 3.99
C ILE E 206 -26.73 6.64 2.70
N GLY E 207 -26.68 7.83 2.09
CA GLY E 207 -27.39 8.04 0.85
C GLY E 207 -28.53 9.04 0.92
N ASP E 208 -29.03 9.31 2.12
CA ASP E 208 -30.14 10.26 2.26
C ASP E 208 -29.69 11.69 1.99
N PRO E 209 -30.52 12.45 1.27
CA PRO E 209 -30.24 13.85 0.91
C PRO E 209 -30.25 14.77 2.14
N GLU E 210 -31.17 14.50 3.07
CA GLU E 210 -31.31 15.29 4.28
C GLU E 210 -31.16 14.41 5.52
N LEU E 211 -31.03 15.06 6.68
CA LEU E 211 -30.91 14.32 7.94
C LEU E 211 -32.30 13.92 8.38
N ALA E 212 -32.41 13.29 9.55
CA ALA E 212 -33.69 12.86 10.09
C ALA E 212 -34.48 14.04 10.64
N PRO E 213 -35.78 13.85 10.90
CA PRO E 213 -36.61 14.93 11.43
C PRO E 213 -35.99 15.56 12.68
N PRO E 214 -35.99 16.89 12.77
CA PRO E 214 -35.43 17.64 13.89
C PRO E 214 -35.70 17.06 15.27
N GLU E 215 -36.93 16.62 15.54
CA GLU E 215 -37.23 16.08 16.85
C GLU E 215 -36.80 14.63 17.05
N VAL E 216 -36.86 13.85 15.98
CA VAL E 216 -36.45 12.45 16.06
C VAL E 216 -35.00 12.42 16.51
N LEU E 217 -34.16 13.21 15.84
CA LEU E 217 -32.75 13.28 16.15
C LEU E 217 -32.50 13.98 17.48
N GLN E 218 -33.19 15.10 17.68
CA GLN E 218 -33.02 15.87 18.91
C GLN E 218 -33.23 15.04 20.18
N GLU E 219 -34.21 14.15 20.16
CA GLU E 219 -34.45 13.31 21.33
C GLU E 219 -33.25 12.38 21.51
N GLY E 220 -32.73 11.88 20.39
CA GLY E 220 -31.58 10.99 20.45
C GLY E 220 -30.36 11.70 21.00
N VAL E 221 -30.16 12.95 20.60
CA VAL E 221 -29.03 13.73 21.06
C VAL E 221 -29.11 13.99 22.56
N ARG E 222 -30.33 14.23 23.05
CA ARG E 222 -30.52 14.48 24.48
C ARG E 222 -30.18 13.22 25.26
N ARG E 223 -30.68 12.08 24.80
CA ARG E 223 -30.42 10.81 25.46
C ARG E 223 -28.92 10.51 25.43
N MET E 224 -28.30 10.84 24.31
CA MET E 224 -26.88 10.63 24.13
C MET E 224 -26.05 11.45 25.13
N VAL E 225 -26.35 12.74 25.23
CA VAL E 225 -25.62 13.62 26.13
C VAL E 225 -25.79 13.19 27.57
N GLU E 226 -27.01 12.79 27.91
CA GLU E 226 -27.30 12.34 29.27
C GLU E 226 -26.47 11.11 29.62
N VAL E 227 -26.37 10.18 28.67
CA VAL E 227 -25.60 8.96 28.92
C VAL E 227 -24.12 9.31 29.12
N ALA E 228 -23.61 10.23 28.31
CA ALA E 228 -22.21 10.66 28.37
C ALA E 228 -21.88 11.36 29.69
N LEU E 229 -22.76 12.25 30.13
CA LEU E 229 -22.56 12.98 31.37
C LEU E 229 -22.52 12.03 32.57
N GLU E 230 -23.48 11.12 32.64
CA GLU E 230 -23.53 10.14 33.73
C GLU E 230 -22.26 9.30 33.72
N ALA E 231 -21.87 8.86 32.53
CA ALA E 231 -20.69 8.01 32.37
C ALA E 231 -19.37 8.66 32.77
N VAL E 232 -19.15 9.90 32.35
CA VAL E 232 -17.89 10.57 32.70
C VAL E 232 -17.72 10.76 34.20
N LEU E 233 -18.83 10.91 34.92
CA LEU E 233 -18.75 11.06 36.37
C LEU E 233 -18.41 9.72 37.03
N GLU E 234 -18.61 8.63 36.30
CA GLU E 234 -18.31 7.28 36.81
C GLU E 234 -16.82 6.96 36.73
N VAL E 235 -16.13 7.62 35.80
CA VAL E 235 -14.70 7.39 35.61
C VAL E 235 -13.91 8.61 36.07
N SER F 2 -31.59 22.56 0.57
CA SER F 2 -30.47 23.19 1.33
C SER F 2 -29.46 22.15 1.81
N PRO F 3 -28.16 22.40 1.59
CA PRO F 3 -27.14 21.44 2.03
C PRO F 3 -27.22 21.10 3.51
N ILE F 4 -26.57 20.00 3.88
CA ILE F 4 -26.55 19.53 5.26
C ILE F 4 -25.77 20.42 6.22
N HIS F 5 -24.58 20.84 5.84
CA HIS F 5 -23.74 21.66 6.72
C HIS F 5 -23.79 23.15 6.44
N VAL F 6 -23.59 23.53 5.18
CA VAL F 6 -23.66 24.94 4.79
C VAL F 6 -25.11 25.14 4.37
N ARG F 7 -25.92 25.60 5.31
CA ARG F 7 -27.35 25.79 5.05
C ARG F 7 -27.71 27.13 4.45
N ALA F 8 -27.41 27.25 3.16
CA ALA F 8 -27.71 28.45 2.41
C ALA F 8 -28.54 27.97 1.23
N HIS F 9 -29.13 28.89 0.50
CA HIS F 9 -29.93 28.53 -0.66
C HIS F 9 -29.24 29.12 -1.88
N PRO F 10 -29.44 28.52 -3.06
CA PRO F 10 -28.78 29.10 -4.23
C PRO F 10 -29.34 30.52 -4.40
N GLY F 11 -28.45 31.49 -4.32
CA GLY F 11 -28.85 32.87 -4.44
C GLY F 11 -28.09 33.61 -3.36
N ASP F 12 -27.63 32.86 -2.36
CA ASP F 12 -26.85 33.41 -1.25
C ASP F 12 -25.38 33.39 -1.61
N VAL F 13 -25.01 32.41 -2.42
CA VAL F 13 -23.61 32.22 -2.80
C VAL F 13 -23.23 32.79 -4.16
N ALA F 14 -22.14 33.54 -4.19
CA ALA F 14 -21.64 34.13 -5.43
C ALA F 14 -20.84 33.09 -6.20
N GLU F 15 -20.60 33.34 -7.48
CA GLU F 15 -19.82 32.41 -8.29
C GLU F 15 -18.37 32.38 -7.82
N ARG F 16 -17.88 33.54 -7.40
CA ARG F 16 -16.51 33.68 -6.92
C ARG F 16 -16.51 33.60 -5.39
N VAL F 17 -15.61 32.79 -4.84
CA VAL F 17 -15.56 32.60 -3.40
C VAL F 17 -14.16 32.44 -2.83
N LEU F 18 -13.90 33.08 -1.69
CA LEU F 18 -12.63 32.95 -0.99
C LEU F 18 -12.88 31.94 0.14
N LEU F 19 -11.90 31.08 0.41
CA LEU F 19 -12.07 30.04 1.42
C LEU F 19 -11.07 30.04 2.57
N PRO F 20 -11.35 30.80 3.64
CA PRO F 20 -10.41 30.81 4.77
C PRO F 20 -10.82 29.64 5.67
N GLY F 21 -9.87 29.06 6.39
CA GLY F 21 -10.20 27.95 7.26
C GLY F 21 -10.78 28.45 8.57
N ASP F 22 -10.37 29.66 8.96
CA ASP F 22 -10.78 30.31 10.21
C ASP F 22 -12.01 31.21 10.01
N PRO F 23 -13.13 30.87 10.65
CA PRO F 23 -14.35 31.69 10.53
C PRO F 23 -14.11 33.11 11.00
N GLY F 24 -13.13 33.28 11.90
CA GLY F 24 -12.82 34.61 12.38
C GLY F 24 -12.26 35.46 11.25
N ARG F 25 -11.48 34.83 10.37
CA ARG F 25 -10.90 35.55 9.25
C ARG F 25 -11.97 35.83 8.21
N ALA F 26 -12.93 34.92 8.13
CA ALA F 26 -14.04 35.05 7.19
C ALA F 26 -14.79 36.33 7.50
N GLU F 27 -15.16 36.49 8.77
CA GLU F 27 -15.88 37.68 9.20
C GLU F 27 -15.05 38.93 8.94
N TRP F 28 -13.76 38.85 9.23
CA TRP F 28 -12.87 39.98 9.04
C TRP F 28 -12.75 40.36 7.56
N ILE F 29 -12.66 39.36 6.69
CA ILE F 29 -12.54 39.61 5.26
C ILE F 29 -13.81 40.28 4.75
N ALA F 30 -14.96 39.76 5.18
CA ALA F 30 -16.24 40.30 4.75
C ALA F 30 -16.39 41.76 5.14
N LYS F 31 -16.16 42.06 6.41
CA LYS F 31 -16.29 43.41 6.90
C LYS F 31 -15.21 44.38 6.43
N THR F 32 -14.01 43.86 6.19
CA THR F 32 -12.91 44.71 5.75
C THR F 32 -12.87 45.02 4.25
N PHE F 33 -13.13 44.03 3.39
CA PHE F 33 -13.05 44.24 1.95
C PHE F 33 -14.34 44.36 1.16
N LEU F 34 -15.41 43.73 1.63
CA LEU F 34 -16.66 43.74 0.89
C LEU F 34 -17.66 44.83 1.26
N GLN F 35 -18.45 45.28 0.28
CA GLN F 35 -19.48 46.28 0.56
C GLN F 35 -20.76 45.48 0.82
N ASN F 36 -21.58 45.97 1.74
CA ASN F 36 -22.84 45.32 2.07
C ASN F 36 -22.69 43.83 2.37
N PRO F 37 -21.79 43.49 3.32
CA PRO F 37 -21.59 42.08 3.68
C PRO F 37 -22.87 41.54 4.32
N ARG F 38 -23.24 40.33 3.94
CA ARG F 38 -24.43 39.70 4.50
C ARG F 38 -24.10 38.24 4.80
N ARG F 39 -24.39 37.79 6.02
CA ARG F 39 -24.12 36.41 6.40
C ARG F 39 -25.26 35.49 6.00
N TYR F 40 -24.97 34.51 5.16
CA TYR F 40 -25.99 33.58 4.71
C TYR F 40 -25.98 32.28 5.50
N ASN F 41 -24.94 32.08 6.31
CA ASN F 41 -24.86 30.86 7.09
C ASN F 41 -23.93 30.97 8.29
N ASP F 42 -24.29 30.27 9.36
CA ASP F 42 -23.47 30.23 10.57
C ASP F 42 -23.59 28.84 11.19
N HIS F 43 -24.43 27.99 10.59
CA HIS F 43 -24.62 26.63 11.07
C HIS F 43 -23.25 25.95 11.22
N ARG F 44 -23.04 25.26 12.34
CA ARG F 44 -21.79 24.56 12.63
C ARG F 44 -20.56 25.48 12.64
N GLY F 45 -20.77 26.77 12.86
CA GLY F 45 -19.66 27.70 12.86
C GLY F 45 -19.03 27.86 11.49
N LEU F 46 -19.69 27.35 10.45
CA LEU F 46 -19.14 27.48 9.11
C LEU F 46 -19.65 28.81 8.52
N TRP F 47 -19.23 29.91 9.15
CA TRP F 47 -19.67 31.23 8.72
C TRP F 47 -19.42 31.53 7.24
N GLY F 48 -20.49 31.92 6.54
CA GLY F 48 -20.39 32.27 5.13
C GLY F 48 -20.99 33.65 4.85
N TYR F 49 -20.26 34.47 4.11
CA TYR F 49 -20.73 35.82 3.77
C TYR F 49 -20.69 36.10 2.26
N THR F 50 -21.55 37.02 1.83
CA THR F 50 -21.58 37.44 0.43
C THR F 50 -21.70 38.97 0.38
N GLY F 51 -20.85 39.60 -0.42
CA GLY F 51 -20.86 41.04 -0.56
C GLY F 51 -20.35 41.44 -1.93
N LEU F 52 -19.89 42.68 -2.06
CA LEU F 52 -19.39 43.16 -3.34
C LEU F 52 -17.96 43.63 -3.27
N TYR F 53 -17.19 43.26 -4.29
CA TYR F 53 -15.82 43.70 -4.38
C TYR F 53 -15.70 44.35 -5.75
N LYS F 54 -15.57 45.67 -5.74
CA LYS F 54 -15.47 46.44 -6.96
C LYS F 54 -16.65 46.11 -7.87
N GLY F 55 -17.83 46.12 -7.28
CA GLY F 55 -19.05 45.83 -8.02
C GLY F 55 -19.28 44.40 -8.44
N VAL F 56 -18.44 43.48 -7.97
CA VAL F 56 -18.61 42.08 -8.33
C VAL F 56 -18.97 41.25 -7.11
N PRO F 57 -20.02 40.42 -7.22
CA PRO F 57 -20.45 39.59 -6.10
C PRO F 57 -19.33 38.63 -5.70
N VAL F 58 -19.04 38.57 -4.40
CA VAL F 58 -18.02 37.69 -3.88
C VAL F 58 -18.45 37.12 -2.53
N SER F 59 -18.20 35.84 -2.31
CA SER F 59 -18.54 35.20 -1.05
C SER F 59 -17.25 34.82 -0.30
N VAL F 60 -17.37 34.68 1.01
CA VAL F 60 -16.25 34.28 1.86
C VAL F 60 -16.82 33.16 2.72
N GLN F 61 -16.39 31.93 2.46
CA GLN F 61 -16.89 30.77 3.18
C GLN F 61 -15.84 30.03 4.02
N THR F 62 -16.15 29.86 5.31
CA THR F 62 -15.28 29.16 6.24
C THR F 62 -15.26 27.68 5.89
N THR F 63 -14.07 27.07 5.88
CA THR F 63 -13.95 25.65 5.55
C THR F 63 -13.73 24.78 6.78
N GLY F 64 -13.24 25.38 7.85
CA GLY F 64 -12.94 24.61 9.05
C GLY F 64 -11.53 24.07 8.80
N MET F 65 -10.99 23.31 9.75
CA MET F 65 -9.64 22.76 9.58
C MET F 65 -9.63 21.31 9.12
N GLY F 66 -8.74 21.00 8.18
CA GLY F 66 -8.62 19.65 7.67
C GLY F 66 -9.35 19.45 6.36
N THR F 67 -8.84 18.58 5.49
CA THR F 67 -9.47 18.32 4.20
C THR F 67 -10.87 17.72 4.35
N PRO F 68 -11.11 16.91 5.41
CA PRO F 68 -12.45 16.34 5.53
C PRO F 68 -13.49 17.44 5.63
N SER F 69 -13.19 18.45 6.44
CA SER F 69 -14.08 19.58 6.66
C SER F 69 -14.14 20.45 5.40
N ALA F 70 -12.98 20.71 4.80
CA ALA F 70 -12.91 21.53 3.60
C ALA F 70 -13.64 20.84 2.44
N ALA F 71 -13.54 19.52 2.36
CA ALA F 71 -14.20 18.78 1.28
C ALA F 71 -15.72 18.92 1.39
N ILE F 72 -16.24 18.83 2.60
CA ILE F 72 -17.67 18.96 2.81
C ILE F 72 -18.13 20.34 2.35
N VAL F 73 -17.42 21.37 2.77
CA VAL F 73 -17.77 22.75 2.42
C VAL F 73 -17.65 22.99 0.92
N VAL F 74 -16.58 22.49 0.31
CA VAL F 74 -16.39 22.66 -1.13
C VAL F 74 -17.52 21.97 -1.89
N GLU F 75 -17.80 20.71 -1.53
CA GLU F 75 -18.83 19.95 -2.19
C GLU F 75 -20.16 20.69 -2.19
N GLU F 76 -20.54 21.22 -1.03
CA GLU F 76 -21.80 21.92 -0.91
C GLU F 76 -21.81 23.29 -1.61
N LEU F 77 -20.67 23.98 -1.61
CA LEU F 77 -20.60 25.27 -2.30
C LEU F 77 -20.78 25.07 -3.81
N VAL F 78 -20.16 24.02 -4.34
CA VAL F 78 -20.26 23.71 -5.77
C VAL F 78 -21.73 23.40 -6.07
N ARG F 79 -22.37 22.69 -5.13
CA ARG F 79 -23.76 22.32 -5.30
C ARG F 79 -24.63 23.56 -5.33
N LEU F 80 -24.19 24.61 -4.64
CA LEU F 80 -24.94 25.86 -4.57
C LEU F 80 -24.62 26.81 -5.73
N GLY F 81 -23.72 26.41 -6.61
CA GLY F 81 -23.37 27.25 -7.74
C GLY F 81 -22.02 27.94 -7.74
N ALA F 82 -21.17 27.66 -6.75
CA ALA F 82 -19.84 28.28 -6.71
C ALA F 82 -19.08 27.87 -7.97
N ARG F 83 -18.32 28.80 -8.56
CA ARG F 83 -17.58 28.52 -9.79
C ARG F 83 -16.07 28.71 -9.66
N VAL F 84 -15.67 29.71 -8.87
CA VAL F 84 -14.27 30.02 -8.64
C VAL F 84 -14.06 30.04 -7.14
N LEU F 85 -13.24 29.12 -6.64
CA LEU F 85 -12.96 29.04 -5.21
C LEU F 85 -11.47 29.14 -4.92
N VAL F 86 -11.09 30.14 -4.14
CA VAL F 86 -9.69 30.36 -3.81
C VAL F 86 -9.47 30.32 -2.31
N ARG F 87 -8.67 29.36 -1.88
CA ARG F 87 -8.37 29.24 -0.46
C ARG F 87 -7.37 30.32 -0.05
N VAL F 88 -7.62 30.93 1.11
CA VAL F 88 -6.73 31.95 1.65
C VAL F 88 -6.45 31.51 3.08
N GLY F 89 -5.37 30.76 3.26
CA GLY F 89 -5.05 30.26 4.58
C GLY F 89 -3.65 30.55 5.05
N THR F 90 -3.24 29.83 6.08
CA THR F 90 -1.92 29.96 6.67
C THR F 90 -1.20 28.62 6.46
N ALA F 91 0.13 28.65 6.53
CA ALA F 91 0.91 27.43 6.34
C ALA F 91 2.16 27.45 7.21
N GLY F 92 2.74 26.28 7.43
CA GLY F 92 3.94 26.17 8.22
C GLY F 92 5.14 25.95 7.32
N ALA F 93 6.10 26.86 7.38
CA ALA F 93 7.30 26.78 6.55
C ALA F 93 8.03 25.45 6.75
N ALA F 94 8.41 24.82 5.64
CA ALA F 94 9.12 23.55 5.69
C ALA F 94 10.63 23.76 5.80
N SER F 95 11.07 24.99 5.56
CA SER F 95 12.49 25.34 5.63
C SER F 95 12.66 26.70 6.29
N SER F 96 13.88 27.00 6.69
CA SER F 96 14.17 28.29 7.33
C SER F 96 14.32 29.36 6.26
N ASP F 97 14.14 28.96 4.99
CA ASP F 97 14.24 29.85 3.85
C ASP F 97 13.01 30.77 3.78
N LEU F 98 11.92 30.34 4.39
CA LEU F 98 10.68 31.12 4.38
C LEU F 98 10.50 31.94 5.66
N ALA F 99 10.27 33.23 5.48
CA ALA F 99 10.07 34.13 6.59
C ALA F 99 8.57 34.30 6.85
N PRO F 100 8.17 34.39 8.13
CA PRO F 100 6.75 34.55 8.47
C PRO F 100 6.14 35.76 7.76
N GLY F 101 4.90 35.59 7.31
CA GLY F 101 4.22 36.68 6.62
C GLY F 101 4.44 36.62 5.11
N GLU F 102 5.27 35.67 4.68
CA GLU F 102 5.55 35.53 3.26
C GLU F 102 4.39 34.81 2.56
N LEU F 103 4.09 35.23 1.34
CA LEU F 103 3.00 34.65 0.56
C LEU F 103 3.46 33.50 -0.34
N ILE F 104 2.64 32.46 -0.43
CA ILE F 104 2.94 31.31 -1.28
C ILE F 104 1.78 31.06 -2.25
N VAL F 105 2.08 31.05 -3.54
CA VAL F 105 1.06 30.75 -4.53
C VAL F 105 1.23 29.25 -4.80
N ALA F 106 0.33 28.44 -4.27
CA ALA F 106 0.39 26.99 -4.41
C ALA F 106 0.29 26.49 -5.86
N GLN F 107 1.39 25.99 -6.38
CA GLN F 107 1.44 25.45 -7.73
C GLN F 107 0.82 24.04 -7.71
N GLY F 108 0.86 23.42 -6.54
CA GLY F 108 0.31 22.09 -6.36
C GLY F 108 0.37 21.71 -4.91
N ALA F 109 -0.19 20.56 -4.55
CA ALA F 109 -0.17 20.14 -3.16
C ALA F 109 0.01 18.65 -2.97
N VAL F 110 1.10 18.28 -2.30
CA VAL F 110 1.39 16.88 -2.02
C VAL F 110 0.22 16.39 -1.18
N PRO F 111 -0.47 15.32 -1.63
CA PRO F 111 -1.61 14.78 -0.89
C PRO F 111 -1.24 13.78 0.21
N LEU F 112 -0.91 14.29 1.38
CA LEU F 112 -0.56 13.46 2.54
C LEU F 112 -1.80 13.28 3.41
N ASP F 113 -2.97 13.57 2.83
CA ASP F 113 -4.24 13.48 3.54
C ASP F 113 -5.07 12.27 3.12
N GLY F 114 -6.04 11.88 3.96
CA GLY F 114 -6.88 10.76 3.66
C GLY F 114 -8.13 11.08 2.86
N THR F 115 -8.51 12.37 2.78
CA THR F 115 -9.71 12.75 2.04
C THR F 115 -9.50 12.48 0.55
N THR F 116 -8.38 12.95 0.01
CA THR F 116 -8.10 12.74 -1.41
C THR F 116 -7.89 11.25 -1.67
N ARG F 117 -7.25 10.57 -0.73
CA ARG F 117 -6.99 9.14 -0.86
C ARG F 117 -8.30 8.36 -1.01
N GLN F 118 -9.30 8.69 -0.19
CA GLN F 118 -10.57 8.01 -0.24
C GLN F 118 -11.31 8.31 -1.55
N TYR F 119 -11.24 9.56 -2.01
CA TYR F 119 -11.90 9.96 -3.25
C TYR F 119 -11.24 9.28 -4.45
N LEU F 120 -9.92 9.09 -4.35
CA LEU F 120 -9.14 8.49 -5.42
C LEU F 120 -9.00 6.99 -5.23
N GLU F 121 -9.54 6.49 -4.12
CA GLU F 121 -9.47 5.07 -3.82
C GLU F 121 -8.02 4.58 -3.73
N GLY F 122 -7.15 5.42 -3.16
CA GLY F 122 -5.77 5.04 -3.00
C GLY F 122 -4.83 5.28 -4.17
N ARG F 123 -5.37 5.61 -5.33
CA ARG F 123 -4.54 5.83 -6.52
C ARG F 123 -3.64 7.07 -6.43
N PRO F 124 -2.55 7.08 -7.21
CA PRO F 124 -1.63 8.23 -7.20
C PRO F 124 -2.33 9.42 -7.83
N TYR F 125 -1.88 10.63 -7.49
CA TYR F 125 -2.49 11.82 -8.06
C TYR F 125 -1.61 13.05 -7.84
N ALA F 126 -1.84 14.08 -8.64
CA ALA F 126 -1.09 15.32 -8.53
C ALA F 126 -2.11 16.45 -8.41
N PRO F 127 -2.49 16.79 -7.16
CA PRO F 127 -3.46 17.86 -6.92
C PRO F 127 -2.91 19.21 -7.37
N VAL F 128 -3.58 19.84 -8.33
CA VAL F 128 -3.12 21.14 -8.82
C VAL F 128 -4.28 22.10 -8.97
N PRO F 129 -4.00 23.41 -8.87
CA PRO F 129 -5.07 24.41 -9.01
C PRO F 129 -5.56 24.49 -10.45
N ASP F 130 -6.57 25.32 -10.68
CA ASP F 130 -7.07 25.54 -12.01
C ASP F 130 -5.94 26.36 -12.61
N PRO F 131 -5.51 26.04 -13.84
CA PRO F 131 -4.42 26.84 -14.40
C PRO F 131 -4.65 28.36 -14.50
N GLU F 132 -5.85 28.78 -14.88
CA GLU F 132 -6.15 30.20 -15.01
C GLU F 132 -6.14 30.90 -13.65
N VAL F 133 -6.70 30.24 -12.64
CA VAL F 133 -6.72 30.82 -11.31
C VAL F 133 -5.30 30.92 -10.78
N PHE F 134 -4.53 29.84 -10.94
CA PHE F 134 -3.13 29.83 -10.49
C PHE F 134 -2.38 31.01 -11.10
N ARG F 135 -2.57 31.20 -12.40
CA ARG F 135 -1.92 32.26 -13.13
C ARG F 135 -2.37 33.65 -12.64
N ALA F 136 -3.67 33.84 -12.47
CA ALA F 136 -4.20 35.12 -11.99
C ALA F 136 -3.63 35.49 -10.62
N LEU F 137 -3.52 34.50 -9.73
CA LEU F 137 -2.98 34.75 -8.41
C LEU F 137 -1.54 35.21 -8.53
N TRP F 138 -0.77 34.52 -9.37
CA TRP F 138 0.63 34.84 -9.58
C TRP F 138 0.75 36.25 -10.16
N ARG F 139 -0.05 36.54 -11.17
CA ARG F 139 -0.06 37.85 -11.84
C ARG F 139 -0.36 38.99 -10.89
N ARG F 140 -1.42 38.83 -10.10
CA ARG F 140 -1.83 39.85 -9.14
C ARG F 140 -0.77 40.10 -8.08
N ALA F 141 -0.14 39.03 -7.60
CA ALA F 141 0.90 39.19 -6.60
C ALA F 141 1.97 40.11 -7.17
N GLU F 142 2.29 39.94 -8.45
CA GLU F 142 3.30 40.74 -9.13
C GLU F 142 2.87 42.20 -9.28
N ALA F 143 1.66 42.40 -9.80
CA ALA F 143 1.12 43.73 -10.00
C ALA F 143 1.06 44.54 -8.70
N LEU F 144 0.50 43.95 -7.65
CA LEU F 144 0.39 44.62 -6.36
C LEU F 144 1.75 44.89 -5.74
N GLY F 145 2.79 44.30 -6.32
CA GLY F 145 4.14 44.50 -5.82
C GLY F 145 4.46 43.76 -4.53
N TYR F 146 3.65 42.76 -4.18
CA TYR F 146 3.88 42.00 -2.96
C TYR F 146 4.85 40.85 -3.18
N PRO F 147 5.88 40.72 -2.32
CA PRO F 147 6.85 39.63 -2.46
C PRO F 147 6.09 38.32 -2.34
N HIS F 148 6.61 37.26 -2.97
CA HIS F 148 5.92 35.97 -2.95
C HIS F 148 6.75 34.80 -3.48
N ARG F 149 6.32 33.59 -3.15
CA ARG F 149 6.98 32.39 -3.63
C ARG F 149 5.94 31.61 -4.42
N VAL F 150 6.38 30.87 -5.43
CA VAL F 150 5.47 30.04 -6.23
C VAL F 150 5.99 28.61 -6.21
N GLY F 151 5.23 27.69 -5.64
CA GLY F 151 5.67 26.31 -5.58
C GLY F 151 4.72 25.37 -4.87
N LEU F 152 5.23 24.20 -4.50
CA LEU F 152 4.43 23.19 -3.82
C LEU F 152 4.28 23.41 -2.32
N VAL F 153 3.18 22.87 -1.80
CA VAL F 153 2.89 22.86 -0.38
C VAL F 153 2.47 21.41 -0.19
N ALA F 154 2.30 20.99 1.05
CA ALA F 154 1.88 19.61 1.31
C ALA F 154 0.64 19.69 2.20
N SER F 155 -0.39 18.93 1.88
CA SER F 155 -1.61 18.94 2.70
C SER F 155 -1.60 17.71 3.60
N GLU F 156 -1.52 17.97 4.90
CA GLU F 156 -1.46 16.90 5.90
C GLU F 156 -2.71 16.80 6.76
N ASP F 157 -2.83 15.68 7.48
CA ASP F 157 -3.95 15.43 8.36
C ASP F 157 -3.60 15.59 9.83
N ALA F 158 -2.42 15.10 10.22
CA ALA F 158 -1.99 15.17 11.61
C ALA F 158 -1.06 16.35 11.88
N PHE F 159 -1.66 17.47 12.26
CA PHE F 159 -0.94 18.70 12.56
C PHE F 159 0.23 18.47 13.52
N TYR F 160 -0.03 17.73 14.60
CA TYR F 160 0.99 17.49 15.61
C TYR F 160 1.88 16.26 15.44
N ALA F 161 1.83 15.61 14.28
CA ALA F 161 2.68 14.45 14.06
C ALA F 161 3.95 14.86 13.29
N THR F 162 3.79 15.76 12.33
CA THR F 162 4.91 16.23 11.52
C THR F 162 6.05 16.81 12.35
N THR F 163 7.27 16.31 12.12
CA THR F 163 8.44 16.78 12.85
C THR F 163 9.31 17.68 11.97
N PRO F 164 10.28 18.39 12.59
CA PRO F 164 11.18 19.28 11.84
C PRO F 164 12.02 18.52 10.82
N GLU F 165 12.50 17.34 11.19
CA GLU F 165 13.31 16.53 10.29
C GLU F 165 12.50 16.18 9.05
N GLU F 166 11.26 15.70 9.27
CA GLU F 166 10.39 15.34 8.16
C GLU F 166 10.13 16.55 7.29
N ALA F 167 9.93 17.69 7.94
CA ALA F 167 9.69 18.94 7.22
C ALA F 167 10.87 19.25 6.31
N ARG F 168 12.09 19.09 6.83
CA ARG F 168 13.26 19.40 6.02
C ARG F 168 13.50 18.36 4.95
N ALA F 169 12.98 17.15 5.18
CA ALA F 169 13.11 16.09 4.18
C ALA F 169 12.23 16.46 3.00
N TRP F 170 10.98 16.82 3.28
CA TRP F 170 10.07 17.20 2.22
C TRP F 170 10.55 18.44 1.46
N ALA F 171 11.17 19.38 2.17
CA ALA F 171 11.66 20.60 1.53
C ALA F 171 12.67 20.26 0.43
N ARG F 172 13.31 19.11 0.56
CA ARG F 172 14.30 18.69 -0.42
C ARG F 172 13.62 18.25 -1.72
N TYR F 173 12.33 17.93 -1.62
CA TYR F 173 11.55 17.51 -2.78
C TYR F 173 10.67 18.63 -3.31
N GLY F 174 10.93 19.86 -2.88
CA GLY F 174 10.18 21.00 -3.36
C GLY F 174 9.03 21.52 -2.51
N VAL F 175 8.79 20.88 -1.37
CA VAL F 175 7.73 21.33 -0.49
C VAL F 175 8.13 22.61 0.24
N LEU F 176 7.40 23.68 -0.01
CA LEU F 176 7.70 24.96 0.62
C LEU F 176 7.12 25.05 2.02
N ALA F 177 5.92 24.49 2.20
CA ALA F 177 5.29 24.54 3.52
C ALA F 177 4.15 23.55 3.62
N PHE F 178 3.66 23.36 4.84
CA PHE F 178 2.56 22.46 5.11
C PHE F 178 1.30 23.22 5.45
N GLU F 179 0.17 22.71 4.99
CA GLU F 179 -1.12 23.31 5.29
C GLU F 179 -2.10 22.13 5.39
N MET F 180 -3.40 22.37 5.54
CA MET F 180 -4.32 21.25 5.71
C MET F 180 -5.60 21.22 4.87
N GLU F 181 -5.60 21.80 3.68
CA GLU F 181 -6.83 21.81 2.88
C GLU F 181 -6.69 21.82 1.36
N ALA F 182 -5.57 22.34 0.87
CA ALA F 182 -5.33 22.47 -0.57
C ALA F 182 -5.52 21.24 -1.45
N SER F 183 -4.93 20.12 -1.06
CA SER F 183 -5.00 18.90 -1.85
C SER F 183 -6.44 18.52 -2.23
N ALA F 184 -7.33 18.49 -1.24
CA ALA F 184 -8.73 18.15 -1.48
C ALA F 184 -9.44 19.18 -2.35
N LEU F 185 -9.13 20.46 -2.15
CA LEU F 185 -9.74 21.52 -2.94
C LEU F 185 -9.37 21.35 -4.41
N PHE F 186 -8.08 21.17 -4.68
CA PHE F 186 -7.60 21.00 -6.04
C PHE F 186 -8.23 19.78 -6.70
N LEU F 187 -8.31 18.67 -5.98
CA LEU F 187 -8.90 17.46 -6.53
C LEU F 187 -10.37 17.66 -6.87
N LEU F 188 -11.13 18.25 -5.95
CA LEU F 188 -12.54 18.48 -6.20
C LEU F 188 -12.71 19.49 -7.32
N GLY F 189 -11.73 20.39 -7.43
CA GLY F 189 -11.78 21.37 -8.49
C GLY F 189 -11.92 20.65 -9.83
N ARG F 190 -11.09 19.65 -10.06
CA ARG F 190 -11.15 18.87 -11.30
C ARG F 190 -12.37 17.94 -11.35
N MET F 191 -12.66 17.27 -10.24
CA MET F 191 -13.79 16.33 -10.17
C MET F 191 -15.14 17.01 -10.42
N ARG F 192 -15.36 18.16 -9.80
CA ARG F 192 -16.62 18.88 -9.93
C ARG F 192 -16.59 19.98 -10.98
N GLY F 193 -15.48 20.06 -11.72
CA GLY F 193 -15.36 21.04 -12.79
C GLY F 193 -15.33 22.52 -12.45
N VAL F 194 -14.92 22.86 -11.23
CA VAL F 194 -14.85 24.26 -10.85
C VAL F 194 -13.40 24.73 -10.83
N ARG F 195 -13.20 26.05 -10.84
CA ARG F 195 -11.87 26.62 -10.86
C ARG F 195 -11.39 26.92 -9.45
N THR F 196 -10.27 26.33 -9.07
CA THR F 196 -9.72 26.52 -7.73
C THR F 196 -8.30 27.01 -7.72
N GLY F 197 -7.90 27.55 -6.57
CA GLY F 197 -6.56 28.06 -6.37
C GLY F 197 -6.32 28.17 -4.87
N ALA F 198 -5.07 28.41 -4.48
CA ALA F 198 -4.77 28.56 -3.08
C ALA F 198 -3.55 29.45 -2.87
N ILE F 199 -3.69 30.42 -1.98
CA ILE F 199 -2.59 31.31 -1.65
C ILE F 199 -2.49 31.22 -0.14
N LEU F 200 -1.25 31.22 0.36
CA LEU F 200 -1.04 31.07 1.78
C LEU F 200 -0.09 32.10 2.39
N ALA F 201 -0.24 32.30 3.69
CA ALA F 201 0.61 33.21 4.45
C ALA F 201 1.34 32.33 5.47
N VAL F 202 2.67 32.39 5.48
CA VAL F 202 3.44 31.59 6.42
C VAL F 202 3.24 32.14 7.83
N SER F 203 2.71 31.30 8.71
CA SER F 203 2.46 31.71 10.08
C SER F 203 3.44 31.14 11.09
N ASN F 204 4.37 30.30 10.63
CA ASN F 204 5.31 29.69 11.54
C ASN F 204 6.22 28.70 10.81
N ARG F 205 7.05 28.01 11.59
CA ARG F 205 7.97 27.00 11.08
C ARG F 205 7.58 25.71 11.75
N ILE F 206 7.63 24.61 11.01
CA ILE F 206 7.30 23.31 11.58
C ILE F 206 8.18 23.09 12.80
N GLY F 207 7.55 22.95 13.96
CA GLY F 207 8.29 22.73 15.19
C GLY F 207 8.21 23.92 16.14
N ASP F 208 7.56 24.99 15.69
CA ASP F 208 7.42 26.19 16.51
C ASP F 208 6.20 26.11 17.44
N PRO F 209 6.42 26.35 18.75
CA PRO F 209 5.38 26.31 19.78
C PRO F 209 4.32 27.40 19.62
N GLU F 210 4.65 28.45 18.87
CA GLU F 210 3.72 29.56 18.66
C GLU F 210 3.87 30.17 17.27
N LEU F 211 2.83 30.88 16.84
CA LEU F 211 2.84 31.51 15.53
C LEU F 211 3.65 32.82 15.54
N ALA F 212 4.06 33.25 14.36
CA ALA F 212 4.85 34.46 14.19
C ALA F 212 4.18 35.70 14.78
N PRO F 213 4.86 36.86 14.73
CA PRO F 213 4.32 38.12 15.26
C PRO F 213 2.97 38.47 14.63
N PRO F 214 1.92 38.59 15.44
CA PRO F 214 0.58 38.92 14.93
C PRO F 214 0.56 40.09 13.95
N GLU F 215 1.44 41.07 14.15
CA GLU F 215 1.49 42.22 13.26
C GLU F 215 2.03 41.85 11.89
N VAL F 216 3.05 40.99 11.89
CA VAL F 216 3.66 40.55 10.64
C VAL F 216 2.73 39.59 9.92
N LEU F 217 2.05 38.74 10.69
CA LEU F 217 1.12 37.77 10.13
C LEU F 217 -0.08 38.48 9.52
N GLN F 218 -0.65 39.41 10.27
CA GLN F 218 -1.81 40.17 9.82
C GLN F 218 -1.54 40.86 8.49
N GLU F 219 -0.33 41.40 8.35
CA GLU F 219 0.04 42.09 7.12
C GLU F 219 0.10 41.08 5.97
N GLY F 220 0.59 39.88 6.30
CA GLY F 220 0.67 38.83 5.30
C GLY F 220 -0.72 38.40 4.88
N VAL F 221 -1.62 38.27 5.86
CA VAL F 221 -3.00 37.87 5.58
C VAL F 221 -3.69 38.92 4.72
N ARG F 222 -3.47 40.19 5.03
CA ARG F 222 -4.08 41.28 4.29
C ARG F 222 -3.70 41.19 2.82
N ARG F 223 -2.40 41.16 2.56
CA ARG F 223 -1.87 41.08 1.20
C ARG F 223 -2.46 39.89 0.47
N MET F 224 -2.47 38.75 1.16
CA MET F 224 -3.01 37.51 0.63
C MET F 224 -4.45 37.69 0.15
N VAL F 225 -5.30 38.23 1.01
CA VAL F 225 -6.71 38.44 0.68
C VAL F 225 -6.91 39.37 -0.51
N GLU F 226 -6.12 40.43 -0.57
CA GLU F 226 -6.20 41.39 -1.66
C GLU F 226 -5.88 40.70 -2.98
N VAL F 227 -4.80 39.90 -2.97
CA VAL F 227 -4.39 39.17 -4.15
C VAL F 227 -5.51 38.25 -4.61
N ALA F 228 -6.07 37.48 -3.68
CA ALA F 228 -7.16 36.56 -4.01
C ALA F 228 -8.36 37.27 -4.61
N LEU F 229 -8.75 38.38 -4.00
CA LEU F 229 -9.88 39.16 -4.50
C LEU F 229 -9.65 39.65 -5.92
N GLU F 230 -8.50 40.25 -6.17
CA GLU F 230 -8.17 40.76 -7.49
C GLU F 230 -8.19 39.58 -8.47
N ALA F 231 -7.60 38.47 -8.05
CA ALA F 231 -7.52 37.28 -8.89
C ALA F 231 -8.86 36.70 -9.31
N VAL F 232 -9.75 36.41 -8.35
CA VAL F 232 -11.04 35.82 -8.71
C VAL F 232 -11.85 36.68 -9.67
N LEU F 233 -11.59 37.99 -9.67
CA LEU F 233 -12.30 38.89 -10.56
C LEU F 233 -11.78 38.72 -11.98
N GLU F 234 -10.60 38.12 -12.10
CA GLU F 234 -9.97 37.89 -13.39
C GLU F 234 -10.56 36.69 -14.15
N VAL F 235 -11.24 35.80 -13.43
CA VAL F 235 -11.81 34.62 -14.07
C VAL F 235 -13.32 34.51 -13.90
#